data_4NP3
# 
_entry.id   4NP3 
# 
_audit_conform.dict_name       mmcif_pdbx.dic 
_audit_conform.dict_version    5.399 
_audit_conform.dict_location   http://mmcif.pdb.org/dictionaries/ascii/mmcif_pdbx.dic 
# 
loop_
_database_2.database_id 
_database_2.database_code 
_database_2.pdbx_database_accession 
_database_2.pdbx_DOI 
PDB   4NP3         pdb_00004np3 10.2210/pdb4np3/pdb 
RCSB  RCSB083478   ?            ?                   
WWPDB D_1000083478 ?            ?                   
# 
loop_
_pdbx_audit_revision_history.ordinal 
_pdbx_audit_revision_history.data_content_type 
_pdbx_audit_revision_history.major_revision 
_pdbx_audit_revision_history.minor_revision 
_pdbx_audit_revision_history.revision_date 
1 'Structure model' 1 0 2014-04-16 
2 'Structure model' 1 1 2024-11-27 
# 
_pdbx_audit_revision_details.ordinal             1 
_pdbx_audit_revision_details.revision_ordinal    1 
_pdbx_audit_revision_details.data_content_type   'Structure model' 
_pdbx_audit_revision_details.provider            repository 
_pdbx_audit_revision_details.type                'Initial release' 
_pdbx_audit_revision_details.description         ? 
_pdbx_audit_revision_details.details             ? 
# 
loop_
_pdbx_audit_revision_group.ordinal 
_pdbx_audit_revision_group.revision_ordinal 
_pdbx_audit_revision_group.data_content_type 
_pdbx_audit_revision_group.group 
1 2 'Structure model' 'Data collection'      
2 2 'Structure model' 'Database references'  
3 2 'Structure model' 'Derived calculations' 
4 2 'Structure model' 'Structure summary'    
# 
loop_
_pdbx_audit_revision_category.ordinal 
_pdbx_audit_revision_category.revision_ordinal 
_pdbx_audit_revision_category.data_content_type 
_pdbx_audit_revision_category.category 
1 2 'Structure model' chem_comp_atom            
2 2 'Structure model' chem_comp_bond            
3 2 'Structure model' database_2                
4 2 'Structure model' pdbx_entry_details        
5 2 'Structure model' pdbx_modification_feature 
6 2 'Structure model' struct_ref_seq_dif        
7 2 'Structure model' struct_site               
# 
loop_
_pdbx_audit_revision_item.ordinal 
_pdbx_audit_revision_item.revision_ordinal 
_pdbx_audit_revision_item.data_content_type 
_pdbx_audit_revision_item.item 
1 2 'Structure model' '_database_2.pdbx_DOI'                
2 2 'Structure model' '_database_2.pdbx_database_accession' 
3 2 'Structure model' '_struct_ref_seq_dif.details'         
4 2 'Structure model' '_struct_site.pdbx_auth_asym_id'      
5 2 'Structure model' '_struct_site.pdbx_auth_comp_id'      
6 2 'Structure model' '_struct_site.pdbx_auth_seq_id'       
# 
_pdbx_database_status.entry_id                        4NP3 
_pdbx_database_status.status_code                     REL 
_pdbx_database_status.deposit_site                    RCSB 
_pdbx_database_status.process_site                    RCSB 
_pdbx_database_status.recvd_initial_deposition_date   2013-11-20 
_pdbx_database_status.status_code_sf                  REL 
_pdbx_database_status.status_code_mr                  ? 
_pdbx_database_status.SG_entry                        ? 
_pdbx_database_status.status_code_cs                  ? 
_pdbx_database_status.methods_development_category    ? 
_pdbx_database_status.pdb_format_compatible           Y 
_pdbx_database_status.status_code_nmr_data            ? 
# 
loop_
_pdbx_database_related.db_name 
_pdbx_database_related.db_id 
_pdbx_database_related.details 
_pdbx_database_related.content_type 
PDB 4MRD . unspecified 
PDB 4MRE . unspecified 
PDB 4MRF . unspecified 
PDB 4MRG . unspecified 
PDB 4MRH . unspecified 
PDB 4NP2 . unspecified 
# 
loop_
_audit_author.name 
_audit_author.pdbx_ordinal 
'Liu, L.K.'  1 
'Finzel, B.' 2 
# 
_citation.id                        primary 
_citation.title                     
;Fragment-Based Identification of an Inducible Binding Site on Cell Surface Receptor CD44 for the Design of Protein-Carbohydrate Interaction Inhibitors.
;
_citation.journal_abbrev            J.Med.Chem. 
_citation.journal_volume            57 
_citation.page_first                2714 
_citation.page_last                 2725 
_citation.year                      2014 
_citation.journal_id_ASTM           JMCMAR 
_citation.country                   US 
_citation.journal_id_ISSN           0022-2623 
_citation.journal_id_CSD            0151 
_citation.book_publisher            ? 
_citation.pdbx_database_id_PubMed   24606063 
_citation.pdbx_database_id_DOI      10.1021/jm5000276 
# 
loop_
_citation_author.citation_id 
_citation_author.name 
_citation_author.ordinal 
_citation_author.identifier_ORCID 
primary 'Liu, L.K.'    1 ? 
primary 'Finzel, B.C.' 2 ? 
# 
loop_
_entity.id 
_entity.type 
_entity.src_method 
_entity.pdbx_description 
_entity.formula_weight 
_entity.pdbx_number_of_molecules 
_entity.pdbx_ec 
_entity.pdbx_mutation 
_entity.pdbx_fragment 
_entity.details 
1 polymer     man 'CD44 antigen'                                                                16724.604 1   ? ? 
'HYALURONAN BINDING DOMAIN, RESIDUES 23-174' ? 
2 non-polymer syn '2-[(4-methyl-1H-imidazol-5-yl)methyl]-1,2,3,4-tetrahydroisoquinolin-8-amine' 242.320   1   ? ? ? ? 
3 non-polymer syn 'DIMETHYL SULFOXIDE'                                                          78.133    1   ? ? ? ? 
4 non-polymer syn '2-(N-MORPHOLINO)-ETHANESULFONIC ACID'                                        195.237   1   ? ? ? ? 
5 non-polymer syn 'SULFATE ION'                                                                 96.063    3   ? ? ? ? 
6 water       nat water                                                                         18.015    116 ? ? ? ? 
# 
_entity_name_com.entity_id   1 
_entity_name_com.name        
;Extracellular matrix receptor III, ECMR-III, GP90 lymphocyte homing/adhesion receptor, HUTCH-I, Hermes antigen, Hyaluronate receptor, Lymphocyte antigen 24, Ly-24, Phagocytic glycoprotein 1, PGP-1, Phagocytic glycoprotein I, PGP-I
;
# 
_entity_poly.entity_id                      1 
_entity_poly.type                           'polypeptide(L)' 
_entity_poly.nstd_linkage                   no 
_entity_poly.nstd_monomer                   no 
_entity_poly.pdbx_seq_one_letter_code       
;NQIDLNVTCRYAGVFHVEKNGRYSISRTEAADLCQAFNSTLPTMDQMKLALSKGFETCRYGFIEGNVVIPRIHPNAICAA
NHTGVYILVTSNTSHYDTYCFNASAPPEEDCTSVTDLPNSFDGPVTITIVNRDGTRYSKKGEYRTHQEDI
;
_entity_poly.pdbx_seq_one_letter_code_can   
;NQIDLNVTCRYAGVFHVEKNGRYSISRTEAADLCQAFNSTLPTMDQMKLALSKGFETCRYGFIEGNVVIPRIHPNAICAA
NHTGVYILVTSNTSHYDTYCFNASAPPEEDCTSVTDLPNSFDGPVTITIVNRDGTRYSKKGEYRTHQEDI
;
_entity_poly.pdbx_strand_id                 A 
_entity_poly.pdbx_target_identifier         ? 
# 
loop_
_pdbx_entity_nonpoly.entity_id 
_pdbx_entity_nonpoly.name 
_pdbx_entity_nonpoly.comp_id 
2 '2-[(4-methyl-1H-imidazol-5-yl)methyl]-1,2,3,4-tetrahydroisoquinolin-8-amine' 2L2 
3 'DIMETHYL SULFOXIDE'                                                          DMS 
4 '2-(N-MORPHOLINO)-ETHANESULFONIC ACID'                                        MES 
5 'SULFATE ION'                                                                 SO4 
6 water                                                                         HOH 
# 
loop_
_entity_poly_seq.entity_id 
_entity_poly_seq.num 
_entity_poly_seq.mon_id 
_entity_poly_seq.hetero 
1 1   ASN n 
1 2   GLN n 
1 3   ILE n 
1 4   ASP n 
1 5   LEU n 
1 6   ASN n 
1 7   VAL n 
1 8   THR n 
1 9   CYS n 
1 10  ARG n 
1 11  TYR n 
1 12  ALA n 
1 13  GLY n 
1 14  VAL n 
1 15  PHE n 
1 16  HIS n 
1 17  VAL n 
1 18  GLU n 
1 19  LYS n 
1 20  ASN n 
1 21  GLY n 
1 22  ARG n 
1 23  TYR n 
1 24  SER n 
1 25  ILE n 
1 26  SER n 
1 27  ARG n 
1 28  THR n 
1 29  GLU n 
1 30  ALA n 
1 31  ALA n 
1 32  ASP n 
1 33  LEU n 
1 34  CYS n 
1 35  GLN n 
1 36  ALA n 
1 37  PHE n 
1 38  ASN n 
1 39  SER n 
1 40  THR n 
1 41  LEU n 
1 42  PRO n 
1 43  THR n 
1 44  MET n 
1 45  ASP n 
1 46  GLN n 
1 47  MET n 
1 48  LYS n 
1 49  LEU n 
1 50  ALA n 
1 51  LEU n 
1 52  SER n 
1 53  LYS n 
1 54  GLY n 
1 55  PHE n 
1 56  GLU n 
1 57  THR n 
1 58  CYS n 
1 59  ARG n 
1 60  TYR n 
1 61  GLY n 
1 62  PHE n 
1 63  ILE n 
1 64  GLU n 
1 65  GLY n 
1 66  ASN n 
1 67  VAL n 
1 68  VAL n 
1 69  ILE n 
1 70  PRO n 
1 71  ARG n 
1 72  ILE n 
1 73  HIS n 
1 74  PRO n 
1 75  ASN n 
1 76  ALA n 
1 77  ILE n 
1 78  CYS n 
1 79  ALA n 
1 80  ALA n 
1 81  ASN n 
1 82  HIS n 
1 83  THR n 
1 84  GLY n 
1 85  VAL n 
1 86  TYR n 
1 87  ILE n 
1 88  LEU n 
1 89  VAL n 
1 90  THR n 
1 91  SER n 
1 92  ASN n 
1 93  THR n 
1 94  SER n 
1 95  HIS n 
1 96  TYR n 
1 97  ASP n 
1 98  THR n 
1 99  TYR n 
1 100 CYS n 
1 101 PHE n 
1 102 ASN n 
1 103 ALA n 
1 104 SER n 
1 105 ALA n 
1 106 PRO n 
1 107 PRO n 
1 108 GLU n 
1 109 GLU n 
1 110 ASP n 
1 111 CYS n 
1 112 THR n 
1 113 SER n 
1 114 VAL n 
1 115 THR n 
1 116 ASP n 
1 117 LEU n 
1 118 PRO n 
1 119 ASN n 
1 120 SER n 
1 121 PHE n 
1 122 ASP n 
1 123 GLY n 
1 124 PRO n 
1 125 VAL n 
1 126 THR n 
1 127 ILE n 
1 128 THR n 
1 129 ILE n 
1 130 VAL n 
1 131 ASN n 
1 132 ARG n 
1 133 ASP n 
1 134 GLY n 
1 135 THR n 
1 136 ARG n 
1 137 TYR n 
1 138 SER n 
1 139 LYS n 
1 140 LYS n 
1 141 GLY n 
1 142 GLU n 
1 143 TYR n 
1 144 ARG n 
1 145 THR n 
1 146 HIS n 
1 147 GLN n 
1 148 GLU n 
1 149 ASP n 
1 150 ILE n 
# 
_entity_src_gen.entity_id                          1 
_entity_src_gen.pdbx_src_id                        1 
_entity_src_gen.pdbx_alt_source_flag               sample 
_entity_src_gen.pdbx_seq_type                      ? 
_entity_src_gen.pdbx_beg_seq_num                   ? 
_entity_src_gen.pdbx_end_seq_num                   ? 
_entity_src_gen.gene_src_common_name               mouse 
_entity_src_gen.gene_src_genus                     ? 
_entity_src_gen.pdbx_gene_src_gene                 'Cd44, Cd44 Ly-24, Ly-24' 
_entity_src_gen.gene_src_species                   ? 
_entity_src_gen.gene_src_strain                    ? 
_entity_src_gen.gene_src_tissue                    ? 
_entity_src_gen.gene_src_tissue_fraction           ? 
_entity_src_gen.gene_src_details                   ? 
_entity_src_gen.pdbx_gene_src_fragment             ? 
_entity_src_gen.pdbx_gene_src_scientific_name      'Mus musculus' 
_entity_src_gen.pdbx_gene_src_ncbi_taxonomy_id     10090 
_entity_src_gen.pdbx_gene_src_variant              ? 
_entity_src_gen.pdbx_gene_src_cell_line            ? 
_entity_src_gen.pdbx_gene_src_atcc                 ? 
_entity_src_gen.pdbx_gene_src_organ                ? 
_entity_src_gen.pdbx_gene_src_organelle            ? 
_entity_src_gen.pdbx_gene_src_cell                 ? 
_entity_src_gen.pdbx_gene_src_cellular_location    ? 
_entity_src_gen.host_org_common_name               ? 
_entity_src_gen.pdbx_host_org_scientific_name      'Escherichia coli' 
_entity_src_gen.pdbx_host_org_ncbi_taxonomy_id     469008 
_entity_src_gen.host_org_genus                     ? 
_entity_src_gen.pdbx_host_org_gene                 ? 
_entity_src_gen.pdbx_host_org_organ                ? 
_entity_src_gen.host_org_species                   ? 
_entity_src_gen.pdbx_host_org_tissue               ? 
_entity_src_gen.pdbx_host_org_tissue_fraction      ? 
_entity_src_gen.pdbx_host_org_strain               'BL21(DE3)' 
_entity_src_gen.pdbx_host_org_variant              ? 
_entity_src_gen.pdbx_host_org_cell_line            ? 
_entity_src_gen.pdbx_host_org_atcc                 ? 
_entity_src_gen.pdbx_host_org_culture_collection   ? 
_entity_src_gen.pdbx_host_org_cell                 ? 
_entity_src_gen.pdbx_host_org_organelle            ? 
_entity_src_gen.pdbx_host_org_cellular_location    ? 
_entity_src_gen.pdbx_host_org_vector_type          plasmid 
_entity_src_gen.pdbx_host_org_vector               ? 
_entity_src_gen.host_org_details                   ? 
_entity_src_gen.expression_system_id               ? 
_entity_src_gen.plasmid_name                       pMCSG7 
_entity_src_gen.plasmid_details                    ? 
_entity_src_gen.pdbx_description                   ? 
# 
loop_
_chem_comp.id 
_chem_comp.type 
_chem_comp.mon_nstd_flag 
_chem_comp.name 
_chem_comp.pdbx_synonyms 
_chem_comp.formula 
_chem_comp.formula_weight 
2L2 non-polymer         . '2-[(4-methyl-1H-imidazol-5-yl)methyl]-1,2,3,4-tetrahydroisoquinolin-8-amine' ? 'C14 H18 N4'     242.320 
ALA 'L-peptide linking' y ALANINE                                                                       ? 'C3 H7 N O2'     89.093  
ARG 'L-peptide linking' y ARGININE                                                                      ? 'C6 H15 N4 O2 1' 175.209 
ASN 'L-peptide linking' y ASPARAGINE                                                                    ? 'C4 H8 N2 O3'    132.118 
ASP 'L-peptide linking' y 'ASPARTIC ACID'                                                               ? 'C4 H7 N O4'     133.103 
CYS 'L-peptide linking' y CYSTEINE                                                                      ? 'C3 H7 N O2 S'   121.158 
DMS non-polymer         . 'DIMETHYL SULFOXIDE'                                                          ? 'C2 H6 O S'      78.133  
GLN 'L-peptide linking' y GLUTAMINE                                                                     ? 'C5 H10 N2 O3'   146.144 
GLU 'L-peptide linking' y 'GLUTAMIC ACID'                                                               ? 'C5 H9 N O4'     147.129 
GLY 'peptide linking'   y GLYCINE                                                                       ? 'C2 H5 N O2'     75.067  
HIS 'L-peptide linking' y HISTIDINE                                                                     ? 'C6 H10 N3 O2 1' 156.162 
HOH non-polymer         . WATER                                                                         ? 'H2 O'           18.015  
ILE 'L-peptide linking' y ISOLEUCINE                                                                    ? 'C6 H13 N O2'    131.173 
LEU 'L-peptide linking' y LEUCINE                                                                       ? 'C6 H13 N O2'    131.173 
LYS 'L-peptide linking' y LYSINE                                                                        ? 'C6 H15 N2 O2 1' 147.195 
MES non-polymer         . '2-(N-MORPHOLINO)-ETHANESULFONIC ACID'                                        ? 'C6 H13 N O4 S'  195.237 
MET 'L-peptide linking' y METHIONINE                                                                    ? 'C5 H11 N O2 S'  149.211 
PHE 'L-peptide linking' y PHENYLALANINE                                                                 ? 'C9 H11 N O2'    165.189 
PRO 'L-peptide linking' y PROLINE                                                                       ? 'C5 H9 N O2'     115.130 
SER 'L-peptide linking' y SERINE                                                                        ? 'C3 H7 N O3'     105.093 
SO4 non-polymer         . 'SULFATE ION'                                                                 ? 'O4 S -2'        96.063  
THR 'L-peptide linking' y THREONINE                                                                     ? 'C4 H9 N O3'     119.119 
TYR 'L-peptide linking' y TYROSINE                                                                      ? 'C9 H11 N O3'    181.189 
VAL 'L-peptide linking' y VALINE                                                                        ? 'C5 H11 N O2'    117.146 
# 
loop_
_pdbx_poly_seq_scheme.asym_id 
_pdbx_poly_seq_scheme.entity_id 
_pdbx_poly_seq_scheme.seq_id 
_pdbx_poly_seq_scheme.mon_id 
_pdbx_poly_seq_scheme.ndb_seq_num 
_pdbx_poly_seq_scheme.pdb_seq_num 
_pdbx_poly_seq_scheme.auth_seq_num 
_pdbx_poly_seq_scheme.pdb_mon_id 
_pdbx_poly_seq_scheme.auth_mon_id 
_pdbx_poly_seq_scheme.pdb_strand_id 
_pdbx_poly_seq_scheme.pdb_ins_code 
_pdbx_poly_seq_scheme.hetero 
A 1 1   ASN 1   24  24  ASN ASN A . n 
A 1 2   GLN 2   25  25  GLN GLN A . n 
A 1 3   ILE 3   26  26  ILE ILE A . n 
A 1 4   ASP 4   27  27  ASP ASP A . n 
A 1 5   LEU 5   28  28  LEU LEU A . n 
A 1 6   ASN 6   29  29  ASN ASN A . n 
A 1 7   VAL 7   30  30  VAL VAL A . n 
A 1 8   THR 8   31  31  THR THR A . n 
A 1 9   CYS 9   32  32  CYS CYS A . n 
A 1 10  ARG 10  33  33  ARG ARG A . n 
A 1 11  TYR 11  34  34  TYR TYR A . n 
A 1 12  ALA 12  35  35  ALA ALA A . n 
A 1 13  GLY 13  36  36  GLY GLY A . n 
A 1 14  VAL 14  37  37  VAL VAL A . n 
A 1 15  PHE 15  38  38  PHE PHE A . n 
A 1 16  HIS 16  39  39  HIS HIS A . n 
A 1 17  VAL 17  40  40  VAL VAL A . n 
A 1 18  GLU 18  41  41  GLU GLU A . n 
A 1 19  LYS 19  42  42  LYS LYS A . n 
A 1 20  ASN 20  43  43  ASN ASN A . n 
A 1 21  GLY 21  44  44  GLY GLY A . n 
A 1 22  ARG 22  45  45  ARG ARG A . n 
A 1 23  TYR 23  46  46  TYR TYR A . n 
A 1 24  SER 24  47  47  SER SER A . n 
A 1 25  ILE 25  48  48  ILE ILE A . n 
A 1 26  SER 26  49  49  SER SER A . n 
A 1 27  ARG 27  50  50  ARG ARG A . n 
A 1 28  THR 28  51  51  THR THR A . n 
A 1 29  GLU 29  52  52  GLU GLU A . n 
A 1 30  ALA 30  53  53  ALA ALA A . n 
A 1 31  ALA 31  54  54  ALA ALA A . n 
A 1 32  ASP 32  55  55  ASP ASP A . n 
A 1 33  LEU 33  56  56  LEU LEU A . n 
A 1 34  CYS 34  57  57  CYS CYS A . n 
A 1 35  GLN 35  58  58  GLN GLN A . n 
A 1 36  ALA 36  59  59  ALA ALA A . n 
A 1 37  PHE 37  60  60  PHE PHE A . n 
A 1 38  ASN 38  61  61  ASN ASN A . n 
A 1 39  SER 39  62  62  SER SER A . n 
A 1 40  THR 40  63  63  THR THR A . n 
A 1 41  LEU 41  64  64  LEU LEU A . n 
A 1 42  PRO 42  65  65  PRO PRO A . n 
A 1 43  THR 43  66  66  THR THR A . n 
A 1 44  MET 44  67  67  MET MET A . n 
A 1 45  ASP 45  68  68  ASP ASP A . n 
A 1 46  GLN 46  69  69  GLN GLN A . n 
A 1 47  MET 47  70  70  MET MET A . n 
A 1 48  LYS 48  71  71  LYS LYS A . n 
A 1 49  LEU 49  72  72  LEU LEU A . n 
A 1 50  ALA 50  73  73  ALA ALA A . n 
A 1 51  LEU 51  74  74  LEU LEU A . n 
A 1 52  SER 52  75  75  SER SER A . n 
A 1 53  LYS 53  76  76  LYS LYS A . n 
A 1 54  GLY 54  77  77  GLY GLY A . n 
A 1 55  PHE 55  78  78  PHE PHE A . n 
A 1 56  GLU 56  79  79  GLU GLU A . n 
A 1 57  THR 57  80  80  THR THR A . n 
A 1 58  CYS 58  81  81  CYS CYS A . n 
A 1 59  ARG 59  82  82  ARG ARG A . n 
A 1 60  TYR 60  83  83  TYR TYR A . n 
A 1 61  GLY 61  84  84  GLY GLY A . n 
A 1 62  PHE 62  85  85  PHE PHE A . n 
A 1 63  ILE 63  86  86  ILE ILE A . n 
A 1 64  GLU 64  87  87  GLU GLU A . n 
A 1 65  GLY 65  88  88  GLY GLY A . n 
A 1 66  ASN 66  89  89  ASN ASN A . n 
A 1 67  VAL 67  90  90  VAL VAL A . n 
A 1 68  VAL 68  91  91  VAL VAL A . n 
A 1 69  ILE 69  92  92  ILE ILE A . n 
A 1 70  PRO 70  93  93  PRO PRO A . n 
A 1 71  ARG 71  94  94  ARG ARG A . n 
A 1 72  ILE 72  95  95  ILE ILE A . n 
A 1 73  HIS 73  96  96  HIS HIS A . n 
A 1 74  PRO 74  97  97  PRO PRO A . n 
A 1 75  ASN 75  98  98  ASN ASN A . n 
A 1 76  ALA 76  99  99  ALA ALA A . n 
A 1 77  ILE 77  100 100 ILE ILE A . n 
A 1 78  CYS 78  101 101 CYS CYS A . n 
A 1 79  ALA 79  102 102 ALA ALA A . n 
A 1 80  ALA 80  103 103 ALA ALA A . n 
A 1 81  ASN 81  104 104 ASN ASN A . n 
A 1 82  HIS 82  105 105 HIS HIS A . n 
A 1 83  THR 83  106 106 THR THR A . n 
A 1 84  GLY 84  107 107 GLY GLY A . n 
A 1 85  VAL 85  108 108 VAL VAL A . n 
A 1 86  TYR 86  109 109 TYR TYR A . n 
A 1 87  ILE 87  110 110 ILE ILE A . n 
A 1 88  LEU 88  111 111 LEU LEU A . n 
A 1 89  VAL 89  112 112 VAL VAL A . n 
A 1 90  THR 90  113 113 THR THR A . n 
A 1 91  SER 91  114 114 SER SER A . n 
A 1 92  ASN 92  115 115 ASN ASN A . n 
A 1 93  THR 93  116 116 THR THR A . n 
A 1 94  SER 94  117 117 SER SER A . n 
A 1 95  HIS 95  118 118 HIS HIS A . n 
A 1 96  TYR 96  119 119 TYR TYR A . n 
A 1 97  ASP 97  120 120 ASP ASP A . n 
A 1 98  THR 98  121 121 THR THR A . n 
A 1 99  TYR 99  122 122 TYR TYR A . n 
A 1 100 CYS 100 123 123 CYS CYS A . n 
A 1 101 PHE 101 124 124 PHE PHE A . n 
A 1 102 ASN 102 125 125 ASN ASN A . n 
A 1 103 ALA 103 126 126 ALA ALA A . n 
A 1 104 SER 104 127 127 SER SER A . n 
A 1 105 ALA 105 128 128 ALA ALA A . n 
A 1 106 PRO 106 129 129 PRO PRO A . n 
A 1 107 PRO 107 130 130 PRO PRO A . n 
A 1 108 GLU 108 131 131 GLU GLU A . n 
A 1 109 GLU 109 132 132 GLU GLU A . n 
A 1 110 ASP 110 133 133 ASP ASP A . n 
A 1 111 CYS 111 134 134 CYS CYS A . n 
A 1 112 THR 112 135 135 THR THR A . n 
A 1 113 SER 113 136 136 SER SER A . n 
A 1 114 VAL 114 137 137 VAL VAL A . n 
A 1 115 THR 115 138 138 THR THR A . n 
A 1 116 ASP 116 139 139 ASP ASP A . n 
A 1 117 LEU 117 140 140 LEU LEU A . n 
A 1 118 PRO 118 141 141 PRO PRO A . n 
A 1 119 ASN 119 142 142 ASN ASN A . n 
A 1 120 SER 120 143 143 SER SER A . n 
A 1 121 PHE 121 144 144 PHE PHE A . n 
A 1 122 ASP 122 145 145 ASP ASP A . n 
A 1 123 GLY 123 146 146 GLY GLY A . n 
A 1 124 PRO 124 147 147 PRO PRO A . n 
A 1 125 VAL 125 148 148 VAL VAL A . n 
A 1 126 THR 126 149 149 THR THR A . n 
A 1 127 ILE 127 150 150 ILE ILE A . n 
A 1 128 THR 128 151 151 THR THR A . n 
A 1 129 ILE 129 152 152 ILE ILE A . n 
A 1 130 VAL 130 153 153 VAL VAL A . n 
A 1 131 ASN 131 154 154 ASN ASN A . n 
A 1 132 ARG 132 155 155 ARG ARG A . n 
A 1 133 ASP 133 156 156 ASP ASP A . n 
A 1 134 GLY 134 157 157 GLY GLY A . n 
A 1 135 THR 135 158 158 THR THR A . n 
A 1 136 ARG 136 159 159 ARG ARG A . n 
A 1 137 TYR 137 160 160 TYR TYR A . n 
A 1 138 SER 138 161 161 SER SER A . n 
A 1 139 LYS 139 162 162 LYS LYS A . n 
A 1 140 LYS 140 163 163 LYS LYS A . n 
A 1 141 GLY 141 164 164 GLY GLY A . n 
A 1 142 GLU 142 165 165 GLU GLU A . n 
A 1 143 TYR 143 166 166 TYR TYR A . n 
A 1 144 ARG 144 167 167 ARG ARG A . n 
A 1 145 THR 145 168 168 THR THR A . n 
A 1 146 HIS 146 169 169 HIS HIS A . n 
A 1 147 GLN 147 170 170 GLN GLN A . n 
A 1 148 GLU 148 171 171 GLU GLU A . n 
A 1 149 ASP 149 172 172 ASP ASP A . n 
A 1 150 ILE 150 173 173 ILE ILE A . n 
# 
loop_
_pdbx_nonpoly_scheme.asym_id 
_pdbx_nonpoly_scheme.entity_id 
_pdbx_nonpoly_scheme.mon_id 
_pdbx_nonpoly_scheme.ndb_seq_num 
_pdbx_nonpoly_scheme.pdb_seq_num 
_pdbx_nonpoly_scheme.auth_seq_num 
_pdbx_nonpoly_scheme.pdb_mon_id 
_pdbx_nonpoly_scheme.auth_mon_id 
_pdbx_nonpoly_scheme.pdb_strand_id 
_pdbx_nonpoly_scheme.pdb_ins_code 
B 2 2L2 1   201 1   2L2 DRG A . 
C 3 DMS 1   202 1   DMS DMS A . 
D 4 MES 1   203 1   MES MES A . 
E 5 SO4 1   204 1   SO4 SO4 A . 
F 5 SO4 1   205 2   SO4 SO4 A . 
G 5 SO4 1   206 3   SO4 SO4 A . 
H 6 HOH 1   301 1   HOH HOH A . 
H 6 HOH 2   302 2   HOH HOH A . 
H 6 HOH 3   303 3   HOH HOH A . 
H 6 HOH 4   304 4   HOH HOH A . 
H 6 HOH 5   305 5   HOH HOH A . 
H 6 HOH 6   306 6   HOH HOH A . 
H 6 HOH 7   307 7   HOH HOH A . 
H 6 HOH 8   308 8   HOH HOH A . 
H 6 HOH 9   309 9   HOH HOH A . 
H 6 HOH 10  310 10  HOH HOH A . 
H 6 HOH 11  311 11  HOH HOH A . 
H 6 HOH 12  312 12  HOH HOH A . 
H 6 HOH 13  313 13  HOH HOH A . 
H 6 HOH 14  314 14  HOH HOH A . 
H 6 HOH 15  315 15  HOH HOH A . 
H 6 HOH 16  316 16  HOH HOH A . 
H 6 HOH 17  317 17  HOH HOH A . 
H 6 HOH 18  318 18  HOH HOH A . 
H 6 HOH 19  319 19  HOH HOH A . 
H 6 HOH 20  320 20  HOH HOH A . 
H 6 HOH 21  321 21  HOH HOH A . 
H 6 HOH 22  322 22  HOH HOH A . 
H 6 HOH 23  323 23  HOH HOH A . 
H 6 HOH 24  324 24  HOH HOH A . 
H 6 HOH 25  325 25  HOH HOH A . 
H 6 HOH 26  326 26  HOH HOH A . 
H 6 HOH 27  327 27  HOH HOH A . 
H 6 HOH 28  328 28  HOH HOH A . 
H 6 HOH 29  329 29  HOH HOH A . 
H 6 HOH 30  330 30  HOH HOH A . 
H 6 HOH 31  331 31  HOH HOH A . 
H 6 HOH 32  332 32  HOH HOH A . 
H 6 HOH 33  333 33  HOH HOH A . 
H 6 HOH 34  334 34  HOH HOH A . 
H 6 HOH 35  335 35  HOH HOH A . 
H 6 HOH 36  336 36  HOH HOH A . 
H 6 HOH 37  337 37  HOH HOH A . 
H 6 HOH 38  338 38  HOH HOH A . 
H 6 HOH 39  339 39  HOH HOH A . 
H 6 HOH 40  340 40  HOH HOH A . 
H 6 HOH 41  341 41  HOH HOH A . 
H 6 HOH 42  342 42  HOH HOH A . 
H 6 HOH 43  343 43  HOH HOH A . 
H 6 HOH 44  344 44  HOH HOH A . 
H 6 HOH 45  345 45  HOH HOH A . 
H 6 HOH 46  346 46  HOH HOH A . 
H 6 HOH 47  347 47  HOH HOH A . 
H 6 HOH 48  348 48  HOH HOH A . 
H 6 HOH 49  349 49  HOH HOH A . 
H 6 HOH 50  350 50  HOH HOH A . 
H 6 HOH 51  351 51  HOH HOH A . 
H 6 HOH 52  352 52  HOH HOH A . 
H 6 HOH 53  353 53  HOH HOH A . 
H 6 HOH 54  354 54  HOH HOH A . 
H 6 HOH 55  355 55  HOH HOH A . 
H 6 HOH 56  356 56  HOH HOH A . 
H 6 HOH 57  357 57  HOH HOH A . 
H 6 HOH 58  358 58  HOH HOH A . 
H 6 HOH 59  359 59  HOH HOH A . 
H 6 HOH 60  360 60  HOH HOH A . 
H 6 HOH 61  361 61  HOH HOH A . 
H 6 HOH 62  362 62  HOH HOH A . 
H 6 HOH 63  363 63  HOH HOH A . 
H 6 HOH 64  364 64  HOH HOH A . 
H 6 HOH 65  365 65  HOH HOH A . 
H 6 HOH 66  366 66  HOH HOH A . 
H 6 HOH 67  367 67  HOH HOH A . 
H 6 HOH 68  368 68  HOH HOH A . 
H 6 HOH 69  369 69  HOH HOH A . 
H 6 HOH 70  370 70  HOH HOH A . 
H 6 HOH 71  371 71  HOH HOH A . 
H 6 HOH 72  372 72  HOH HOH A . 
H 6 HOH 73  373 73  HOH HOH A . 
H 6 HOH 74  374 74  HOH HOH A . 
H 6 HOH 75  375 75  HOH HOH A . 
H 6 HOH 76  376 76  HOH HOH A . 
H 6 HOH 77  377 77  HOH HOH A . 
H 6 HOH 78  378 78  HOH HOH A . 
H 6 HOH 79  379 79  HOH HOH A . 
H 6 HOH 80  380 80  HOH HOH A . 
H 6 HOH 81  381 81  HOH HOH A . 
H 6 HOH 82  382 82  HOH HOH A . 
H 6 HOH 83  383 83  HOH HOH A . 
H 6 HOH 84  384 84  HOH HOH A . 
H 6 HOH 85  385 85  HOH HOH A . 
H 6 HOH 86  386 86  HOH HOH A . 
H 6 HOH 87  387 87  HOH HOH A . 
H 6 HOH 88  388 88  HOH HOH A . 
H 6 HOH 89  389 89  HOH HOH A . 
H 6 HOH 90  390 90  HOH HOH A . 
H 6 HOH 91  391 91  HOH HOH A . 
H 6 HOH 92  392 92  HOH HOH A . 
H 6 HOH 93  393 93  HOH HOH A . 
H 6 HOH 94  394 94  HOH HOH A . 
H 6 HOH 95  395 95  HOH HOH A . 
H 6 HOH 96  396 96  HOH HOH A . 
H 6 HOH 97  397 97  HOH HOH A . 
H 6 HOH 98  398 98  HOH HOH A . 
H 6 HOH 99  399 99  HOH HOH A . 
H 6 HOH 100 400 100 HOH HOH A . 
H 6 HOH 101 401 101 HOH HOH A . 
H 6 HOH 102 402 102 HOH HOH A . 
H 6 HOH 103 403 103 HOH HOH A . 
H 6 HOH 104 404 104 HOH HOH A . 
H 6 HOH 105 405 105 HOH HOH A . 
H 6 HOH 106 406 106 HOH HOH A . 
H 6 HOH 107 407 107 HOH HOH A . 
H 6 HOH 108 408 108 HOH HOH A . 
H 6 HOH 109 409 109 HOH HOH A . 
H 6 HOH 110 410 110 HOH HOH A . 
H 6 HOH 111 411 111 HOH HOH A . 
H 6 HOH 112 412 112 HOH HOH A . 
H 6 HOH 113 413 113 HOH HOH A . 
H 6 HOH 114 414 114 HOH HOH A . 
H 6 HOH 115 415 115 HOH HOH A . 
H 6 HOH 116 416 116 HOH HOH A . 
# 
loop_
_software.pdbx_ordinal 
_software.name 
_software.version 
_software.date 
_software.type 
_software.contact_author 
_software.contact_author_email 
_software.classification 
_software.location 
_software.language 
_software.citation_id 
1 d*TREK       9.9.9.4L 'Jul 22 2011'              package 'Jim W. Pflugrath'   Jim.Pflugrath@Rigaku.com    'data scaling'    
http://www.rigaku.com/software/dtrek.html    ?          ? 
2 d*TREK       9.9.9.4L 'Jul 22 2011'              package 'Jim W. Pflugrath'   Jim.Pflugrath@Rigaku.com    'data reduction'  
http://www.rigaku.com/software/dtrek.html    ?          ? 
3 PHASER       2.1.4    'Wed Jun 16 18:01:28 2010' program 'Randy J. Read'      cimr-phaser@lists.cam.ac.uk phasing           
http://www-structmed.cimr.cam.ac.uk/phaser/  ?          ? 
4 REFMAC       .        ?                          program 'Garib N. Murshudov' garib@ysbl.york.ac.uk       refinement        
http://www.ccp4.ac.uk/dist/html/refmac5.html Fortran_77 ? 
5 PDB_EXTRACT  3.11     'April 22, 2011'           package PDB                  deposit@deposit.rcsb.org    'data extraction' 
http://sw-tools.pdb.org/apps/PDB_EXTRACT/    C++        ? 
6 CrystalClear .        ?                          ?       ?                    ?                           'data collection' ? ? 
? 
# 
_cell.length_a           31.000 
_cell.length_b           82.000 
_cell.length_c           32.000 
_cell.angle_alpha        90.000 
_cell.angle_beta         118.000 
_cell.angle_gamma        90.000 
_cell.entry_id           4NP3 
_cell.pdbx_unique_axis   ? 
_cell.Z_PDB              2 
_cell.length_a_esd       ? 
_cell.length_b_esd       ? 
_cell.length_c_esd       ? 
_cell.angle_alpha_esd    ? 
_cell.angle_beta_esd     ? 
_cell.angle_gamma_esd    ? 
# 
_symmetry.space_group_name_H-M             'P 1 21 1' 
_symmetry.entry_id                         4NP3 
_symmetry.Int_Tables_number                4 
_symmetry.pdbx_full_space_group_name_H-M   ? 
_symmetry.cell_setting                     ? 
_symmetry.space_group_name_Hall            ? 
# 
_exptl.crystals_number   1 
_exptl.entry_id          4NP3 
_exptl.method            'X-RAY DIFFRACTION' 
# 
_exptl_crystal.id                    1 
_exptl_crystal.density_Matthews      2.15 
_exptl_crystal.density_meas          ? 
_exptl_crystal.density_percent_sol   42.72 
_exptl_crystal.description           ? 
_exptl_crystal.F_000                 ? 
_exptl_crystal.preparation           ? 
# 
_exptl_crystal_grow.crystal_id      1 
_exptl_crystal_grow.method          'VAPOR DIFFUSION, HANGING DROP' 
_exptl_crystal_grow.pH              6.5 
_exptl_crystal_grow.temp            298 
_exptl_crystal_grow.pdbx_details    'PEG MME 5000, MES, (NH4)2SO4, pH 6.5, VAPOR DIFFUSION, HANGING DROP, temperature 298K' 
_exptl_crystal_grow.temp_details    ? 
_exptl_crystal_grow.pdbx_pH_range   ? 
# 
_diffrn.id                     1 
_diffrn.ambient_temp           100 
_diffrn.ambient_temp_details   ? 
_diffrn.crystal_id             1 
# 
_diffrn_detector.diffrn_id              1 
_diffrn_detector.detector               CCD 
_diffrn_detector.type                   NOIR-1 
_diffrn_detector.pdbx_collection_date   2013-07-10 
_diffrn_detector.details                mirrors 
# 
_diffrn_radiation.diffrn_id                        1 
_diffrn_radiation.pdbx_diffrn_protocol             'SINGLE WAVELENGTH' 
_diffrn_radiation.monochromator                    'double crystal' 
_diffrn_radiation.wavelength_id                    1 
_diffrn_radiation.pdbx_monochromatic_or_laue_m_l   M 
_diffrn_radiation.pdbx_scattering_type             x-ray 
# 
_diffrn_radiation_wavelength.id           1 
_diffrn_radiation_wavelength.wavelength   1.000 
_diffrn_radiation_wavelength.wt           1.0 
# 
_diffrn_source.diffrn_id                   1 
_diffrn_source.source                      SYNCHROTRON 
_diffrn_source.type                        'ALS BEAMLINE 4.2.2' 
_diffrn_source.pdbx_wavelength_list        1.000 
_diffrn_source.pdbx_wavelength             ? 
_diffrn_source.pdbx_synchrotron_site       ALS 
_diffrn_source.pdbx_synchrotron_beamline   4.2.2 
# 
_reflns.entry_id                     4NP3 
_reflns.d_resolution_high            1.610 
_reflns.d_resolution_low             41.000 
_reflns.number_obs                   18267 
_reflns.pdbx_scaling_rejects         520 
_reflns.pdbx_Rmerge_I_obs            0.069 
_reflns.pdbx_netI_over_sigmaI        11.2 
_reflns.pdbx_chi_squared             1.160 
_reflns.pdbx_redundancy              3.760 
_reflns.percent_possible_obs         99.7 
_reflns.observed_criterion_sigma_F   ? 
_reflns.observed_criterion_sigma_I   ? 
_reflns.number_all                   68726 
_reflns.pdbx_Rsym_value              0.081 
_reflns.B_iso_Wilson_estimate        22.4 
_reflns.R_free_details               ? 
_reflns.limit_h_max                  ? 
_reflns.limit_h_min                  ? 
_reflns.limit_k_max                  ? 
_reflns.limit_k_min                  ? 
_reflns.limit_l_max                  ? 
_reflns.limit_l_min                  ? 
_reflns.observed_criterion_F_max     ? 
_reflns.observed_criterion_F_min     ? 
_reflns.pdbx_ordinal                 1 
_reflns.pdbx_diffrn_id               1 
# 
loop_
_reflns_shell.d_res_high 
_reflns_shell.d_res_low 
_reflns_shell.number_measured_obs 
_reflns_shell.number_measured_all 
_reflns_shell.number_unique_obs 
_reflns_shell.Rmerge_I_obs 
_reflns_shell.meanI_over_sigI_obs 
_reflns_shell.pdbx_Rsym_value 
_reflns_shell.pdbx_chi_squared 
_reflns_shell.pdbx_redundancy 
_reflns_shell.percent_possible_obs 
_reflns_shell.number_unique_all 
_reflns_shell.percent_possible_all 
_reflns_shell.pdbx_ordinal 
_reflns_shell.pdbx_diffrn_id 
1.610 1.670  ? 6581 ? 0.269 4.300  ? 1.470 3.660 ? 1790 100.000 1  1 
1.670 1.730  ? 6883 ? 0.264 4.300  ? 1.430 3.710 ? 1847 99.900  2  1 
1.730 1.810  ? 6892 ? 0.232 4.900  ? 1.340 3.740 ? 1835 99.900  3  1 
1.810 1.910  ? 6812 ? 0.190 5.900  ? 1.270 3.740 ? 1807 99.900  4  1 
1.910 2.030  ? 6927 ? 0.149 7.400  ? 1.210 3.770 ? 1825 99.700  5  1 
2.030 2.190  ? 6964 ? 0.120 9.300  ? 1.070 3.770 ? 1827 99.700  6  1 
2.190 2.400  ? 6939 ? 0.096 11.600 ? 0.970 3.800 ? 1803 99.300  7  1 
2.400 2.750  ? 7099 ? 0.087 13.700 ? 0.980 3.810 ? 1846 99.600  8  1 
2.750 3.470  ? 7055 ? 0.050 22.000 ? 0.920 3.820 ? 1826 99.600  9  1 
3.470 40.920 ? 7094 ? 0.046 27.400 ? 0.990 3.790 ? 1861 99.700  10 1 
# 
_refine.entry_id                                 4NP3 
_refine.ls_d_res_high                            1.610 
_refine.ls_d_res_low                             41.000 
_refine.pdbx_ls_sigma_F                          0.000 
_refine.pdbx_data_cutoff_high_absF               ? 
_refine.pdbx_data_cutoff_low_absF                ? 
_refine.ls_percent_reflns_obs                    99.46 
_refine.ls_number_reflns_obs                     18127 
_refine.ls_number_reflns_all                     ? 
_refine.pdbx_ls_cross_valid_method               THROUGHOUT 
_refine.pdbx_R_Free_selection_details            RANDOM 
_refine.details                                  
'HYDROGENS HAVE BEEN ADDED IN THE RIDING POSITIONS U VALUES      : REFINED INDIVIDUALLY' 
_refine.ls_R_factor_all                          ? 
_refine.ls_R_factor_obs                          0.1795 
_refine.ls_R_factor_R_work                       0.1771 
_refine.ls_wR_factor_R_work                      0.1952 
_refine.ls_R_factor_R_free                       0.2246 
_refine.ls_wR_factor_R_free                      0.2423 
_refine.ls_percent_reflns_R_free                 5.1000 
_refine.ls_number_reflns_R_free                  927 
_refine.ls_R_factor_R_free_error                 ? 
_refine.B_iso_mean                               13.2889 
_refine.solvent_model_param_bsol                 ? 
_refine.solvent_model_param_ksol                 ? 
_refine.pdbx_isotropic_thermal_model             ? 
_refine.aniso_B[1][1]                            -0.2400 
_refine.aniso_B[2][2]                            0.1600 
_refine.aniso_B[3][3]                            -0.0100 
_refine.aniso_B[1][2]                            0.0000 
_refine.aniso_B[1][3]                            -0.1000 
_refine.aniso_B[2][3]                            0.0000 
_refine.correlation_coeff_Fo_to_Fc               0.9580 
_refine.correlation_coeff_Fo_to_Fc_free          0.9260 
_refine.overall_SU_R_Cruickshank_DPI             0.1012 
_refine.overall_SU_R_free                        0.1053 
_refine.pdbx_overall_ESU_R                       0.1010 
_refine.pdbx_overall_ESU_R_Free                  0.1050 
_refine.overall_SU_ML                            0.0650 
_refine.overall_SU_B                             1.8410 
_refine.solvent_model_details                    MASK 
_refine.pdbx_solvent_vdw_probe_radii             1.4000 
_refine.pdbx_solvent_ion_probe_radii             0.8000 
_refine.pdbx_solvent_shrinkage_radii             0.8000 
_refine.ls_number_parameters                     ? 
_refine.ls_number_restraints                     ? 
_refine.pdbx_starting_model                      ? 
_refine.pdbx_method_to_determine_struct          'MOLECULAR REPLACEMENT' 
_refine.pdbx_stereochemistry_target_values       'MAXIMUM LIKELIHOOD' 
_refine.pdbx_stereochem_target_val_spec_case     ? 
_refine.overall_FOM_work_R_set                   0.8417 
_refine.B_iso_max                                52.630 
_refine.B_iso_min                                5.290 
_refine.pdbx_overall_phase_error                 ? 
_refine.occupancy_max                            1.000 
_refine.occupancy_min                            0.500 
_refine.pdbx_ls_sigma_I                          ? 
_refine.ls_redundancy_reflns_obs                 ? 
_refine.ls_R_factor_R_free_error_details         ? 
_refine.pdbx_data_cutoff_high_rms_absF           ? 
_refine.overall_FOM_free_R_set                   ? 
_refine.pdbx_diffrn_id                           1 
_refine.pdbx_refine_id                           'X-RAY DIFFRACTION' 
_refine.pdbx_TLS_residual_ADP_flag               ? 
_refine.pdbx_overall_SU_R_free_Cruickshank_DPI   ? 
_refine.pdbx_overall_SU_R_Blow_DPI               ? 
_refine.pdbx_overall_SU_R_free_Blow_DPI          ? 
# 
_refine_hist.pdbx_refine_id                   'X-RAY DIFFRACTION' 
_refine_hist.cycle_id                         LAST 
_refine_hist.pdbx_number_atoms_protein        1171 
_refine_hist.pdbx_number_atoms_nucleic_acid   0 
_refine_hist.pdbx_number_atoms_ligand         49 
_refine_hist.number_atoms_solvent             116 
_refine_hist.number_atoms_total               1336 
_refine_hist.d_res_high                       1.610 
_refine_hist.d_res_low                        41.000 
# 
loop_
_refine_ls_restr.type 
_refine_ls_restr.number 
_refine_ls_restr.dev_ideal 
_refine_ls_restr.dev_ideal_target 
_refine_ls_restr.weight 
_refine_ls_restr.pdbx_restraint_function 
_refine_ls_restr.pdbx_refine_id 
r_bond_refined_d       1322 0.015  0.021  ? ? 'X-RAY DIFFRACTION' 
r_angle_refined_deg    1816 1.495  1.975  ? ? 'X-RAY DIFFRACTION' 
r_dihedral_angle_1_deg 166  7.106  5.000  ? ? 'X-RAY DIFFRACTION' 
r_dihedral_angle_2_deg 62   35.689 24.355 ? ? 'X-RAY DIFFRACTION' 
r_dihedral_angle_3_deg 201  10.449 15.000 ? ? 'X-RAY DIFFRACTION' 
r_dihedral_angle_4_deg 8    21.678 15.000 ? ? 'X-RAY DIFFRACTION' 
r_chiral_restr         198  0.097  0.200  ? ? 'X-RAY DIFFRACTION' 
r_gen_planes_refined   1032 0.008  0.021  ? ? 'X-RAY DIFFRACTION' 
r_mcbond_it            801  0.740  1.500  ? ? 'X-RAY DIFFRACTION' 
r_mcangle_it           1318 1.258  2.000  ? ? 'X-RAY DIFFRACTION' 
r_scbond_it            521  2.161  3.000  ? ? 'X-RAY DIFFRACTION' 
r_scangle_it           498  3.451  4.500  ? ? 'X-RAY DIFFRACTION' 
# 
_refine_ls_shell.d_res_high                       1.6100 
_refine_ls_shell.d_res_low                        1.6520 
_refine_ls_shell.pdbx_total_number_of_bins_used   20 
_refine_ls_shell.percent_reflns_obs               98.9000 
_refine_ls_shell.number_reflns_R_work             1206 
_refine_ls_shell.R_factor_all                     ? 
_refine_ls_shell.R_factor_R_work                  0.2170 
_refine_ls_shell.R_factor_R_free                  0.2920 
_refine_ls_shell.percent_reflns_R_free            ? 
_refine_ls_shell.number_reflns_R_free             57 
_refine_ls_shell.R_factor_R_free_error            ? 
_refine_ls_shell.number_reflns_all                1263 
_refine_ls_shell.number_reflns_obs                ? 
_refine_ls_shell.redundancy_reflns_obs            ? 
_refine_ls_shell.pdbx_refine_id                   'X-RAY DIFFRACTION' 
# 
_struct.entry_id                  4NP3 
_struct.title                     'Crystal structure of the murine cd44 hyaluronan binding domain complex with a small molecule' 
_struct.pdbx_model_details        ? 
_struct.pdbx_CASP_flag            ? 
_struct.pdbx_model_type_details   ? 
# 
_struct_keywords.entry_id        4NP3 
_struct_keywords.text            
'Link module, Cell surface receptor, Hyaluronan, non-glycosylated, Cell surface, Cell adhesion-inhibitor complex' 
_struct_keywords.pdbx_keywords   'Cell adhesion/inhibitor' 
# 
loop_
_struct_asym.id 
_struct_asym.pdbx_blank_PDB_chainid_flag 
_struct_asym.pdbx_modified 
_struct_asym.entity_id 
_struct_asym.details 
A N N 1 ? 
B N N 2 ? 
C N N 3 ? 
D N N 4 ? 
E N N 5 ? 
F N N 5 ? 
G N N 5 ? 
H N N 6 ? 
# 
_struct_ref.id                         1 
_struct_ref.db_name                    UNP 
_struct_ref.db_code                    CD44_MOUSE 
_struct_ref.pdbx_db_accession          P15379 
_struct_ref.entity_id                  1 
_struct_ref.pdbx_seq_one_letter_code   
;QIDLNVTCRYAGVFHVEKNGRYSISRTEAADLCQAFNSTLPTMDQMKLALSKGFETCRYGFIEGNVVIPRIHPNAICAAN
HTGVYILVTSNTSHYDTYCFNASAPPEEDCTSVTDLPNSFDGPVTITIVNRDGTRYSKKGEYRTHQEDI
;
_struct_ref.pdbx_align_begin           23 
_struct_ref.pdbx_db_isoform            ? 
# 
_struct_ref_seq.align_id                      1 
_struct_ref_seq.ref_id                        1 
_struct_ref_seq.pdbx_PDB_id_code              4NP3 
_struct_ref_seq.pdbx_strand_id                A 
_struct_ref_seq.seq_align_beg                 2 
_struct_ref_seq.pdbx_seq_align_beg_ins_code   ? 
_struct_ref_seq.seq_align_end                 150 
_struct_ref_seq.pdbx_seq_align_end_ins_code   ? 
_struct_ref_seq.pdbx_db_accession             P15379 
_struct_ref_seq.db_align_beg                  23 
_struct_ref_seq.pdbx_db_align_beg_ins_code    ? 
_struct_ref_seq.db_align_end                  171 
_struct_ref_seq.pdbx_db_align_end_ins_code    ? 
_struct_ref_seq.pdbx_auth_seq_align_beg       25 
_struct_ref_seq.pdbx_auth_seq_align_end       173 
# 
_struct_ref_seq_dif.align_id                     1 
_struct_ref_seq_dif.pdbx_pdb_id_code             4NP3 
_struct_ref_seq_dif.mon_id                       ASN 
_struct_ref_seq_dif.pdbx_pdb_strand_id           A 
_struct_ref_seq_dif.seq_num                      1 
_struct_ref_seq_dif.pdbx_pdb_ins_code            ? 
_struct_ref_seq_dif.pdbx_seq_db_name             UNP 
_struct_ref_seq_dif.pdbx_seq_db_accession_code   P15379 
_struct_ref_seq_dif.db_mon_id                    ? 
_struct_ref_seq_dif.pdbx_seq_db_seq_num          ? 
_struct_ref_seq_dif.details                      'expression tag' 
_struct_ref_seq_dif.pdbx_auth_seq_num            24 
_struct_ref_seq_dif.pdbx_ordinal                 1 
# 
_pdbx_struct_assembly.id                   1 
_pdbx_struct_assembly.details              author_and_software_defined_assembly 
_pdbx_struct_assembly.method_details       PISA 
_pdbx_struct_assembly.oligomeric_details   monomeric 
_pdbx_struct_assembly.oligomeric_count     1 
# 
_pdbx_struct_assembly_gen.assembly_id       1 
_pdbx_struct_assembly_gen.oper_expression   1 
_pdbx_struct_assembly_gen.asym_id_list      A,B,C,D,E,F,G,H 
# 
_pdbx_struct_oper_list.id                   1 
_pdbx_struct_oper_list.type                 'identity operation' 
_pdbx_struct_oper_list.name                 1_555 
_pdbx_struct_oper_list.symmetry_operation   x,y,z 
_pdbx_struct_oper_list.matrix[1][1]         1.0000000000 
_pdbx_struct_oper_list.matrix[1][2]         0.0000000000 
_pdbx_struct_oper_list.matrix[1][3]         0.0000000000 
_pdbx_struct_oper_list.vector[1]            0.0000000000 
_pdbx_struct_oper_list.matrix[2][1]         0.0000000000 
_pdbx_struct_oper_list.matrix[2][2]         1.0000000000 
_pdbx_struct_oper_list.matrix[2][3]         0.0000000000 
_pdbx_struct_oper_list.vector[2]            0.0000000000 
_pdbx_struct_oper_list.matrix[3][1]         0.0000000000 
_pdbx_struct_oper_list.matrix[3][2]         0.0000000000 
_pdbx_struct_oper_list.matrix[3][3]         1.0000000000 
_pdbx_struct_oper_list.vector[3]            0.0000000000 
# 
_struct_biol.id        1 
_struct_biol.details   ? 
# 
loop_
_struct_conf.conf_type_id 
_struct_conf.id 
_struct_conf.pdbx_PDB_helix_id 
_struct_conf.beg_label_comp_id 
_struct_conf.beg_label_asym_id 
_struct_conf.beg_label_seq_id 
_struct_conf.pdbx_beg_PDB_ins_code 
_struct_conf.end_label_comp_id 
_struct_conf.end_label_asym_id 
_struct_conf.end_label_seq_id 
_struct_conf.pdbx_end_PDB_ins_code 
_struct_conf.beg_auth_comp_id 
_struct_conf.beg_auth_asym_id 
_struct_conf.beg_auth_seq_id 
_struct_conf.end_auth_comp_id 
_struct_conf.end_auth_asym_id 
_struct_conf.end_auth_seq_id 
_struct_conf.pdbx_PDB_helix_class 
_struct_conf.details 
_struct_conf.pdbx_PDB_helix_length 
HELX_P HELX_P1 1 SER A 26  ? PHE A 37  ? SER A 49  PHE A 60  1 ? 12 
HELX_P HELX_P2 2 THR A 43  ? LYS A 53  ? THR A 66  LYS A 76  1 ? 11 
HELX_P HELX_P3 3 CYS A 78  ? HIS A 82  ? CYS A 101 HIS A 105 5 ? 5  
HELX_P HELX_P4 4 HIS A 146 ? ILE A 150 ? HIS A 169 ILE A 173 5 ? 5  
# 
_struct_conf_type.id          HELX_P 
_struct_conf_type.criteria    ? 
_struct_conf_type.reference   ? 
# 
loop_
_struct_conn.id 
_struct_conn.conn_type_id 
_struct_conn.pdbx_leaving_atom_flag 
_struct_conn.pdbx_PDB_id 
_struct_conn.ptnr1_label_asym_id 
_struct_conn.ptnr1_label_comp_id 
_struct_conn.ptnr1_label_seq_id 
_struct_conn.ptnr1_label_atom_id 
_struct_conn.pdbx_ptnr1_label_alt_id 
_struct_conn.pdbx_ptnr1_PDB_ins_code 
_struct_conn.pdbx_ptnr1_standard_comp_id 
_struct_conn.ptnr1_symmetry 
_struct_conn.ptnr2_label_asym_id 
_struct_conn.ptnr2_label_comp_id 
_struct_conn.ptnr2_label_seq_id 
_struct_conn.ptnr2_label_atom_id 
_struct_conn.pdbx_ptnr2_label_alt_id 
_struct_conn.pdbx_ptnr2_PDB_ins_code 
_struct_conn.ptnr1_auth_asym_id 
_struct_conn.ptnr1_auth_comp_id 
_struct_conn.ptnr1_auth_seq_id 
_struct_conn.ptnr2_auth_asym_id 
_struct_conn.ptnr2_auth_comp_id 
_struct_conn.ptnr2_auth_seq_id 
_struct_conn.ptnr2_symmetry 
_struct_conn.pdbx_ptnr3_label_atom_id 
_struct_conn.pdbx_ptnr3_label_seq_id 
_struct_conn.pdbx_ptnr3_label_comp_id 
_struct_conn.pdbx_ptnr3_label_asym_id 
_struct_conn.pdbx_ptnr3_label_alt_id 
_struct_conn.pdbx_ptnr3_PDB_ins_code 
_struct_conn.details 
_struct_conn.pdbx_dist_value 
_struct_conn.pdbx_value_order 
_struct_conn.pdbx_role 
disulf1 disulf ? ? A CYS 9  SG ? ? ? 1_555 A CYS 111 SG ? ? A CYS 32 A CYS 134 1_555 ? ? ? ? ? ? ? 2.072 ? ? 
disulf2 disulf ? ? A CYS 34 SG ? ? ? 1_555 A CYS 100 SG ? ? A CYS 57 A CYS 123 1_555 ? ? ? ? ? ? ? 2.066 ? ? 
disulf3 disulf ? ? A CYS 58 SG ? ? ? 1_555 A CYS 78  SG ? ? A CYS 81 A CYS 101 1_555 ? ? ? ? ? ? ? 2.092 ? ? 
# 
_struct_conn_type.id          disulf 
_struct_conn_type.criteria    ? 
_struct_conn_type.reference   ? 
# 
loop_
_pdbx_modification_feature.ordinal 
_pdbx_modification_feature.label_comp_id 
_pdbx_modification_feature.label_asym_id 
_pdbx_modification_feature.label_seq_id 
_pdbx_modification_feature.label_alt_id 
_pdbx_modification_feature.modified_residue_label_comp_id 
_pdbx_modification_feature.modified_residue_label_asym_id 
_pdbx_modification_feature.modified_residue_label_seq_id 
_pdbx_modification_feature.modified_residue_label_alt_id 
_pdbx_modification_feature.auth_comp_id 
_pdbx_modification_feature.auth_asym_id 
_pdbx_modification_feature.auth_seq_id 
_pdbx_modification_feature.PDB_ins_code 
_pdbx_modification_feature.symmetry 
_pdbx_modification_feature.modified_residue_auth_comp_id 
_pdbx_modification_feature.modified_residue_auth_asym_id 
_pdbx_modification_feature.modified_residue_auth_seq_id 
_pdbx_modification_feature.modified_residue_PDB_ins_code 
_pdbx_modification_feature.modified_residue_symmetry 
_pdbx_modification_feature.comp_id_linking_atom 
_pdbx_modification_feature.modified_residue_id_linking_atom 
_pdbx_modification_feature.modified_residue_id 
_pdbx_modification_feature.ref_pcm_id 
_pdbx_modification_feature.ref_comp_id 
_pdbx_modification_feature.type 
_pdbx_modification_feature.category 
1 CYS A 9  ? CYS A 111 ? CYS A 32 ? 1_555 CYS A 134 ? 1_555 SG SG . . . None 'Disulfide bridge' 
2 CYS A 34 ? CYS A 100 ? CYS A 57 ? 1_555 CYS A 123 ? 1_555 SG SG . . . None 'Disulfide bridge' 
3 CYS A 58 ? CYS A 78  ? CYS A 81 ? 1_555 CYS A 101 ? 1_555 SG SG . . . None 'Disulfide bridge' 
# 
loop_
_struct_sheet.id 
_struct_sheet.type 
_struct_sheet.number_strands 
_struct_sheet.details 
A ? 8 ? 
B ? 2 ? 
# 
loop_
_struct_sheet_order.sheet_id 
_struct_sheet_order.range_id_1 
_struct_sheet_order.range_id_2 
_struct_sheet_order.offset 
_struct_sheet_order.sense 
A 1 2 ? anti-parallel 
A 2 3 ? anti-parallel 
A 3 4 ? parallel      
A 4 5 ? anti-parallel 
A 5 6 ? anti-parallel 
A 6 7 ? parallel      
A 7 8 ? anti-parallel 
B 1 2 ? anti-parallel 
# 
loop_
_struct_sheet_range.sheet_id 
_struct_sheet_range.id 
_struct_sheet_range.beg_label_comp_id 
_struct_sheet_range.beg_label_asym_id 
_struct_sheet_range.beg_label_seq_id 
_struct_sheet_range.pdbx_beg_PDB_ins_code 
_struct_sheet_range.end_label_comp_id 
_struct_sheet_range.end_label_asym_id 
_struct_sheet_range.end_label_seq_id 
_struct_sheet_range.pdbx_end_PDB_ins_code 
_struct_sheet_range.beg_auth_comp_id 
_struct_sheet_range.beg_auth_asym_id 
_struct_sheet_range.beg_auth_seq_id 
_struct_sheet_range.end_auth_comp_id 
_struct_sheet_range.end_auth_asym_id 
_struct_sheet_range.end_auth_seq_id 
A 1 GLY A 84  ? ILE A 87  ? GLY A 107 ILE A 110 
A 2 VAL A 67  ? ARG A 71  ? VAL A 90  ARG A 94  
A 3 GLY A 61  ? PHE A 62  ? GLY A 84  PHE A 85  
A 4 ASP A 97  ? PHE A 101 ? ASP A 120 PHE A 124 
A 5 VAL A 14  ? LYS A 19  ? VAL A 37  LYS A 42  
A 6 GLN A 2   ? VAL A 7   ? GLN A 25  VAL A 30  
A 7 PHE A 121 ? ASN A 131 ? PHE A 144 ASN A 154 
A 8 ARG A 136 ? GLU A 142 ? ARG A 159 GLU A 165 
B 1 ARG A 10  ? TYR A 11  ? ARG A 33  TYR A 34  
B 2 GLU A 109 ? ASP A 110 ? GLU A 132 ASP A 133 
# 
loop_
_pdbx_struct_sheet_hbond.sheet_id 
_pdbx_struct_sheet_hbond.range_id_1 
_pdbx_struct_sheet_hbond.range_id_2 
_pdbx_struct_sheet_hbond.range_1_label_atom_id 
_pdbx_struct_sheet_hbond.range_1_label_comp_id 
_pdbx_struct_sheet_hbond.range_1_label_asym_id 
_pdbx_struct_sheet_hbond.range_1_label_seq_id 
_pdbx_struct_sheet_hbond.range_1_PDB_ins_code 
_pdbx_struct_sheet_hbond.range_1_auth_atom_id 
_pdbx_struct_sheet_hbond.range_1_auth_comp_id 
_pdbx_struct_sheet_hbond.range_1_auth_asym_id 
_pdbx_struct_sheet_hbond.range_1_auth_seq_id 
_pdbx_struct_sheet_hbond.range_2_label_atom_id 
_pdbx_struct_sheet_hbond.range_2_label_comp_id 
_pdbx_struct_sheet_hbond.range_2_label_asym_id 
_pdbx_struct_sheet_hbond.range_2_label_seq_id 
_pdbx_struct_sheet_hbond.range_2_PDB_ins_code 
_pdbx_struct_sheet_hbond.range_2_auth_atom_id 
_pdbx_struct_sheet_hbond.range_2_auth_comp_id 
_pdbx_struct_sheet_hbond.range_2_auth_asym_id 
_pdbx_struct_sheet_hbond.range_2_auth_seq_id 
A 1 2 O GLY A 84  ? O GLY A 107 N ARG A 71  ? N ARG A 94  
A 2 3 O VAL A 68  ? O VAL A 91  N GLY A 61  ? N GLY A 84  
A 3 4 N PHE A 62  ? N PHE A 85  O TYR A 99  ? O TYR A 122 
A 4 5 O THR A 98  ? O THR A 121 N VAL A 17  ? N VAL A 40  
A 5 6 O GLU A 18  ? O GLU A 41  N ASN A 6   ? N ASN A 29  
A 6 7 N LEU A 5   ? N LEU A 28  O THR A 128 ? O THR A 151 
A 7 8 N ILE A 127 ? N ILE A 150 O LYS A 139 ? O LYS A 162 
B 1 2 N ARG A 10  ? N ARG A 33  O ASP A 110 ? O ASP A 133 
# 
loop_
_struct_site.id 
_struct_site.pdbx_evidence_code 
_struct_site.pdbx_auth_asym_id 
_struct_site.pdbx_auth_comp_id 
_struct_site.pdbx_auth_seq_id 
_struct_site.pdbx_auth_ins_code 
_struct_site.pdbx_num_residues 
_struct_site.details 
AC1 Software A 2L2 201 ? 13 'BINDING SITE FOR RESIDUE 2L2 A 201' 
AC2 Software A DMS 202 ? 11 'BINDING SITE FOR RESIDUE DMS A 202' 
AC3 Software A MES 203 ? 6  'BINDING SITE FOR RESIDUE MES A 203' 
AC4 Software A SO4 204 ? 6  'BINDING SITE FOR RESIDUE SO4 A 204' 
AC5 Software A SO4 205 ? 5  'BINDING SITE FOR RESIDUE SO4 A 205' 
AC6 Software A SO4 206 ? 7  'BINDING SITE FOR RESIDUE SO4 A 206' 
# 
loop_
_struct_site_gen.id 
_struct_site_gen.site_id 
_struct_site_gen.pdbx_num_res 
_struct_site_gen.label_comp_id 
_struct_site_gen.label_asym_id 
_struct_site_gen.label_seq_id 
_struct_site_gen.pdbx_auth_ins_code 
_struct_site_gen.auth_comp_id 
_struct_site_gen.auth_asym_id 
_struct_site_gen.auth_seq_id 
_struct_site_gen.label_atom_id 
_struct_site_gen.label_alt_id 
_struct_site_gen.symmetry 
_struct_site_gen.details 
1  AC1 13 ASN A 6   ? ASN A 29  . ? 1_555 ? 
2  AC1 13 VAL A 7   ? VAL A 30  . ? 1_555 ? 
3  AC1 13 GLU A 18  ? GLU A 41  . ? 1_555 ? 
4  AC1 13 GLY A 21  ? GLY A 44  . ? 1_555 ? 
5  AC1 13 ASP A 45  ? ASP A 68  . ? 1_655 ? 
6  AC1 13 ARG A 59  ? ARG A 82  . ? 1_555 ? 
7  AC1 13 VAL A 130 ? VAL A 153 . ? 1_555 ? 
8  AC1 13 ASN A 131 ? ASN A 154 . ? 1_555 ? 
9  AC1 13 ARG A 132 ? ARG A 155 . ? 1_555 ? 
10 AC1 13 MES D .   ? MES A 203 . ? 1_555 ? 
11 AC1 13 SO4 E .   ? SO4 A 204 . ? 1_555 ? 
12 AC1 13 HOH H .   ? HOH A 305 . ? 1_555 ? 
13 AC1 13 HOH H .   ? HOH A 309 . ? 1_555 ? 
14 AC2 11 CYS A 9   ? CYS A 32  . ? 1_555 ? 
15 AC2 11 GLY A 65  ? GLY A 88  . ? 1_554 ? 
16 AC2 11 ASN A 66  ? ASN A 89  . ? 1_554 ? 
17 AC2 11 CYS A 111 ? CYS A 134 . ? 1_555 ? 
18 AC2 11 THR A 112 ? THR A 135 . ? 1_555 ? 
19 AC2 11 SER A 113 ? SER A 136 . ? 1_555 ? 
20 AC2 11 ARG A 132 ? ARG A 155 . ? 1_555 ? 
21 AC2 11 ASP A 133 ? ASP A 156 . ? 1_555 ? 
22 AC2 11 HOH H .   ? HOH A 308 . ? 1_554 ? 
23 AC2 11 HOH H .   ? HOH A 341 . ? 1_555 ? 
24 AC2 11 HOH H .   ? HOH A 384 . ? 1_555 ? 
25 AC3 6  ASP A 45  ? ASP A 68  . ? 1_655 ? 
26 AC3 6  LYS A 48  ? LYS A 71  . ? 1_655 ? 
27 AC3 6  LEU A 49  ? LEU A 72  . ? 1_655 ? 
28 AC3 6  ARG A 132 ? ARG A 155 . ? 1_555 ? 
29 AC3 6  2L2 B .   ? 2L2 A 201 . ? 1_555 ? 
30 AC3 6  HOH H .   ? HOH A 391 . ? 1_555 ? 
31 AC4 6  MET A 44  ? MET A 67  . ? 1_655 ? 
32 AC4 6  ASP A 45  ? ASP A 68  . ? 1_655 ? 
33 AC4 6  LYS A 48  ? LYS A 71  . ? 1_655 ? 
34 AC4 6  2L2 B .   ? 2L2 A 201 . ? 1_555 ? 
35 AC4 6  HOH H .   ? HOH A 332 . ? 1_655 ? 
36 AC4 6  HOH H .   ? HOH A 343 . ? 1_655 ? 
37 AC5 5  ARG A 10  ? ARG A 33  . ? 1_555 ? 
38 AC5 5  PHE A 15  ? PHE A 38  . ? 1_555 ? 
39 AC5 5  PHE A 37  ? PHE A 60  . ? 1_555 ? 
40 AC5 5  ASN A 102 ? ASN A 125 . ? 1_555 ? 
41 AC5 5  VAL A 114 ? VAL A 137 . ? 1_555 ? 
42 AC6 7  TYR A 86  ? TYR A 109 . ? 1_555 ? 
43 AC6 7  ILE A 87  ? ILE A 110 . ? 1_555 ? 
44 AC6 7  LEU A 88  ? LEU A 111 . ? 1_555 ? 
45 AC6 7  VAL A 89  ? VAL A 112 . ? 1_555 ? 
46 AC6 7  THR A 90  ? THR A 113 . ? 1_555 ? 
47 AC6 7  HOH H .   ? HOH A 380 . ? 1_555 ? 
48 AC6 7  HOH H .   ? HOH A 381 . ? 1_656 ? 
# 
_pdbx_entry_details.entry_id                   4NP3 
_pdbx_entry_details.compound_details           ? 
_pdbx_entry_details.source_details             ? 
_pdbx_entry_details.nonpolymer_details         ? 
_pdbx_entry_details.sequence_details           ? 
_pdbx_entry_details.has_ligand_of_interest     ? 
_pdbx_entry_details.has_protein_modification   Y 
# 
_pdbx_validate_rmsd_angle.id                         1 
_pdbx_validate_rmsd_angle.PDB_model_num              1 
_pdbx_validate_rmsd_angle.auth_atom_id_1             NE 
_pdbx_validate_rmsd_angle.auth_asym_id_1             A 
_pdbx_validate_rmsd_angle.auth_comp_id_1             ARG 
_pdbx_validate_rmsd_angle.auth_seq_id_1              159 
_pdbx_validate_rmsd_angle.PDB_ins_code_1             ? 
_pdbx_validate_rmsd_angle.label_alt_id_1             ? 
_pdbx_validate_rmsd_angle.auth_atom_id_2             CZ 
_pdbx_validate_rmsd_angle.auth_asym_id_2             A 
_pdbx_validate_rmsd_angle.auth_comp_id_2             ARG 
_pdbx_validate_rmsd_angle.auth_seq_id_2              159 
_pdbx_validate_rmsd_angle.PDB_ins_code_2             ? 
_pdbx_validate_rmsd_angle.label_alt_id_2             ? 
_pdbx_validate_rmsd_angle.auth_atom_id_3             NH2 
_pdbx_validate_rmsd_angle.auth_asym_id_3             A 
_pdbx_validate_rmsd_angle.auth_comp_id_3             ARG 
_pdbx_validate_rmsd_angle.auth_seq_id_3              159 
_pdbx_validate_rmsd_angle.PDB_ins_code_3             ? 
_pdbx_validate_rmsd_angle.label_alt_id_3             ? 
_pdbx_validate_rmsd_angle.angle_value                116.46 
_pdbx_validate_rmsd_angle.angle_target_value         120.30 
_pdbx_validate_rmsd_angle.angle_deviation            -3.84 
_pdbx_validate_rmsd_angle.angle_standard_deviation   0.50 
_pdbx_validate_rmsd_angle.linker_flag                N 
# 
loop_
_pdbx_validate_torsion.id 
_pdbx_validate_torsion.PDB_model_num 
_pdbx_validate_torsion.auth_comp_id 
_pdbx_validate_torsion.auth_asym_id 
_pdbx_validate_torsion.auth_seq_id 
_pdbx_validate_torsion.PDB_ins_code 
_pdbx_validate_torsion.label_alt_id 
_pdbx_validate_torsion.phi 
_pdbx_validate_torsion.psi 
1 1 CYS A 32  ? ? -48.85  151.67  
2 1 SER A 47  ? ? -162.06 12.21   
3 1 TYR A 119 ? ? -133.09 -156.85 
4 1 GLU A 131 ? ? -119.26 -133.40 
# 
_pdbx_phasing_MR.entry_id                     4NP3 
_pdbx_phasing_MR.method_rotation              ? 
_pdbx_phasing_MR.method_translation           ? 
_pdbx_phasing_MR.model_details                'Phaser MODE: MR_AUTO' 
_pdbx_phasing_MR.R_factor                     35.250 
_pdbx_phasing_MR.R_rigid_body                 ? 
_pdbx_phasing_MR.correlation_coeff_Fo_to_Fc   ? 
_pdbx_phasing_MR.correlation_coeff_Io_to_Ic   ? 
_pdbx_phasing_MR.d_res_high_rotation          2.500 
_pdbx_phasing_MR.d_res_low_rotation           41.000 
_pdbx_phasing_MR.d_res_high_translation       2.500 
_pdbx_phasing_MR.d_res_low_translation        41.000 
_pdbx_phasing_MR.packing                      ? 
_pdbx_phasing_MR.reflns_percent_rotation      ? 
_pdbx_phasing_MR.reflns_percent_translation   ? 
_pdbx_phasing_MR.sigma_F_rotation             ? 
_pdbx_phasing_MR.sigma_F_translation          ? 
_pdbx_phasing_MR.sigma_I_rotation             ? 
_pdbx_phasing_MR.sigma_I_translation          ? 
# 
_phasing.method   MR 
# 
loop_
_chem_comp_atom.comp_id 
_chem_comp_atom.atom_id 
_chem_comp_atom.type_symbol 
_chem_comp_atom.pdbx_aromatic_flag 
_chem_comp_atom.pdbx_stereo_config 
_chem_comp_atom.pdbx_ordinal 
2L2 CAH  C N N 1   
2L2 CAG  C N N 2   
2L2 CAO  C Y N 3   
2L2 CAE  C Y N 4   
2L2 CAC  C Y N 5   
2L2 CAD  C Y N 6   
2L2 CAM  C Y N 7   
2L2 NAB  N N N 8   
2L2 CAQ  C Y N 9   
2L2 CAJ  C N N 10  
2L2 NAR  N N N 11  
2L2 CAI  C N N 12  
2L2 CAP  C Y N 13  
2L2 NAL  N Y N 14  
2L2 CAF  C Y N 15  
2L2 NAK  N Y N 16  
2L2 CAN  C Y N 17  
2L2 CAA  C N N 18  
2L2 H1   H N N 19  
2L2 H2   H N N 20  
2L2 H3   H N N 21  
2L2 H4   H N N 22  
2L2 H5   H N N 23  
2L2 H6   H N N 24  
2L2 H7   H N N 25  
2L2 H8   H N N 26  
2L2 H9   H N N 27  
2L2 H10  H N N 28  
2L2 H11  H N N 29  
2L2 H13  H N N 30  
2L2 H14  H N N 31  
2L2 H15  H N N 32  
2L2 H16  H N N 33  
2L2 H18  H N N 34  
2L2 H19  H N N 35  
2L2 H20  H N N 36  
ALA N    N N N 37  
ALA CA   C N S 38  
ALA C    C N N 39  
ALA O    O N N 40  
ALA CB   C N N 41  
ALA OXT  O N N 42  
ALA H    H N N 43  
ALA H2   H N N 44  
ALA HA   H N N 45  
ALA HB1  H N N 46  
ALA HB2  H N N 47  
ALA HB3  H N N 48  
ALA HXT  H N N 49  
ARG N    N N N 50  
ARG CA   C N S 51  
ARG C    C N N 52  
ARG O    O N N 53  
ARG CB   C N N 54  
ARG CG   C N N 55  
ARG CD   C N N 56  
ARG NE   N N N 57  
ARG CZ   C N N 58  
ARG NH1  N N N 59  
ARG NH2  N N N 60  
ARG OXT  O N N 61  
ARG H    H N N 62  
ARG H2   H N N 63  
ARG HA   H N N 64  
ARG HB2  H N N 65  
ARG HB3  H N N 66  
ARG HG2  H N N 67  
ARG HG3  H N N 68  
ARG HD2  H N N 69  
ARG HD3  H N N 70  
ARG HE   H N N 71  
ARG HH11 H N N 72  
ARG HH12 H N N 73  
ARG HH21 H N N 74  
ARG HH22 H N N 75  
ARG HXT  H N N 76  
ASN N    N N N 77  
ASN CA   C N S 78  
ASN C    C N N 79  
ASN O    O N N 80  
ASN CB   C N N 81  
ASN CG   C N N 82  
ASN OD1  O N N 83  
ASN ND2  N N N 84  
ASN OXT  O N N 85  
ASN H    H N N 86  
ASN H2   H N N 87  
ASN HA   H N N 88  
ASN HB2  H N N 89  
ASN HB3  H N N 90  
ASN HD21 H N N 91  
ASN HD22 H N N 92  
ASN HXT  H N N 93  
ASP N    N N N 94  
ASP CA   C N S 95  
ASP C    C N N 96  
ASP O    O N N 97  
ASP CB   C N N 98  
ASP CG   C N N 99  
ASP OD1  O N N 100 
ASP OD2  O N N 101 
ASP OXT  O N N 102 
ASP H    H N N 103 
ASP H2   H N N 104 
ASP HA   H N N 105 
ASP HB2  H N N 106 
ASP HB3  H N N 107 
ASP HD2  H N N 108 
ASP HXT  H N N 109 
CYS N    N N N 110 
CYS CA   C N R 111 
CYS C    C N N 112 
CYS O    O N N 113 
CYS CB   C N N 114 
CYS SG   S N N 115 
CYS OXT  O N N 116 
CYS H    H N N 117 
CYS H2   H N N 118 
CYS HA   H N N 119 
CYS HB2  H N N 120 
CYS HB3  H N N 121 
CYS HG   H N N 122 
CYS HXT  H N N 123 
DMS S    S N N 124 
DMS O    O N N 125 
DMS C1   C N N 126 
DMS C2   C N N 127 
DMS H11  H N N 128 
DMS H12  H N N 129 
DMS H13  H N N 130 
DMS H21  H N N 131 
DMS H22  H N N 132 
DMS H23  H N N 133 
GLN N    N N N 134 
GLN CA   C N S 135 
GLN C    C N N 136 
GLN O    O N N 137 
GLN CB   C N N 138 
GLN CG   C N N 139 
GLN CD   C N N 140 
GLN OE1  O N N 141 
GLN NE2  N N N 142 
GLN OXT  O N N 143 
GLN H    H N N 144 
GLN H2   H N N 145 
GLN HA   H N N 146 
GLN HB2  H N N 147 
GLN HB3  H N N 148 
GLN HG2  H N N 149 
GLN HG3  H N N 150 
GLN HE21 H N N 151 
GLN HE22 H N N 152 
GLN HXT  H N N 153 
GLU N    N N N 154 
GLU CA   C N S 155 
GLU C    C N N 156 
GLU O    O N N 157 
GLU CB   C N N 158 
GLU CG   C N N 159 
GLU CD   C N N 160 
GLU OE1  O N N 161 
GLU OE2  O N N 162 
GLU OXT  O N N 163 
GLU H    H N N 164 
GLU H2   H N N 165 
GLU HA   H N N 166 
GLU HB2  H N N 167 
GLU HB3  H N N 168 
GLU HG2  H N N 169 
GLU HG3  H N N 170 
GLU HE2  H N N 171 
GLU HXT  H N N 172 
GLY N    N N N 173 
GLY CA   C N N 174 
GLY C    C N N 175 
GLY O    O N N 176 
GLY OXT  O N N 177 
GLY H    H N N 178 
GLY H2   H N N 179 
GLY HA2  H N N 180 
GLY HA3  H N N 181 
GLY HXT  H N N 182 
HIS N    N N N 183 
HIS CA   C N S 184 
HIS C    C N N 185 
HIS O    O N N 186 
HIS CB   C N N 187 
HIS CG   C Y N 188 
HIS ND1  N Y N 189 
HIS CD2  C Y N 190 
HIS CE1  C Y N 191 
HIS NE2  N Y N 192 
HIS OXT  O N N 193 
HIS H    H N N 194 
HIS H2   H N N 195 
HIS HA   H N N 196 
HIS HB2  H N N 197 
HIS HB3  H N N 198 
HIS HD1  H N N 199 
HIS HD2  H N N 200 
HIS HE1  H N N 201 
HIS HE2  H N N 202 
HIS HXT  H N N 203 
HOH O    O N N 204 
HOH H1   H N N 205 
HOH H2   H N N 206 
ILE N    N N N 207 
ILE CA   C N S 208 
ILE C    C N N 209 
ILE O    O N N 210 
ILE CB   C N S 211 
ILE CG1  C N N 212 
ILE CG2  C N N 213 
ILE CD1  C N N 214 
ILE OXT  O N N 215 
ILE H    H N N 216 
ILE H2   H N N 217 
ILE HA   H N N 218 
ILE HB   H N N 219 
ILE HG12 H N N 220 
ILE HG13 H N N 221 
ILE HG21 H N N 222 
ILE HG22 H N N 223 
ILE HG23 H N N 224 
ILE HD11 H N N 225 
ILE HD12 H N N 226 
ILE HD13 H N N 227 
ILE HXT  H N N 228 
LEU N    N N N 229 
LEU CA   C N S 230 
LEU C    C N N 231 
LEU O    O N N 232 
LEU CB   C N N 233 
LEU CG   C N N 234 
LEU CD1  C N N 235 
LEU CD2  C N N 236 
LEU OXT  O N N 237 
LEU H    H N N 238 
LEU H2   H N N 239 
LEU HA   H N N 240 
LEU HB2  H N N 241 
LEU HB3  H N N 242 
LEU HG   H N N 243 
LEU HD11 H N N 244 
LEU HD12 H N N 245 
LEU HD13 H N N 246 
LEU HD21 H N N 247 
LEU HD22 H N N 248 
LEU HD23 H N N 249 
LEU HXT  H N N 250 
LYS N    N N N 251 
LYS CA   C N S 252 
LYS C    C N N 253 
LYS O    O N N 254 
LYS CB   C N N 255 
LYS CG   C N N 256 
LYS CD   C N N 257 
LYS CE   C N N 258 
LYS NZ   N N N 259 
LYS OXT  O N N 260 
LYS H    H N N 261 
LYS H2   H N N 262 
LYS HA   H N N 263 
LYS HB2  H N N 264 
LYS HB3  H N N 265 
LYS HG2  H N N 266 
LYS HG3  H N N 267 
LYS HD2  H N N 268 
LYS HD3  H N N 269 
LYS HE2  H N N 270 
LYS HE3  H N N 271 
LYS HZ1  H N N 272 
LYS HZ2  H N N 273 
LYS HZ3  H N N 274 
LYS HXT  H N N 275 
MES O1   O N N 276 
MES C2   C N N 277 
MES C3   C N N 278 
MES N4   N N N 279 
MES C5   C N N 280 
MES C6   C N N 281 
MES C7   C N N 282 
MES C8   C N N 283 
MES S    S N N 284 
MES O1S  O N N 285 
MES O2S  O N N 286 
MES O3S  O N N 287 
MES H21  H N N 288 
MES H22  H N N 289 
MES H31  H N N 290 
MES H32  H N N 291 
MES HN4  H N N 292 
MES H51  H N N 293 
MES H52  H N N 294 
MES H61  H N N 295 
MES H62  H N N 296 
MES H71  H N N 297 
MES H72  H N N 298 
MES H81  H N N 299 
MES H82  H N N 300 
MET N    N N N 301 
MET CA   C N S 302 
MET C    C N N 303 
MET O    O N N 304 
MET CB   C N N 305 
MET CG   C N N 306 
MET SD   S N N 307 
MET CE   C N N 308 
MET OXT  O N N 309 
MET H    H N N 310 
MET H2   H N N 311 
MET HA   H N N 312 
MET HB2  H N N 313 
MET HB3  H N N 314 
MET HG2  H N N 315 
MET HG3  H N N 316 
MET HE1  H N N 317 
MET HE2  H N N 318 
MET HE3  H N N 319 
MET HXT  H N N 320 
PHE N    N N N 321 
PHE CA   C N S 322 
PHE C    C N N 323 
PHE O    O N N 324 
PHE CB   C N N 325 
PHE CG   C Y N 326 
PHE CD1  C Y N 327 
PHE CD2  C Y N 328 
PHE CE1  C Y N 329 
PHE CE2  C Y N 330 
PHE CZ   C Y N 331 
PHE OXT  O N N 332 
PHE H    H N N 333 
PHE H2   H N N 334 
PHE HA   H N N 335 
PHE HB2  H N N 336 
PHE HB3  H N N 337 
PHE HD1  H N N 338 
PHE HD2  H N N 339 
PHE HE1  H N N 340 
PHE HE2  H N N 341 
PHE HZ   H N N 342 
PHE HXT  H N N 343 
PRO N    N N N 344 
PRO CA   C N S 345 
PRO C    C N N 346 
PRO O    O N N 347 
PRO CB   C N N 348 
PRO CG   C N N 349 
PRO CD   C N N 350 
PRO OXT  O N N 351 
PRO H    H N N 352 
PRO HA   H N N 353 
PRO HB2  H N N 354 
PRO HB3  H N N 355 
PRO HG2  H N N 356 
PRO HG3  H N N 357 
PRO HD2  H N N 358 
PRO HD3  H N N 359 
PRO HXT  H N N 360 
SER N    N N N 361 
SER CA   C N S 362 
SER C    C N N 363 
SER O    O N N 364 
SER CB   C N N 365 
SER OG   O N N 366 
SER OXT  O N N 367 
SER H    H N N 368 
SER H2   H N N 369 
SER HA   H N N 370 
SER HB2  H N N 371 
SER HB3  H N N 372 
SER HG   H N N 373 
SER HXT  H N N 374 
SO4 S    S N N 375 
SO4 O1   O N N 376 
SO4 O2   O N N 377 
SO4 O3   O N N 378 
SO4 O4   O N N 379 
THR N    N N N 380 
THR CA   C N S 381 
THR C    C N N 382 
THR O    O N N 383 
THR CB   C N R 384 
THR OG1  O N N 385 
THR CG2  C N N 386 
THR OXT  O N N 387 
THR H    H N N 388 
THR H2   H N N 389 
THR HA   H N N 390 
THR HB   H N N 391 
THR HG1  H N N 392 
THR HG21 H N N 393 
THR HG22 H N N 394 
THR HG23 H N N 395 
THR HXT  H N N 396 
TYR N    N N N 397 
TYR CA   C N S 398 
TYR C    C N N 399 
TYR O    O N N 400 
TYR CB   C N N 401 
TYR CG   C Y N 402 
TYR CD1  C Y N 403 
TYR CD2  C Y N 404 
TYR CE1  C Y N 405 
TYR CE2  C Y N 406 
TYR CZ   C Y N 407 
TYR OH   O N N 408 
TYR OXT  O N N 409 
TYR H    H N N 410 
TYR H2   H N N 411 
TYR HA   H N N 412 
TYR HB2  H N N 413 
TYR HB3  H N N 414 
TYR HD1  H N N 415 
TYR HD2  H N N 416 
TYR HE1  H N N 417 
TYR HE2  H N N 418 
TYR HH   H N N 419 
TYR HXT  H N N 420 
VAL N    N N N 421 
VAL CA   C N S 422 
VAL C    C N N 423 
VAL O    O N N 424 
VAL CB   C N N 425 
VAL CG1  C N N 426 
VAL CG2  C N N 427 
VAL OXT  O N N 428 
VAL H    H N N 429 
VAL H2   H N N 430 
VAL HA   H N N 431 
VAL HB   H N N 432 
VAL HG11 H N N 433 
VAL HG12 H N N 434 
VAL HG13 H N N 435 
VAL HG21 H N N 436 
VAL HG22 H N N 437 
VAL HG23 H N N 438 
VAL HXT  H N N 439 
# 
loop_
_chem_comp_bond.comp_id 
_chem_comp_bond.atom_id_1 
_chem_comp_bond.atom_id_2 
_chem_comp_bond.value_order 
_chem_comp_bond.pdbx_aromatic_flag 
_chem_comp_bond.pdbx_stereo_config 
_chem_comp_bond.pdbx_ordinal 
2L2 CAD CAC  doub Y N 1   
2L2 CAD CAM  sing Y N 2   
2L2 CAC CAE  sing Y N 3   
2L2 NAB CAM  sing N N 4   
2L2 CAM CAQ  doub Y N 5   
2L2 CAE CAO  doub Y N 6   
2L2 CAQ CAO  sing Y N 7   
2L2 CAQ CAJ  sing N N 8   
2L2 CAO CAG  sing N N 9   
2L2 CAJ NAR  sing N N 10  
2L2 CAG CAH  sing N N 11  
2L2 CAH NAR  sing N N 12  
2L2 NAR CAI  sing N N 13  
2L2 CAI CAP  sing N N 14  
2L2 CAA CAN  sing N N 15  
2L2 CAP CAN  doub Y N 16  
2L2 CAP NAL  sing Y N 17  
2L2 CAN NAK  sing Y N 18  
2L2 NAL CAF  sing Y N 19  
2L2 NAK CAF  doub Y N 20  
2L2 CAH H1   sing N N 21  
2L2 CAH H2   sing N N 22  
2L2 CAG H3   sing N N 23  
2L2 CAG H4   sing N N 24  
2L2 CAE H5   sing N N 25  
2L2 CAC H6   sing N N 26  
2L2 CAD H7   sing N N 27  
2L2 NAB H8   sing N N 28  
2L2 NAB H9   sing N N 29  
2L2 CAJ H10  sing N N 30  
2L2 CAJ H11  sing N N 31  
2L2 CAI H13  sing N N 32  
2L2 CAI H14  sing N N 33  
2L2 NAL H15  sing N N 34  
2L2 CAF H16  sing N N 35  
2L2 CAA H18  sing N N 36  
2L2 CAA H19  sing N N 37  
2L2 CAA H20  sing N N 38  
ALA N   CA   sing N N 39  
ALA N   H    sing N N 40  
ALA N   H2   sing N N 41  
ALA CA  C    sing N N 42  
ALA CA  CB   sing N N 43  
ALA CA  HA   sing N N 44  
ALA C   O    doub N N 45  
ALA C   OXT  sing N N 46  
ALA CB  HB1  sing N N 47  
ALA CB  HB2  sing N N 48  
ALA CB  HB3  sing N N 49  
ALA OXT HXT  sing N N 50  
ARG N   CA   sing N N 51  
ARG N   H    sing N N 52  
ARG N   H2   sing N N 53  
ARG CA  C    sing N N 54  
ARG CA  CB   sing N N 55  
ARG CA  HA   sing N N 56  
ARG C   O    doub N N 57  
ARG C   OXT  sing N N 58  
ARG CB  CG   sing N N 59  
ARG CB  HB2  sing N N 60  
ARG CB  HB3  sing N N 61  
ARG CG  CD   sing N N 62  
ARG CG  HG2  sing N N 63  
ARG CG  HG3  sing N N 64  
ARG CD  NE   sing N N 65  
ARG CD  HD2  sing N N 66  
ARG CD  HD3  sing N N 67  
ARG NE  CZ   sing N N 68  
ARG NE  HE   sing N N 69  
ARG CZ  NH1  sing N N 70  
ARG CZ  NH2  doub N N 71  
ARG NH1 HH11 sing N N 72  
ARG NH1 HH12 sing N N 73  
ARG NH2 HH21 sing N N 74  
ARG NH2 HH22 sing N N 75  
ARG OXT HXT  sing N N 76  
ASN N   CA   sing N N 77  
ASN N   H    sing N N 78  
ASN N   H2   sing N N 79  
ASN CA  C    sing N N 80  
ASN CA  CB   sing N N 81  
ASN CA  HA   sing N N 82  
ASN C   O    doub N N 83  
ASN C   OXT  sing N N 84  
ASN CB  CG   sing N N 85  
ASN CB  HB2  sing N N 86  
ASN CB  HB3  sing N N 87  
ASN CG  OD1  doub N N 88  
ASN CG  ND2  sing N N 89  
ASN ND2 HD21 sing N N 90  
ASN ND2 HD22 sing N N 91  
ASN OXT HXT  sing N N 92  
ASP N   CA   sing N N 93  
ASP N   H    sing N N 94  
ASP N   H2   sing N N 95  
ASP CA  C    sing N N 96  
ASP CA  CB   sing N N 97  
ASP CA  HA   sing N N 98  
ASP C   O    doub N N 99  
ASP C   OXT  sing N N 100 
ASP CB  CG   sing N N 101 
ASP CB  HB2  sing N N 102 
ASP CB  HB3  sing N N 103 
ASP CG  OD1  doub N N 104 
ASP CG  OD2  sing N N 105 
ASP OD2 HD2  sing N N 106 
ASP OXT HXT  sing N N 107 
CYS N   CA   sing N N 108 
CYS N   H    sing N N 109 
CYS N   H2   sing N N 110 
CYS CA  C    sing N N 111 
CYS CA  CB   sing N N 112 
CYS CA  HA   sing N N 113 
CYS C   O    doub N N 114 
CYS C   OXT  sing N N 115 
CYS CB  SG   sing N N 116 
CYS CB  HB2  sing N N 117 
CYS CB  HB3  sing N N 118 
CYS SG  HG   sing N N 119 
CYS OXT HXT  sing N N 120 
DMS S   O    doub N N 121 
DMS S   C1   sing N N 122 
DMS S   C2   sing N N 123 
DMS C1  H11  sing N N 124 
DMS C1  H12  sing N N 125 
DMS C1  H13  sing N N 126 
DMS C2  H21  sing N N 127 
DMS C2  H22  sing N N 128 
DMS C2  H23  sing N N 129 
GLN N   CA   sing N N 130 
GLN N   H    sing N N 131 
GLN N   H2   sing N N 132 
GLN CA  C    sing N N 133 
GLN CA  CB   sing N N 134 
GLN CA  HA   sing N N 135 
GLN C   O    doub N N 136 
GLN C   OXT  sing N N 137 
GLN CB  CG   sing N N 138 
GLN CB  HB2  sing N N 139 
GLN CB  HB3  sing N N 140 
GLN CG  CD   sing N N 141 
GLN CG  HG2  sing N N 142 
GLN CG  HG3  sing N N 143 
GLN CD  OE1  doub N N 144 
GLN CD  NE2  sing N N 145 
GLN NE2 HE21 sing N N 146 
GLN NE2 HE22 sing N N 147 
GLN OXT HXT  sing N N 148 
GLU N   CA   sing N N 149 
GLU N   H    sing N N 150 
GLU N   H2   sing N N 151 
GLU CA  C    sing N N 152 
GLU CA  CB   sing N N 153 
GLU CA  HA   sing N N 154 
GLU C   O    doub N N 155 
GLU C   OXT  sing N N 156 
GLU CB  CG   sing N N 157 
GLU CB  HB2  sing N N 158 
GLU CB  HB3  sing N N 159 
GLU CG  CD   sing N N 160 
GLU CG  HG2  sing N N 161 
GLU CG  HG3  sing N N 162 
GLU CD  OE1  doub N N 163 
GLU CD  OE2  sing N N 164 
GLU OE2 HE2  sing N N 165 
GLU OXT HXT  sing N N 166 
GLY N   CA   sing N N 167 
GLY N   H    sing N N 168 
GLY N   H2   sing N N 169 
GLY CA  C    sing N N 170 
GLY CA  HA2  sing N N 171 
GLY CA  HA3  sing N N 172 
GLY C   O    doub N N 173 
GLY C   OXT  sing N N 174 
GLY OXT HXT  sing N N 175 
HIS N   CA   sing N N 176 
HIS N   H    sing N N 177 
HIS N   H2   sing N N 178 
HIS CA  C    sing N N 179 
HIS CA  CB   sing N N 180 
HIS CA  HA   sing N N 181 
HIS C   O    doub N N 182 
HIS C   OXT  sing N N 183 
HIS CB  CG   sing N N 184 
HIS CB  HB2  sing N N 185 
HIS CB  HB3  sing N N 186 
HIS CG  ND1  sing Y N 187 
HIS CG  CD2  doub Y N 188 
HIS ND1 CE1  doub Y N 189 
HIS ND1 HD1  sing N N 190 
HIS CD2 NE2  sing Y N 191 
HIS CD2 HD2  sing N N 192 
HIS CE1 NE2  sing Y N 193 
HIS CE1 HE1  sing N N 194 
HIS NE2 HE2  sing N N 195 
HIS OXT HXT  sing N N 196 
HOH O   H1   sing N N 197 
HOH O   H2   sing N N 198 
ILE N   CA   sing N N 199 
ILE N   H    sing N N 200 
ILE N   H2   sing N N 201 
ILE CA  C    sing N N 202 
ILE CA  CB   sing N N 203 
ILE CA  HA   sing N N 204 
ILE C   O    doub N N 205 
ILE C   OXT  sing N N 206 
ILE CB  CG1  sing N N 207 
ILE CB  CG2  sing N N 208 
ILE CB  HB   sing N N 209 
ILE CG1 CD1  sing N N 210 
ILE CG1 HG12 sing N N 211 
ILE CG1 HG13 sing N N 212 
ILE CG2 HG21 sing N N 213 
ILE CG2 HG22 sing N N 214 
ILE CG2 HG23 sing N N 215 
ILE CD1 HD11 sing N N 216 
ILE CD1 HD12 sing N N 217 
ILE CD1 HD13 sing N N 218 
ILE OXT HXT  sing N N 219 
LEU N   CA   sing N N 220 
LEU N   H    sing N N 221 
LEU N   H2   sing N N 222 
LEU CA  C    sing N N 223 
LEU CA  CB   sing N N 224 
LEU CA  HA   sing N N 225 
LEU C   O    doub N N 226 
LEU C   OXT  sing N N 227 
LEU CB  CG   sing N N 228 
LEU CB  HB2  sing N N 229 
LEU CB  HB3  sing N N 230 
LEU CG  CD1  sing N N 231 
LEU CG  CD2  sing N N 232 
LEU CG  HG   sing N N 233 
LEU CD1 HD11 sing N N 234 
LEU CD1 HD12 sing N N 235 
LEU CD1 HD13 sing N N 236 
LEU CD2 HD21 sing N N 237 
LEU CD2 HD22 sing N N 238 
LEU CD2 HD23 sing N N 239 
LEU OXT HXT  sing N N 240 
LYS N   CA   sing N N 241 
LYS N   H    sing N N 242 
LYS N   H2   sing N N 243 
LYS CA  C    sing N N 244 
LYS CA  CB   sing N N 245 
LYS CA  HA   sing N N 246 
LYS C   O    doub N N 247 
LYS C   OXT  sing N N 248 
LYS CB  CG   sing N N 249 
LYS CB  HB2  sing N N 250 
LYS CB  HB3  sing N N 251 
LYS CG  CD   sing N N 252 
LYS CG  HG2  sing N N 253 
LYS CG  HG3  sing N N 254 
LYS CD  CE   sing N N 255 
LYS CD  HD2  sing N N 256 
LYS CD  HD3  sing N N 257 
LYS CE  NZ   sing N N 258 
LYS CE  HE2  sing N N 259 
LYS CE  HE3  sing N N 260 
LYS NZ  HZ1  sing N N 261 
LYS NZ  HZ2  sing N N 262 
LYS NZ  HZ3  sing N N 263 
LYS OXT HXT  sing N N 264 
MES O1  C2   sing N N 265 
MES O1  C6   sing N N 266 
MES C2  C3   sing N N 267 
MES C2  H21  sing N N 268 
MES C2  H22  sing N N 269 
MES C3  N4   sing N N 270 
MES C3  H31  sing N N 271 
MES C3  H32  sing N N 272 
MES N4  C5   sing N N 273 
MES N4  C7   sing N N 274 
MES N4  HN4  sing N N 275 
MES C5  C6   sing N N 276 
MES C5  H51  sing N N 277 
MES C5  H52  sing N N 278 
MES C6  H61  sing N N 279 
MES C6  H62  sing N N 280 
MES C7  C8   sing N N 281 
MES C7  H71  sing N N 282 
MES C7  H72  sing N N 283 
MES C8  S    sing N N 284 
MES C8  H81  sing N N 285 
MES C8  H82  sing N N 286 
MES S   O1S  doub N N 287 
MES S   O2S  doub N N 288 
MES S   O3S  sing N N 289 
MET N   CA   sing N N 290 
MET N   H    sing N N 291 
MET N   H2   sing N N 292 
MET CA  C    sing N N 293 
MET CA  CB   sing N N 294 
MET CA  HA   sing N N 295 
MET C   O    doub N N 296 
MET C   OXT  sing N N 297 
MET CB  CG   sing N N 298 
MET CB  HB2  sing N N 299 
MET CB  HB3  sing N N 300 
MET CG  SD   sing N N 301 
MET CG  HG2  sing N N 302 
MET CG  HG3  sing N N 303 
MET SD  CE   sing N N 304 
MET CE  HE1  sing N N 305 
MET CE  HE2  sing N N 306 
MET CE  HE3  sing N N 307 
MET OXT HXT  sing N N 308 
PHE N   CA   sing N N 309 
PHE N   H    sing N N 310 
PHE N   H2   sing N N 311 
PHE CA  C    sing N N 312 
PHE CA  CB   sing N N 313 
PHE CA  HA   sing N N 314 
PHE C   O    doub N N 315 
PHE C   OXT  sing N N 316 
PHE CB  CG   sing N N 317 
PHE CB  HB2  sing N N 318 
PHE CB  HB3  sing N N 319 
PHE CG  CD1  doub Y N 320 
PHE CG  CD2  sing Y N 321 
PHE CD1 CE1  sing Y N 322 
PHE CD1 HD1  sing N N 323 
PHE CD2 CE2  doub Y N 324 
PHE CD2 HD2  sing N N 325 
PHE CE1 CZ   doub Y N 326 
PHE CE1 HE1  sing N N 327 
PHE CE2 CZ   sing Y N 328 
PHE CE2 HE2  sing N N 329 
PHE CZ  HZ   sing N N 330 
PHE OXT HXT  sing N N 331 
PRO N   CA   sing N N 332 
PRO N   CD   sing N N 333 
PRO N   H    sing N N 334 
PRO CA  C    sing N N 335 
PRO CA  CB   sing N N 336 
PRO CA  HA   sing N N 337 
PRO C   O    doub N N 338 
PRO C   OXT  sing N N 339 
PRO CB  CG   sing N N 340 
PRO CB  HB2  sing N N 341 
PRO CB  HB3  sing N N 342 
PRO CG  CD   sing N N 343 
PRO CG  HG2  sing N N 344 
PRO CG  HG3  sing N N 345 
PRO CD  HD2  sing N N 346 
PRO CD  HD3  sing N N 347 
PRO OXT HXT  sing N N 348 
SER N   CA   sing N N 349 
SER N   H    sing N N 350 
SER N   H2   sing N N 351 
SER CA  C    sing N N 352 
SER CA  CB   sing N N 353 
SER CA  HA   sing N N 354 
SER C   O    doub N N 355 
SER C   OXT  sing N N 356 
SER CB  OG   sing N N 357 
SER CB  HB2  sing N N 358 
SER CB  HB3  sing N N 359 
SER OG  HG   sing N N 360 
SER OXT HXT  sing N N 361 
SO4 S   O1   doub N N 362 
SO4 S   O2   doub N N 363 
SO4 S   O3   sing N N 364 
SO4 S   O4   sing N N 365 
THR N   CA   sing N N 366 
THR N   H    sing N N 367 
THR N   H2   sing N N 368 
THR CA  C    sing N N 369 
THR CA  CB   sing N N 370 
THR CA  HA   sing N N 371 
THR C   O    doub N N 372 
THR C   OXT  sing N N 373 
THR CB  OG1  sing N N 374 
THR CB  CG2  sing N N 375 
THR CB  HB   sing N N 376 
THR OG1 HG1  sing N N 377 
THR CG2 HG21 sing N N 378 
THR CG2 HG22 sing N N 379 
THR CG2 HG23 sing N N 380 
THR OXT HXT  sing N N 381 
TYR N   CA   sing N N 382 
TYR N   H    sing N N 383 
TYR N   H2   sing N N 384 
TYR CA  C    sing N N 385 
TYR CA  CB   sing N N 386 
TYR CA  HA   sing N N 387 
TYR C   O    doub N N 388 
TYR C   OXT  sing N N 389 
TYR CB  CG   sing N N 390 
TYR CB  HB2  sing N N 391 
TYR CB  HB3  sing N N 392 
TYR CG  CD1  doub Y N 393 
TYR CG  CD2  sing Y N 394 
TYR CD1 CE1  sing Y N 395 
TYR CD1 HD1  sing N N 396 
TYR CD2 CE2  doub Y N 397 
TYR CD2 HD2  sing N N 398 
TYR CE1 CZ   doub Y N 399 
TYR CE1 HE1  sing N N 400 
TYR CE2 CZ   sing Y N 401 
TYR CE2 HE2  sing N N 402 
TYR CZ  OH   sing N N 403 
TYR OH  HH   sing N N 404 
TYR OXT HXT  sing N N 405 
VAL N   CA   sing N N 406 
VAL N   H    sing N N 407 
VAL N   H2   sing N N 408 
VAL CA  C    sing N N 409 
VAL CA  CB   sing N N 410 
VAL CA  HA   sing N N 411 
VAL C   O    doub N N 412 
VAL C   OXT  sing N N 413 
VAL CB  CG1  sing N N 414 
VAL CB  CG2  sing N N 415 
VAL CB  HB   sing N N 416 
VAL CG1 HG11 sing N N 417 
VAL CG1 HG12 sing N N 418 
VAL CG1 HG13 sing N N 419 
VAL CG2 HG21 sing N N 420 
VAL CG2 HG22 sing N N 421 
VAL CG2 HG23 sing N N 422 
VAL OXT HXT  sing N N 423 
# 
_atom_sites.entry_id                    4NP3 
_atom_sites.fract_transf_matrix[1][1]   -0.00433574 
_atom_sites.fract_transf_matrix[1][2]   0.03265191 
_atom_sites.fract_transf_matrix[1][3]   0.01580582 
_atom_sites.fract_transf_matrix[2][1]   0.00710976 
_atom_sites.fract_transf_matrix[2][2]   -0.00353624 
_atom_sites.fract_transf_matrix[2][3]   0.00925550 
_atom_sites.fract_transf_matrix[3][1]   0.02314548 
_atom_sites.fract_transf_matrix[3][2]   0.02554700 
_atom_sites.fract_transf_matrix[3][3]   -0.00801886 
_atom_sites.fract_transf_vector[1]      0.088117 
_atom_sites.fract_transf_vector[2]      -0.002715 
_atom_sites.fract_transf_vector[3]      0.072950 
# 
loop_
_atom_type.symbol 
C 
N 
O 
S 
# 
loop_
_atom_site.group_PDB 
_atom_site.id 
_atom_site.type_symbol 
_atom_site.label_atom_id 
_atom_site.label_alt_id 
_atom_site.label_comp_id 
_atom_site.label_asym_id 
_atom_site.label_entity_id 
_atom_site.label_seq_id 
_atom_site.pdbx_PDB_ins_code 
_atom_site.Cartn_x 
_atom_site.Cartn_y 
_atom_site.Cartn_z 
_atom_site.occupancy 
_atom_site.B_iso_or_equiv 
_atom_site.pdbx_formal_charge 
_atom_site.auth_seq_id 
_atom_site.auth_comp_id 
_atom_site.auth_asym_id 
_atom_site.auth_atom_id 
_atom_site.pdbx_PDB_model_num 
ATOM   1    N N   . ASN A 1 1   ? 1.916   7.391   20.739  1.00 23.90 ? 24  ASN A N   1 
ATOM   2    C CA  . ASN A 1 1   ? 2.851   6.766   19.745  1.00 22.85 ? 24  ASN A CA  1 
ATOM   3    C C   . ASN A 1 1   ? 2.014   5.832   18.875  1.00 21.38 ? 24  ASN A C   1 
ATOM   4    O O   . ASN A 1 1   ? 1.811   4.661   19.223  1.00 20.46 ? 24  ASN A O   1 
ATOM   5    C CB  . ASN A 1 1   ? 3.970   5.995   20.467  1.00 23.90 ? 24  ASN A CB  1 
ATOM   6    C CG  . ASN A 1 1   ? 5.182   5.743   19.587  1.00 25.14 ? 24  ASN A CG  1 
ATOM   7    O OD1 . ASN A 1 1   ? 6.247   5.372   20.079  1.00 25.34 ? 24  ASN A OD1 1 
ATOM   8    N ND2 . ASN A 1 1   ? 5.031   5.950   18.278  1.00 28.53 ? 24  ASN A ND2 1 
ATOM   9    N N   . GLN A 1 2   ? 1.463   6.387   17.791  1.00 19.44 ? 25  GLN A N   1 
ATOM   10   C CA  . GLN A 1 2   ? 0.351   5.747   17.095  1.00 18.68 ? 25  GLN A CA  1 
ATOM   11   C C   . GLN A 1 2   ? 0.450   5.996   15.584  1.00 16.80 ? 25  GLN A C   1 
ATOM   12   O O   . GLN A 1 2   ? 0.708   7.118   15.151  1.00 17.07 ? 25  GLN A O   1 
ATOM   13   C CB  . GLN A 1 2   ? -0.982  6.286   17.645  1.00 19.65 ? 25  GLN A CB  1 
ATOM   14   C CG  . GLN A 1 2   ? -2.153  5.301   17.644  1.00 24.05 ? 25  GLN A CG  1 
ATOM   15   C CD  . GLN A 1 2   ? -2.728  5.042   16.265  1.00 28.73 ? 25  GLN A CD  1 
ATOM   16   O OE1 . GLN A 1 2   ? -3.008  5.975   15.500  1.00 29.39 ? 25  GLN A OE1 1 
ATOM   17   N NE2 . GLN A 1 2   ? -2.916  3.759   15.940  1.00 26.98 ? 25  GLN A NE2 1 
ATOM   18   N N   . ILE A 1 3   ? 0.265   4.941   14.795  1.00 14.46 ? 26  ILE A N   1 
ATOM   19   C CA  . ILE A 1 3   ? 0.274   5.044   13.331  1.00 13.32 ? 26  ILE A CA  1 
ATOM   20   C C   . ILE A 1 3   ? -0.977  4.364   12.809  1.00 12.66 ? 26  ILE A C   1 
ATOM   21   O O   . ILE A 1 3   ? -1.282  3.222   13.198  1.00 14.03 ? 26  ILE A O   1 
ATOM   22   C CB  . ILE A 1 3   ? 1.501   4.325   12.717  1.00 12.98 ? 26  ILE A CB  1 
ATOM   23   C CG1 . ILE A 1 3   ? 2.786   5.061   13.143  1.00 14.22 ? 26  ILE A CG1 1 
ATOM   24   C CG2 . ILE A 1 3   ? 1.387   4.228   11.201  1.00 15.00 ? 26  ILE A CG2 1 
ATOM   25   C CD1 . ILE A 1 3   ? 4.087   4.337   12.798  1.00 14.60 ? 26  ILE A CD1 1 
ATOM   26   N N   . ASP A 1 4   ? -1.724  5.081   11.981  1.00 11.09 ? 27  ASP A N   1 
ATOM   27   C CA  . ASP A 1 4   ? -2.824  4.482   11.202  1.00 11.28 ? 27  ASP A CA  1 
ATOM   28   C C   . ASP A 1 4   ? -2.272  4.032   9.846   1.00 10.39 ? 27  ASP A C   1 
ATOM   29   O O   . ASP A 1 4   ? -1.552  4.787   9.195   1.00 10.64 ? 27  ASP A O   1 
ATOM   30   C CB  . ASP A 1 4   ? -3.946  5.497   10.885  1.00 11.72 ? 27  ASP A CB  1 
ATOM   31   C CG  . ASP A 1 4   ? -4.903  5.778   12.075  1.00 15.35 ? 27  ASP A CG  1 
ATOM   32   O OD1 . ASP A 1 4   ? -4.934  5.067   13.078  1.00 15.26 ? 27  ASP A OD1 1 
ATOM   33   O OD2 . ASP A 1 4   ? -5.666  6.768   11.975  1.00 21.34 ? 27  ASP A OD2 1 
ATOM   34   N N   . LEU A 1 5   ? -2.618  2.813   9.435   1.00 9.16  ? 28  LEU A N   1 
ATOM   35   C CA  . LEU A 1 5   ? -2.317  2.312   8.080   1.00 9.05  ? 28  LEU A CA  1 
ATOM   36   C C   . LEU A 1 5   ? -3.666  2.028   7.402   1.00 8.25  ? 28  LEU A C   1 
ATOM   37   O O   . LEU A 1 5   ? -4.341  1.037   7.737   1.00 9.07  ? 28  LEU A O   1 
ATOM   38   C CB  . LEU A 1 5   ? -1.469  1.020   8.125   1.00 9.10  ? 28  LEU A CB  1 
ATOM   39   C CG  . LEU A 1 5   ? -0.114  1.189   8.824   1.00 8.53  ? 28  LEU A CG  1 
ATOM   40   C CD1 . LEU A 1 5   ? 0.559   -0.152  9.008   1.00 11.85 ? 28  LEU A CD1 1 
ATOM   41   C CD2 . LEU A 1 5   ? 0.800   2.144   8.011   1.00 10.06 ? 28  LEU A CD2 1 
ATOM   42   N N   . ASN A 1 6   ? -4.037  2.880   6.445   1.00 7.29  ? 29  ASN A N   1 
ATOM   43   C CA  . ASN A 1 6   ? -5.289  2.730   5.709   1.00 7.60  ? 29  ASN A CA  1 
ATOM   44   C C   . ASN A 1 6   ? -5.059  1.804   4.530   1.00 7.73  ? 29  ASN A C   1 
ATOM   45   O O   . ASN A 1 6   ? -4.173  2.073   3.718   1.00 7.76  ? 29  ASN A O   1 
ATOM   46   C CB  . ASN A 1 6   ? -5.824  4.082   5.199   1.00 8.05  ? 29  ASN A CB  1 
ATOM   47   C CG  . ASN A 1 6   ? -6.037  5.101   6.305   1.00 9.02  ? 29  ASN A CG  1 
ATOM   48   O OD1 . ASN A 1 6   ? -6.248  4.747   7.472   1.00 11.10 ? 29  ASN A OD1 1 
ATOM   49   N ND2 . ASN A 1 6   ? -5.915  6.388   5.955   1.00 9.26  ? 29  ASN A ND2 1 
ATOM   50   N N   . VAL A 1 7   ? -5.821  0.730   4.446   1.00 7.92  ? 30  VAL A N   1 
ATOM   51   C CA  . VAL A 1 7   ? -5.601  -0.263  3.382   1.00 8.22  ? 30  VAL A CA  1 
ATOM   52   C C   . VAL A 1 7   ? -6.813  -0.399  2.444   1.00 8.60  ? 30  VAL A C   1 
ATOM   53   O O   . VAL A 1 7   ? -7.975  -0.181  2.836   1.00 8.52  ? 30  VAL A O   1 
ATOM   54   C CB  . VAL A 1 7   ? -5.227  -1.631  3.957   1.00 7.98  ? 30  VAL A CB  1 
ATOM   55   C CG1 . VAL A 1 7   ? -3.945  -1.517  4.788   1.00 8.95  ? 30  VAL A CG1 1 
ATOM   56   C CG2 . VAL A 1 7   ? -6.370  -2.205  4.818   1.00 7.94  ? 30  VAL A CG2 1 
ATOM   57   N N   . THR A 1 8   ? -6.535  -0.821  1.225   1.00 8.14  ? 31  THR A N   1 
ATOM   58   C CA  . THR A 1 8   ? -7.585  -1.086  0.239   1.00 7.78  ? 31  THR A CA  1 
ATOM   59   C C   . THR A 1 8   ? -7.881  -2.573  0.083   1.00 7.32  ? 31  THR A C   1 
ATOM   60   O O   . THR A 1 8   ? -7.169  -3.419  0.615   1.00 7.66  ? 31  THR A O   1 
ATOM   61   C CB  . THR A 1 8   ? -7.229  -0.534  -1.178  1.00 7.82  ? 31  THR A CB  1 
ATOM   62   O OG1 . THR A 1 8   ? -6.122  -1.258  -1.734  1.00 7.68  ? 31  THR A OG1 1 
ATOM   63   C CG2 . THR A 1 8   ? -6.876  0.938   -1.124  1.00 7.89  ? 31  THR A CG2 1 
ATOM   64   N N   . CYS A 1 9   ? -8.925  -2.853  -0.692  1.00 7.66  ? 32  CYS A N   1 
ATOM   65   C CA  . CYS A 1 9   ? -9.106  -4.174  -1.312  1.00 7.55  ? 32  CYS A CA  1 
ATOM   66   C C   . CYS A 1 9   ? -7.833  -4.620  -1.998  1.00 7.83  ? 32  CYS A C   1 
ATOM   67   O O   . CYS A 1 9   ? -7.056  -3.788  -2.493  1.00 8.07  ? 32  CYS A O   1 
ATOM   68   C CB  . CYS A 1 9   ? -10.162 -4.059  -2.420  1.00 8.08  ? 32  CYS A CB  1 
ATOM   69   S SG  . CYS A 1 9   ? -11.800 -3.500  -1.823  1.00 11.21 ? 32  CYS A SG  1 
ATOM   70   N N   . ARG A 1 10  ? -7.655  -5.940  -2.070  1.00 8.03  ? 33  ARG A N   1 
ATOM   71   C CA  . ARG A 1 10  ? -6.587  -6.533  -2.869  1.00 7.56  ? 33  ARG A CA  1 
ATOM   72   C C   . ARG A 1 10  ? -7.140  -6.917  -4.241  1.00 7.88  ? 33  ARG A C   1 
ATOM   73   O O   . ARG A 1 10  ? -8.274  -7.368  -4.375  1.00 8.87  ? 33  ARG A O   1 
ATOM   74   C CB  . ARG A 1 10  ? -6.004  -7.788  -2.199  1.00 7.60  ? 33  ARG A CB  1 
ATOM   75   C CG  . ARG A 1 10  ? -4.927  -7.539  -1.126  1.00 7.75  ? 33  ARG A CG  1 
ATOM   76   C CD  . ARG A 1 10  ? -5.508  -6.848  0.112   1.00 10.01 ? 33  ARG A CD  1 
ATOM   77   N NE  . ARG A 1 10  ? -6.481  -7.732  0.753   1.00 9.21  ? 33  ARG A NE  1 
ATOM   78   C CZ  . ARG A 1 10  ? -7.597  -7.356  1.378   1.00 12.21 ? 33  ARG A CZ  1 
ATOM   79   N NH1 . ARG A 1 10  ? -8.368  -8.309  1.913   1.00 10.84 ? 33  ARG A NH1 1 
ATOM   80   N NH2 . ARG A 1 10  ? -7.958  -6.068  1.473   1.00 10.79 ? 33  ARG A NH2 1 
ATOM   81   N N   . TYR A 1 11  ? -6.307  -6.738  -5.262  1.00 6.94  ? 34  TYR A N   1 
ATOM   82   C CA  . TYR A 1 11  ? -6.657  -7.142  -6.620  1.00 7.72  ? 34  TYR A CA  1 
ATOM   83   C C   . TYR A 1 11  ? -5.520  -7.970  -7.166  1.00 7.19  ? 34  TYR A C   1 
ATOM   84   O O   . TYR A 1 11  ? -4.420  -7.466  -7.383  1.00 7.61  ? 34  TYR A O   1 
ATOM   85   C CB  . TYR A 1 11  ? -6.875  -5.912  -7.511  1.00 7.45  ? 34  TYR A CB  1 
ATOM   86   C CG  . TYR A 1 11  ? -8.139  -5.202  -7.171  1.00 9.21  ? 34  TYR A CG  1 
ATOM   87   C CD1 . TYR A 1 11  ? -9.328  -5.522  -7.833  1.00 12.47 ? 34  TYR A CD1 1 
ATOM   88   C CD2 . TYR A 1 11  ? -8.160  -4.237  -6.159  1.00 14.11 ? 34  TYR A CD2 1 
ATOM   89   C CE1 . TYR A 1 11  ? -10.485 -4.876  -7.535  1.00 16.64 ? 34  TYR A CE1 1 
ATOM   90   C CE2 . TYR A 1 11  ? -9.348  -3.582  -5.853  1.00 16.00 ? 34  TYR A CE2 1 
ATOM   91   C CZ  . TYR A 1 11  ? -10.497 -3.925  -6.543  1.00 16.22 ? 34  TYR A CZ  1 
ATOM   92   O OH  . TYR A 1 11  ? -11.717 -3.312  -6.263  1.00 20.88 ? 34  TYR A OH  1 
ATOM   93   N N   . ALA A 1 12  ? -5.763  -9.264  -7.397  1.00 7.14  ? 35  ALA A N   1 
ATOM   94   C CA  . ALA A 1 12  ? -4.643  -10.150 -7.726  1.00 6.49  ? 35  ALA A CA  1 
ATOM   95   C C   . ALA A 1 12  ? -3.474  -9.973  -6.730  1.00 6.45  ? 35  ALA A C   1 
ATOM   96   O O   . ALA A 1 12  ? -2.304  -9.926  -7.101  1.00 6.54  ? 35  ALA A O   1 
ATOM   97   C CB  . ALA A 1 12  ? -4.202  -9.969  -9.241  1.00 8.05  ? 35  ALA A CB  1 
ATOM   98   N N   . GLY A 1 13  ? -3.814  -9.802  -5.461  1.00 6.10  ? 36  GLY A N   1 
ATOM   99   C CA  . GLY A 1 13  ? -2.782  -9.686  -4.415  1.00 6.06  ? 36  GLY A CA  1 
ATOM   100  C C   . GLY A 1 13  ? -2.236  -8.283  -4.168  1.00 6.46  ? 36  GLY A C   1 
ATOM   101  O O   . GLY A 1 13  ? -1.534  -8.073  -3.192  1.00 7.38  ? 36  GLY A O   1 
ATOM   102  N N   . VAL A 1 14  ? -2.551  -7.340  -5.052  1.00 7.92  ? 37  VAL A N   1 
ATOM   103  C CA  . VAL A 1 14  ? -2.004  -5.987  -4.966  1.00 7.35  ? 37  VAL A CA  1 
ATOM   104  C C   . VAL A 1 14  ? -2.984  -5.065  -4.225  1.00 8.11  ? 37  VAL A C   1 
ATOM   105  O O   . VAL A 1 14  ? -4.169  -5.037  -4.540  1.00 7.36  ? 37  VAL A O   1 
ATOM   106  C CB  . VAL A 1 14  ? -1.691  -5.415  -6.389  1.00 8.48  ? 37  VAL A CB  1 
ATOM   107  C CG1 . VAL A 1 14  ? -1.134  -4.004  -6.306  1.00 8.48  ? 37  VAL A CG1 1 
ATOM   108  C CG2 . VAL A 1 14  ? -0.713  -6.326  -7.129  1.00 7.79  ? 37  VAL A CG2 1 
ATOM   109  N N   . PHE A 1 15  ? -2.457  -4.310  -3.254  1.00 7.95  ? 38  PHE A N   1 
ATOM   110  C CA  . PHE A 1 15  ? -3.255  -3.333  -2.526  1.00 7.77  ? 38  PHE A CA  1 
ATOM   111  C C   . PHE A 1 15  ? -2.468  -2.074  -2.268  1.00 7.14  ? 38  PHE A C   1 
ATOM   112  O O   . PHE A 1 15  ? -1.257  -2.042  -2.398  1.00 6.54  ? 38  PHE A O   1 
ATOM   113  C CB  . PHE A 1 15  ? -3.804  -3.895  -1.195  1.00 7.72  ? 38  PHE A CB  1 
ATOM   114  C CG  . PHE A 1 15  ? -2.757  -4.387  -0.231  1.00 7.92  ? 38  PHE A CG  1 
ATOM   115  C CD1 . PHE A 1 15  ? -2.532  -3.716  0.978   1.00 7.99  ? 38  PHE A CD1 1 
ATOM   116  C CD2 . PHE A 1 15  ? -2.032  -5.579  -0.472  1.00 6.74  ? 38  PHE A CD2 1 
ATOM   117  C CE1 . PHE A 1 15  ? -1.614  -4.192  1.896   1.00 9.56  ? 38  PHE A CE1 1 
ATOM   118  C CE2 . PHE A 1 15  ? -1.079  -6.046  0.459   1.00 9.38  ? 38  PHE A CE2 1 
ATOM   119  C CZ  . PHE A 1 15  ? -0.874  -5.353  1.638   1.00 11.24 ? 38  PHE A CZ  1 
ATOM   120  N N   . HIS A 1 16  ? -3.197  -1.033  -1.890  1.00 7.37  ? 39  HIS A N   1 
ATOM   121  C CA  . HIS A 1 16  ? -2.620  0.279   -1.583  1.00 7.08  ? 39  HIS A CA  1 
ATOM   122  C C   . HIS A 1 16  ? -2.634  0.485   -0.064  1.00 7.31  ? 39  HIS A C   1 
ATOM   123  O O   . HIS A 1 16  ? -3.612  0.129   0.604   1.00 6.82  ? 39  HIS A O   1 
ATOM   124  C CB  . HIS A 1 16  ? -3.463  1.353   -2.290  1.00 7.02  ? 39  HIS A CB  1 
ATOM   125  C CG  . HIS A 1 16  ? -3.190  2.758   -1.850  1.00 7.28  ? 39  HIS A CG  1 
ATOM   126  N ND1 . HIS A 1 16  ? -4.027  3.444   -0.990  1.00 10.23 ? 39  HIS A ND1 1 
ATOM   127  C CD2 . HIS A 1 16  ? -2.199  3.619   -2.182  1.00 7.10  ? 39  HIS A CD2 1 
ATOM   128  C CE1 . HIS A 1 16  ? -3.560  4.672   -0.812  1.00 7.30  ? 39  HIS A CE1 1 
ATOM   129  N NE2 . HIS A 1 16  ? -2.450  4.805   -1.528  1.00 6.79  ? 39  HIS A NE2 1 
ATOM   130  N N   . VAL A 1 17  ? -1.553  1.037   0.482   1.00 7.68  ? 40  VAL A N   1 
ATOM   131  C CA  . VAL A 1 17  ? -1.469  1.395   1.896   1.00 7.78  ? 40  VAL A CA  1 
ATOM   132  C C   . VAL A 1 17  ? -1.013  2.840   1.997   1.00 7.62  ? 40  VAL A C   1 
ATOM   133  O O   . VAL A 1 17  ? -0.029  3.238   1.354   1.00 7.67  ? 40  VAL A O   1 
ATOM   134  C CB  . VAL A 1 17  ? -0.425  0.521   2.642   1.00 8.01  ? 40  VAL A CB  1 
ATOM   135  C CG1 . VAL A 1 17  ? -0.515  0.785   4.195   1.00 9.78  ? 40  VAL A CG1 1 
ATOM   136  C CG2 . VAL A 1 17  ? -0.648  -0.931  2.365   1.00 11.06 ? 40  VAL A CG2 1 
ATOM   137  N N   . GLU A 1 18  ? -1.712  3.618   2.834   1.00 6.95  ? 41  GLU A N   1 
ATOM   138  C CA  . GLU A 1 18  ? -1.260  4.968   3.147   1.00 7.53  ? 41  GLU A CA  1 
ATOM   139  C C   . GLU A 1 18  ? -1.120  5.154   4.638   1.00 8.39  ? 41  GLU A C   1 
ATOM   140  O O   . GLU A 1 18  ? -1.921  4.603   5.399   1.00 7.85  ? 41  GLU A O   1 
ATOM   141  C CB  . GLU A 1 18  ? -2.188  6.012   2.533   1.00 7.41  ? 41  GLU A CB  1 
ATOM   142  C CG  . GLU A 1 18  ? -3.536  5.976   3.148   1.00 7.28  ? 41  GLU A CG  1 
ATOM   143  C CD  . GLU A 1 18  ? -4.553  6.883   2.515   1.00 10.96 ? 41  GLU A CD  1 
ATOM   144  O OE1 . GLU A 1 18  ? -4.350  7.423   1.413   1.00 12.56 ? 41  GLU A OE1 1 
ATOM   145  O OE2 . GLU A 1 18  ? -5.609  7.025   3.166   1.00 10.22 ? 41  GLU A OE2 1 
ATOM   146  N N   . LYS A 1 19  ? -0.108  5.906   5.055   1.00 8.91  ? 42  LYS A N   1 
ATOM   147  C CA  . LYS A 1 19  ? 0.148   6.121   6.489   1.00 10.11 ? 42  LYS A CA  1 
ATOM   148  C C   . LYS A 1 19  ? -0.556  7.397   6.946   1.00 9.92  ? 42  LYS A C   1 
ATOM   149  O O   . LYS A 1 19  ? -0.357  8.456   6.349   1.00 9.99  ? 42  LYS A O   1 
ATOM   150  C CB  . LYS A 1 19  ? 1.671   6.180   6.761   1.00 9.91  ? 42  LYS A CB  1 
ATOM   151  C CG  . LYS A 1 19  ? 1.993   6.469   8.233   1.00 12.94 ? 42  LYS A CG  1 
ATOM   152  C CD  . LYS A 1 19  ? 3.495   6.322   8.474   1.00 13.06 ? 42  LYS A CD  1 
ATOM   153  C CE  . LYS A 1 19  ? 4.282   7.424   7.834   1.00 16.11 ? 42  LYS A CE  1 
ATOM   154  N NZ  . LYS A 1 19  ? 5.759   7.213   8.225   1.00 18.10 ? 42  LYS A NZ  1 
ATOM   155  N N   . ASN A 1 20  ? -1.428  7.292   7.959   1.00 9.91  ? 43  ASN A N   1 
ATOM   156  C CA  . ASN A 1 20  ? -2.149  8.459   8.506   1.00 10.61 ? 43  ASN A CA  1 
ATOM   157  C C   . ASN A 1 20  ? -2.928  9.270   7.466   1.00 11.24 ? 43  ASN A C   1 
ATOM   158  O O   . ASN A 1 20  ? -3.210  10.453  7.691   1.00 13.06 ? 43  ASN A O   1 
ATOM   159  C CB  . ASN A 1 20  ? -1.188  9.345   9.326   1.00 11.17 ? 43  ASN A CB  1 
ATOM   160  C CG  . ASN A 1 20  ? -0.569  8.590   10.502  1.00 12.01 ? 43  ASN A CG  1 
ATOM   161  O OD1 . ASN A 1 20  ? -1.250  7.823   11.179  1.00 10.73 ? 43  ASN A OD1 1 
ATOM   162  N ND2 . ASN A 1 20  ? 0.728   8.786   10.725  1.00 12.22 ? 43  ASN A ND2 1 
ATOM   163  N N   . GLY A 1 21  ? -3.298  8.611   6.361   1.00 10.71 ? 44  GLY A N   1 
ATOM   164  C CA  . GLY A 1 21  ? -4.119  9.191   5.317   1.00 10.81 ? 44  GLY A CA  1 
ATOM   165  C C   . GLY A 1 21  ? -3.511  10.347  4.526   1.00 10.87 ? 44  GLY A C   1 
ATOM   166  O O   . GLY A 1 21  ? -4.255  11.095  3.851   1.00 10.91 ? 44  GLY A O   1 
ATOM   167  N N   . ARG A 1 22  ? -2.172  10.472  4.582   1.00 11.39 ? 45  ARG A N   1 
ATOM   168  C CA  . ARG A 1 22  ? -1.435  11.552  3.926   1.00 11.48 ? 45  ARG A CA  1 
ATOM   169  C C   . ARG A 1 22  ? -0.114  10.984  3.381   1.00 9.77  ? 45  ARG A C   1 
ATOM   170  O O   . ARG A 1 22  ? 0.470   10.040  3.961   1.00 9.58  ? 45  ARG A O   1 
ATOM   171  C CB  . ARG A 1 22  ? -1.171  12.687  4.939   1.00 11.87 ? 45  ARG A CB  1 
ATOM   172  C CG  . ARG A 1 22  ? -0.279  12.310  6.122   1.00 17.03 ? 45  ARG A CG  1 
ATOM   173  C CD  . ARG A 1 22  ? -0.090  13.502  7.087   1.00 23.93 ? 45  ARG A CD  1 
ATOM   174  N NE  . ARG A 1 22  ? 0.869   13.190  8.163   1.00 28.08 ? 45  ARG A NE  1 
ATOM   175  C CZ  . ARG A 1 22  ? 0.558   13.053  9.454   1.00 30.79 ? 45  ARG A CZ  1 
ATOM   176  N NH1 . ARG A 1 22  ? -0.695  13.196  9.881   1.00 30.74 ? 45  ARG A NH1 1 
ATOM   177  N NH2 . ARG A 1 22  ? 1.513   12.775  10.339  1.00 33.88 ? 45  ARG A NH2 1 
ATOM   178  N N   . TYR A 1 23  ? 0.371   11.549  2.282   1.00 8.98  ? 46  TYR A N   1 
ATOM   179  C CA  . TYR A 1 23  ? 1.624   11.066  1.704   1.00 8.56  ? 46  TYR A CA  1 
ATOM   180  C C   . TYR A 1 23  ? 2.736   11.228  2.712   1.00 9.09  ? 46  TYR A C   1 
ATOM   181  O O   . TYR A 1 23  ? 3.050   12.363  3.122   1.00 9.58  ? 46  TYR A O   1 
ATOM   182  C CB  . TYR A 1 23  ? 1.995   11.881  0.461   1.00 8.73  ? 46  TYR A CB  1 
ATOM   183  C CG  . TYR A 1 23  ? 1.092   11.661  -0.737  1.00 7.29  ? 46  TYR A CG  1 
ATOM   184  C CD1 . TYR A 1 23  ? 0.911   10.378  -1.275  1.00 7.73  ? 46  TYR A CD1 1 
ATOM   185  C CD2 . TYR A 1 23  ? 0.461   12.742  -1.365  1.00 8.36  ? 46  TYR A CD2 1 
ATOM   186  C CE1 . TYR A 1 23  ? 0.088   10.188  -2.399  1.00 7.71  ? 46  TYR A CE1 1 
ATOM   187  C CE2 . TYR A 1 23  ? -0.340  12.559  -2.524  1.00 7.40  ? 46  TYR A CE2 1 
ATOM   188  C CZ  . TYR A 1 23  ? -0.504  11.249  -3.022  1.00 8.33  ? 46  TYR A CZ  1 
ATOM   189  O OH  . TYR A 1 23  ? -1.292  11.006  -4.126  1.00 9.70  ? 46  TYR A OH  1 
ATOM   190  N N   . SER A 1 24  ? 3.342   10.126  3.126   1.00 8.60  ? 47  SER A N   1 
ATOM   191  C CA  . SER A 1 24  ? 4.299   10.199  4.241   1.00 9.14  ? 47  SER A CA  1 
ATOM   192  C C   . SER A 1 24  ? 5.230   9.005   4.348   1.00 9.17  ? 47  SER A C   1 
ATOM   193  O O   . SER A 1 24  ? 5.898   8.831   5.387   1.00 8.58  ? 47  SER A O   1 
ATOM   194  C CB  . SER A 1 24  ? 3.559   10.428  5.577   1.00 9.73  ? 47  SER A CB  1 
ATOM   195  O OG  . SER A 1 24  ? 2.577   9.417   5.843   1.00 10.88 ? 47  SER A OG  1 
ATOM   196  N N   . ILE A 1 25  ? 5.253   8.172   3.305   1.00 8.70  ? 48  ILE A N   1 
ATOM   197  C CA  . ILE A 1 25  ? 6.081   6.967   3.291   1.00 8.23  ? 48  ILE A CA  1 
ATOM   198  C C   . ILE A 1 25  ? 7.270   7.136   2.325   1.00 8.27  ? 48  ILE A C   1 
ATOM   199  O O   . ILE A 1 25  ? 7.088   7.431   1.147   1.00 9.04  ? 48  ILE A O   1 
ATOM   200  C CB  . ILE A 1 25  ? 5.242   5.742   2.886   1.00 7.79  ? 48  ILE A CB  1 
ATOM   201  C CG1 . ILE A 1 25  ? 4.043   5.561   3.840   1.00 6.72  ? 48  ILE A CG1 1 
ATOM   202  C CG2 . ILE A 1 25  ? 6.099   4.490   2.884   1.00 8.87  ? 48  ILE A CG2 1 
ATOM   203  C CD1 . ILE A 1 25  ? 2.986   4.514   3.282   1.00 6.27  ? 48  ILE A CD1 1 
ATOM   204  N N   . SER A 1 26  ? 8.468   6.892   2.841   1.00 8.44  ? 49  SER A N   1 
ATOM   205  C CA  . SER A 1 26  ? 9.703   6.902   2.023   1.00 9.33  ? 49  SER A CA  1 
ATOM   206  C C   . SER A 1 26  ? 9.854   5.575   1.289   1.00 10.02 ? 49  SER A C   1 
ATOM   207  O O   . SER A 1 26  ? 9.215   4.582   1.632   1.00 10.01 ? 49  SER A O   1 
ATOM   208  C CB  . SER A 1 26  ? 10.922  7.081   2.919   1.00 9.73  ? 49  SER A CB  1 
ATOM   209  O OG  . SER A 1 26  ? 11.121  5.910   3.735   1.00 11.06 ? 49  SER A OG  1 
ATOM   210  N N   . ARG A 1 27  ? 10.772  5.523   0.338   1.00 10.04 ? 50  ARG A N   1 
ATOM   211  C CA  . ARG A 1 27  ? 10.975  4.264   -0.389  1.00 11.07 ? 50  ARG A CA  1 
ATOM   212  C C   . ARG A 1 27  ? 11.467  3.131   0.522   1.00 11.52 ? 50  ARG A C   1 
ATOM   213  O O   . ARG A 1 27  ? 11.039  1.988   0.379   1.00 11.26 ? 50  ARG A O   1 
ATOM   214  C CB  . ARG A 1 27  ? 11.961  4.484   -1.553  1.00 12.70 ? 50  ARG A CB  1 
ATOM   215  C CG  . ARG A 1 27  ? 12.297  3.220   -2.339  1.00 15.93 ? 50  ARG A CG  1 
ATOM   216  C CD  . ARG A 1 27  ? 11.128  2.595   -3.043  1.00 22.52 ? 50  ARG A CD  1 
ATOM   217  N NE  . ARG A 1 27  ? 11.580  1.450   -3.840  1.00 27.64 ? 50  ARG A NE  1 
ATOM   218  C CZ  . ARG A 1 27  ? 12.054  0.310   -3.334  1.00 28.90 ? 50  ARG A CZ  1 
ATOM   219  N NH1 . ARG A 1 27  ? 12.148  0.133   -2.015  1.00 29.05 ? 50  ARG A NH1 1 
ATOM   220  N NH2 . ARG A 1 27  ? 12.443  -0.657  -4.151  1.00 26.91 ? 50  ARG A NH2 1 
ATOM   221  N N   . THR A 1 28  ? 12.367  3.436   1.446   1.00 11.62 ? 51  THR A N   1 
ATOM   222  C CA  . THR A 1 28  ? 12.801  2.392   2.396   1.00 11.95 ? 51  THR A CA  1 
ATOM   223  C C   . THR A 1 28  ? 11.681  1.956   3.338   1.00 11.88 ? 51  THR A C   1 
ATOM   224  O O   . THR A 1 28  ? 11.526  0.761   3.612   1.00 12.11 ? 51  THR A O   1 
ATOM   225  C CB  . THR A 1 28  ? 14.041  2.803   3.203   1.00 12.28 ? 51  THR A CB  1 
ATOM   226  O OG1 . THR A 1 28  ? 13.818  4.091   3.800   1.00 15.19 ? 51  THR A OG1 1 
ATOM   227  C CG2 . THR A 1 28  ? 15.261  2.854   2.281   1.00 14.04 ? 51  THR A CG2 1 
ATOM   228  N N   . GLU A 1 29  ? 10.885  2.918   3.801   1.00 9.72  ? 52  GLU A N   1 
ATOM   229  C CA  . GLU A 1 29  ? 9.760   2.594   4.658   1.00 9.33  ? 52  GLU A CA  1 
ATOM   230  C C   . GLU A 1 29  ? 8.740   1.718   3.915   1.00 10.00 ? 52  GLU A C   1 
ATOM   231  O O   . GLU A 1 29  ? 8.122   0.830   4.527   1.00 9.84  ? 52  GLU A O   1 
ATOM   232  C CB  . GLU A 1 29  ? 9.082   3.852   5.167   1.00 9.49  ? 52  GLU A CB  1 
ATOM   233  C CG  . GLU A 1 29  ? 7.992   3.552   6.176   1.00 11.53 ? 52  GLU A CG  1 
ATOM   234  C CD  . GLU A 1 29  ? 7.415   4.803   6.744   1.00 16.62 ? 52  GLU A CD  1 
ATOM   235  O OE1 . GLU A 1 29  ? 7.793   5.879   6.218   1.00 21.56 ? 52  GLU A OE1 1 
ATOM   236  O OE2 . GLU A 1 29  ? 6.567   4.702   7.665   1.00 16.08 ? 52  GLU A OE2 1 
ATOM   237  N N   . ALA A 1 30  ? 8.579   1.964   2.612   1.00 9.89  ? 53  ALA A N   1 
ATOM   238  C CA  . ALA A 1 30  ? 7.598   1.226   1.804   1.00 8.97  ? 53  ALA A CA  1 
ATOM   239  C C   . ALA A 1 30  ? 7.967   -0.249  1.762   1.00 9.13  ? 53  ALA A C   1 
ATOM   240  O O   . ALA A 1 30  ? 7.126   -1.117  2.000   1.00 8.34  ? 53  ALA A O   1 
ATOM   241  C CB  . ALA A 1 30  ? 7.541   1.795   0.416   1.00 7.59  ? 53  ALA A CB  1 
ATOM   242  N N   . ALA A 1 31  ? 9.240   -0.534  1.494   1.00 8.90  ? 54  ALA A N   1 
ATOM   243  C CA  . ALA A 1 31  ? 9.702   -1.911  1.510   1.00 9.45  ? 54  ALA A CA  1 
ATOM   244  C C   . ALA A 1 31  ? 9.467   -2.583  2.875   1.00 10.54 ? 54  ALA A C   1 
ATOM   245  O O   . ALA A 1 31  ? 8.993   -3.721  2.930   1.00 11.87 ? 54  ALA A O   1 
ATOM   246  C CB  . ALA A 1 31  ? 11.157  -1.973  1.112   1.00 9.59  ? 54  ALA A CB  1 
ATOM   247  N N   . ASP A 1 32  ? 9.748   -1.864  3.967   1.00 10.32 ? 55  ASP A N   1 
ATOM   248  C CA  . ASP A 1 32  ? 9.568   -2.439  5.308   1.00 9.98  ? 55  ASP A CA  1 
ATOM   249  C C   . ASP A 1 32  ? 8.093   -2.644  5.638   1.00 9.86  ? 55  ASP A C   1 
ATOM   250  O O   . ASP A 1 32  ? 7.715   -3.612  6.305   1.00 9.44  ? 55  ASP A O   1 
ATOM   251  C CB  . ASP A 1 32  ? 10.194  -1.511  6.338   1.00 9.84  ? 55  ASP A CB  1 
ATOM   252  C CG  . ASP A 1 32  ? 11.720  -1.567  6.342   1.00 11.22 ? 55  ASP A CG  1 
ATOM   253  O OD1 . ASP A 1 32  ? 12.320  -2.483  5.745   1.00 15.20 ? 55  ASP A OD1 1 
ATOM   254  O OD2 . ASP A 1 32  ? 12.298  -0.698  7.003   1.00 13.57 ? 55  ASP A OD2 1 
ATOM   255  N N   . LEU A 1 33  ? 7.254   -1.715  5.181   1.00 9.35  ? 56  LEU A N   1 
ATOM   256  C CA  . LEU A 1 33  ? 5.812   -1.831  5.412   1.00 9.57  ? 56  LEU A CA  1 
ATOM   257  C C   . LEU A 1 33  ? 5.253   -3.047  4.688   1.00 8.90  ? 56  LEU A C   1 
ATOM   258  O O   . LEU A 1 33  ? 4.538   -3.834  5.302   1.00 9.75  ? 56  LEU A O   1 
ATOM   259  C CB  . LEU A 1 33  ? 5.117   -0.563  4.933   1.00 9.21  ? 56  LEU A CB  1 
ATOM   260  C CG  . LEU A 1 33  ? 3.643   -0.400  5.177   1.00 10.97 ? 56  LEU A CG  1 
ATOM   261  C CD1 . LEU A 1 33  ? 3.269   -0.784  6.604   1.00 13.64 ? 56  LEU A CD1 1 
ATOM   262  C CD2 . LEU A 1 33  ? 3.264   1.064   4.876   1.00 11.11 ? 56  LEU A CD2 1 
ATOM   263  N N   . CYS A 1 34  ? 5.585   -3.209  3.384   1.00 8.96  ? 57  CYS A N   1 
ATOM   264  C CA  . CYS A 1 34  ? 5.142   -4.403  2.667   1.00 9.42  ? 57  CYS A CA  1 
ATOM   265  C C   . CYS A 1 34  ? 5.630   -5.664  3.360   1.00 10.29 ? 57  CYS A C   1 
ATOM   266  O O   . CYS A 1 34  ? 4.856   -6.611  3.511   1.00 10.80 ? 57  CYS A O   1 
ATOM   267  C CB  . CYS A 1 34  ? 5.538   -4.398  1.181   1.00 10.03 ? 57  CYS A CB  1 
ATOM   268  S SG  . CYS A 1 34  ? 4.734   -3.017  0.274   1.00 10.38 ? 57  CYS A SG  1 
ATOM   269  N N   A GLN A 1 35  ? 6.884   -5.664  3.803   0.50 10.23 ? 58  GLN A N   1 
ATOM   270  N N   B GLN A 1 35  ? 6.893   -5.665  3.798   0.50 10.30 ? 58  GLN A N   1 
ATOM   271  C CA  A GLN A 1 35  ? 7.412   -6.822  4.528   0.50 10.64 ? 58  GLN A CA  1 
ATOM   272  C CA  B GLN A 1 35  ? 7.435   -6.814  4.549   0.50 10.79 ? 58  GLN A CA  1 
ATOM   273  C C   A GLN A 1 35  ? 6.594   -7.172  5.780   0.50 10.45 ? 58  GLN A C   1 
ATOM   274  C C   B GLN A 1 35  ? 6.587   -7.171  5.776   0.50 10.52 ? 58  GLN A C   1 
ATOM   275  O O   A GLN A 1 35  ? 6.386   -8.348  6.086   0.50 10.56 ? 58  GLN A O   1 
ATOM   276  O O   B GLN A 1 35  ? 6.355   -8.347  6.061   0.50 10.60 ? 58  GLN A O   1 
ATOM   277  C CB  A GLN A 1 35  ? 8.873   -6.612  4.889   0.50 10.78 ? 58  GLN A CB  1 
ATOM   278  C CB  B GLN A 1 35  ? 8.887   -6.584  4.973   0.50 11.01 ? 58  GLN A CB  1 
ATOM   279  C CG  A GLN A 1 35  ? 9.569   -7.865  5.363   0.50 12.25 ? 58  GLN A CG  1 
ATOM   280  C CG  B GLN A 1 35  ? 9.421   -7.661  5.920   0.50 12.94 ? 58  GLN A CG  1 
ATOM   281  C CD  A GLN A 1 35  ? 11.068  -7.680  5.371   0.50 13.81 ? 58  GLN A CD  1 
ATOM   282  C CD  B GLN A 1 35  ? 9.470   -9.039  5.275   0.50 15.25 ? 58  GLN A CD  1 
ATOM   283  O OE1 A GLN A 1 35  ? 11.670  -7.405  6.411   0.50 18.96 ? 58  GLN A OE1 1 
ATOM   284  O OE1 B GLN A 1 35  ? 9.575   -10.054 5.965   0.50 18.66 ? 58  GLN A OE1 1 
ATOM   285  N NE2 A GLN A 1 35  ? 11.673  -7.779  4.194   0.50 16.29 ? 58  GLN A NE2 1 
ATOM   286  N NE2 B GLN A 1 35  ? 9.409   -9.078  3.955   0.50 16.79 ? 58  GLN A NE2 1 
ATOM   287  N N   . ALA A 1 36  ? 6.121   -6.149  6.486   1.00 10.53 ? 59  ALA A N   1 
ATOM   288  C CA  . ALA A 1 36  ? 5.279   -6.348  7.677   1.00 10.77 ? 59  ALA A CA  1 
ATOM   289  C C   . ALA A 1 36  ? 3.937   -7.005  7.355   1.00 10.97 ? 59  ALA A C   1 
ATOM   290  O O   . ALA A 1 36  ? 3.341   -7.662  8.225   1.00 11.27 ? 59  ALA A O   1 
ATOM   291  C CB  . ALA A 1 36  ? 5.053   -4.999  8.399   1.00 11.44 ? 59  ALA A CB  1 
ATOM   292  N N   . PHE A 1 37  ? 3.471   -6.821  6.103   1.00 10.21 ? 60  PHE A N   1 
ATOM   293  C CA  . PHE A 1 37  ? 2.292   -7.475  5.576   1.00 10.71 ? 60  PHE A CA  1 
ATOM   294  C C   . PHE A 1 37  ? 2.631   -8.812  4.856   1.00 10.53 ? 60  PHE A C   1 
ATOM   295  O O   . PHE A 1 37  ? 1.800   -9.321  4.119   1.00 11.18 ? 60  PHE A O   1 
ATOM   296  C CB  . PHE A 1 37  ? 1.570   -6.543  4.568   1.00 10.43 ? 60  PHE A CB  1 
ATOM   297  C CG  . PHE A 1 37  ? 0.744   -5.432  5.199   1.00 9.01  ? 60  PHE A CG  1 
ATOM   298  C CD1 . PHE A 1 37  ? -0.450  -5.723  5.897   1.00 10.93 ? 60  PHE A CD1 1 
ATOM   299  C CD2 . PHE A 1 37  ? 1.142   -4.090  5.061   1.00 9.87  ? 60  PHE A CD2 1 
ATOM   300  C CE1 . PHE A 1 37  ? -1.230  -4.708  6.451   1.00 10.93 ? 60  PHE A CE1 1 
ATOM   301  C CE2 . PHE A 1 37  ? 0.367   -3.072  5.618   1.00 9.55  ? 60  PHE A CE2 1 
ATOM   302  C CZ  . PHE A 1 37  ? -0.824  -3.382  6.326   1.00 8.95  ? 60  PHE A CZ  1 
ATOM   303  N N   A ASN A 1 38  ? 3.837   -9.344  5.090   0.50 10.73 ? 61  ASN A N   1 
ATOM   304  N N   B ASN A 1 38  ? 3.832   -9.360  5.065   0.50 10.75 ? 61  ASN A N   1 
ATOM   305  C CA  A ASN A 1 38  ? 4.330   -10.519 4.373   0.50 11.10 ? 61  ASN A CA  1 
ATOM   306  C CA  B ASN A 1 38  ? 4.279   -10.565 4.347   0.50 11.17 ? 61  ASN A CA  1 
ATOM   307  C C   A ASN A 1 38  ? 4.046   -10.361 2.886   0.50 11.06 ? 61  ASN A C   1 
ATOM   308  C C   B ASN A 1 38  ? 4.188   -10.408 2.835   0.50 11.04 ? 61  ASN A C   1 
ATOM   309  O O   A ASN A 1 38  ? 3.467   -11.243 2.228   0.50 11.26 ? 61  ASN A O   1 
ATOM   310  O O   B ASN A 1 38  ? 3.905   -11.362 2.095   0.50 11.14 ? 61  ASN A O   1 
ATOM   311  C CB  A ASN A 1 38  ? 3.729   -11.806 4.961   0.50 11.69 ? 61  ASN A CB  1 
ATOM   312  C CB  B ASN A 1 38  ? 3.477   -11.800 4.771   0.50 11.84 ? 61  ASN A CB  1 
ATOM   313  C CG  A ASN A 1 38  ? 4.462   -12.258 6.210   0.50 12.32 ? 61  ASN A CG  1 
ATOM   314  C CG  B ASN A 1 38  ? 4.166   -13.077 4.365   0.50 12.69 ? 61  ASN A CG  1 
ATOM   315  O OD1 A ASN A 1 38  ? 5.655   -11.978 6.369   0.50 14.51 ? 61  ASN A OD1 1 
ATOM   316  O OD1 B ASN A 1 38  ? 5.381   -13.210 4.539   0.50 17.61 ? 61  ASN A OD1 1 
ATOM   317  N ND2 A ASN A 1 38  ? 3.757   -12.936 7.109   0.50 12.43 ? 61  ASN A ND2 1 
ATOM   318  N ND2 B ASN A 1 38  ? 3.410   -14.027 3.828   0.50 14.14 ? 61  ASN A ND2 1 
ATOM   319  N N   . SER A 1 39  ? 4.431   -9.182  2.393   1.00 10.56 ? 62  SER A N   1 
ATOM   320  C CA  . SER A 1 39  ? 4.231   -8.788  1.019   1.00 10.27 ? 62  SER A CA  1 
ATOM   321  C C   . SER A 1 39  ? 5.517   -8.133  0.507   1.00 10.27 ? 62  SER A C   1 
ATOM   322  O O   . SER A 1 39  ? 6.495   -7.880  1.268   1.00 10.32 ? 62  SER A O   1 
ATOM   323  C CB  . SER A 1 39  ? 3.074   -7.799  0.958   1.00 10.61 ? 62  SER A CB  1 
ATOM   324  O OG  . SER A 1 39  ? 1.862   -8.419  1.358   1.00 8.99  ? 62  SER A OG  1 
ATOM   325  N N   . THR A 1 40  ? 5.515   -7.847  -0.792  1.00 9.60  ? 63  THR A N   1 
ATOM   326  C CA  . THR A 1 40  ? 6.626   -7.169  -1.445  1.00 9.74  ? 63  THR A CA  1 
ATOM   327  C C   . THR A 1 40  ? 6.118   -5.979  -2.267  1.00 9.02  ? 63  THR A C   1 
ATOM   328  O O   . THR A 1 40  ? 4.919   -5.862  -2.550  1.00 9.75  ? 63  THR A O   1 
ATOM   329  C CB  . THR A 1 40  ? 7.337   -8.144  -2.417  1.00 9.87  ? 63  THR A CB  1 
ATOM   330  O OG1 . THR A 1 40  ? 6.379   -8.747  -3.284  1.00 10.27 ? 63  THR A OG1 1 
ATOM   331  C CG2 . THR A 1 40  ? 8.049   -9.249  -1.660  1.00 11.78 ? 63  THR A CG2 1 
ATOM   332  N N   A LEU A 1 41  ? 7.029   -5.096  -2.674  0.50 9.52  ? 64  LEU A N   1 
ATOM   333  N N   B LEU A 1 41  ? 7.028   -5.106  -2.681  0.50 9.39  ? 64  LEU A N   1 
ATOM   334  C CA  A LEU A 1 41  ? 6.650   -4.039  -3.623  0.50 8.99  ? 64  LEU A CA  1 
ATOM   335  C CA  B LEU A 1 41  ? 6.634   -4.041  -3.605  0.50 8.76  ? 64  LEU A CA  1 
ATOM   336  C C   A LEU A 1 41  ? 6.266   -4.722  -4.929  0.50 9.27  ? 64  LEU A C   1 
ATOM   337  C C   B LEU A 1 41  ? 6.280   -4.698  -4.934  0.50 9.15  ? 64  LEU A C   1 
ATOM   338  O O   A LEU A 1 41  ? 7.014   -5.593  -5.389  0.50 10.08 ? 64  LEU A O   1 
ATOM   339  O O   B LEU A 1 41  ? 7.066   -5.521  -5.419  0.50 9.96  ? 64  LEU A O   1 
ATOM   340  C CB  A LEU A 1 41  ? 7.805   -3.055  -3.844  0.50 9.35  ? 64  LEU A CB  1 
ATOM   341  C CB  B LEU A 1 41  ? 7.782   -3.054  -3.774  0.50 8.93  ? 64  LEU A CB  1 
ATOM   342  C CG  A LEU A 1 41  ? 7.910   -1.970  -2.775  0.50 10.04 ? 64  LEU A CG  1 
ATOM   343  C CG  B LEU A 1 41  ? 8.106   -2.303  -2.489  0.50 9.30  ? 64  LEU A CG  1 
ATOM   344  C CD1 A LEU A 1 41  ? 6.773   -0.989  -2.904  0.50 12.40 ? 64  LEU A CD1 1 
ATOM   345  C CD1 B LEU A 1 41  ? 9.331   -1.493  -2.747  0.50 9.98  ? 64  LEU A CD1 1 
ATOM   346  C CD2 A LEU A 1 41  ? 7.874   -2.638  -1.449  0.50 9.87  ? 64  LEU A CD2 1 
ATOM   347  C CD2 B LEU A 1 41  ? 6.949   -1.429  -2.112  0.50 8.18  ? 64  LEU A CD2 1 
ATOM   348  N N   . PRO A 1 42  ? 5.102   -4.362  -5.518  1.00 8.57  ? 65  PRO A N   1 
ATOM   349  C CA  . PRO A 1 42  ? 4.712   -5.062  -6.748  1.00 8.96  ? 65  PRO A CA  1 
ATOM   350  C C   . PRO A 1 42  ? 5.643   -4.760  -7.920  1.00 8.99  ? 65  PRO A C   1 
ATOM   351  O O   . PRO A 1 42  ? 6.192   -3.681  -7.995  1.00 9.33  ? 65  PRO A O   1 
ATOM   352  C CB  . PRO A 1 42  ? 3.315   -4.483  -7.090  1.00 9.79  ? 65  PRO A CB  1 
ATOM   353  C CG  . PRO A 1 42  ? 2.802   -3.857  -5.820  1.00 8.89  ? 65  PRO A CG  1 
ATOM   354  C CD  . PRO A 1 42  ? 4.005   -3.533  -4.965  1.00 8.43  ? 65  PRO A CD  1 
ATOM   355  N N   . THR A 1 43  ? 5.791   -5.713  -8.836  1.00 8.60  ? 66  THR A N   1 
ATOM   356  C CA  . THR A 1 43  ? 6.364   -5.405  -10.139 1.00 8.47  ? 66  THR A CA  1 
ATOM   357  C C   . THR A 1 43  ? 5.327   -4.703  -10.995 1.00 7.85  ? 66  THR A C   1 
ATOM   358  O O   . THR A 1 43  ? 4.124   -4.763  -10.699 1.00 8.61  ? 66  THR A O   1 
ATOM   359  C CB  . THR A 1 43  ? 6.818   -6.667  -10.881 1.00 8.41  ? 66  THR A CB  1 
ATOM   360  O OG1 . THR A 1 43  ? 5.675   -7.499  -11.194 1.00 8.37  ? 66  THR A OG1 1 
ATOM   361  C CG2 . THR A 1 43  ? 7.860   -7.402  -10.038 1.00 9.81  ? 66  THR A CG2 1 
ATOM   362  N N   . MET A 1 44  ? 5.791   -4.102  -12.083 1.00 7.97  ? 67  MET A N   1 
ATOM   363  C CA  . MET A 1 44  ? 4.886   -3.503  -13.036 1.00 7.91  ? 67  MET A CA  1 
ATOM   364  C C   . MET A 1 44  ? 3.909   -4.550  -13.619 1.00 6.97  ? 67  MET A C   1 
ATOM   365  O O   . MET A 1 44  ? 2.735   -4.267  -13.777 1.00 7.79  ? 67  MET A O   1 
ATOM   366  C CB  . MET A 1 44  ? 5.649   -2.789  -14.151 1.00 7.93  ? 67  MET A CB  1 
ATOM   367  C CG  . MET A 1 44  ? 4.707   -2.158  -15.211 1.00 9.60  ? 67  MET A CG  1 
ATOM   368  S SD  . MET A 1 44  ? 3.613   -0.888  -14.525 1.00 12.84 ? 67  MET A SD  1 
ATOM   369  C CE  . MET A 1 44  ? 4.729   0.462   -14.300 1.00 15.20 ? 67  MET A CE  1 
ATOM   370  N N   . ASP A 1 45  ? 4.393   -5.762  -13.911 1.00 7.83  ? 68  ASP A N   1 
ATOM   371  C CA  . ASP A 1 45  ? 3.504   -6.801  -14.413 1.00 7.82  ? 68  ASP A CA  1 
ATOM   372  C C   . ASP A 1 45  ? 2.436   -7.200  -13.398 1.00 6.77  ? 68  ASP A C   1 
ATOM   373  O O   . ASP A 1 45  ? 1.260   -7.347  -13.764 1.00 8.20  ? 68  ASP A O   1 
ATOM   374  C CB  . ASP A 1 45  ? 4.298   -8.044  -14.880 1.00 8.08  ? 68  ASP A CB  1 
ATOM   375  C CG  . ASP A 1 45  ? 3.427   -9.023  -15.668 1.00 11.04 ? 68  ASP A CG  1 
ATOM   376  O OD1 . ASP A 1 45  ? 3.054   -8.697  -16.830 1.00 14.99 ? 68  ASP A OD1 1 
ATOM   377  O OD2 . ASP A 1 45  ? 3.112   -10.102 -15.114 1.00 14.04 ? 68  ASP A OD2 1 
ATOM   378  N N   . GLN A 1 46  ? 2.830   -7.312  -12.124 1.00 7.12  ? 69  GLN A N   1 
ATOM   379  C CA  . GLN A 1 46  ? 1.829   -7.596  -11.075 1.00 6.89  ? 69  GLN A CA  1 
ATOM   380  C C   . GLN A 1 46  ? 0.800   -6.475  -10.967 1.00 7.65  ? 69  GLN A C   1 
ATOM   381  O O   . GLN A 1 46  ? -0.392  -6.730  -10.761 1.00 6.91  ? 69  GLN A O   1 
ATOM   382  C CB  . GLN A 1 46  ? 2.528   -7.774  -9.719  1.00 6.35  ? 69  GLN A CB  1 
ATOM   383  C CG  . GLN A 1 46  ? 3.281   -9.124  -9.698  1.00 7.04  ? 69  GLN A CG  1 
ATOM   384  C CD  . GLN A 1 46  ? 4.363   -9.212  -8.613  1.00 8.70  ? 69  GLN A CD  1 
ATOM   385  O OE1 . GLN A 1 46  ? 4.738   -8.231  -7.952  1.00 8.10  ? 69  GLN A OE1 1 
ATOM   386  N NE2 . GLN A 1 46  ? 4.881   -10.433 -8.440  1.00 12.15 ? 69  GLN A NE2 1 
ATOM   387  N N   . MET A 1 47  ? 1.254   -5.226  -11.065 1.00 8.03  ? 70  MET A N   1 
ATOM   388  C CA  . MET A 1 47  ? 0.324   -4.106  -11.020 1.00 8.46  ? 70  MET A CA  1 
ATOM   389  C C   . MET A 1 47  ? -0.635  -4.086  -12.211 1.00 8.04  ? 70  MET A C   1 
ATOM   390  O O   . MET A 1 47  ? -1.843  -3.811  -12.069 1.00 8.21  ? 70  MET A O   1 
ATOM   391  C CB  . MET A 1 47  ? 1.102   -2.788  -10.955 1.00 8.46  ? 70  MET A CB  1 
ATOM   392  C CG  . MET A 1 47  ? 0.235   -1.537  -10.898 1.00 7.79  ? 70  MET A CG  1 
ATOM   393  S SD  . MET A 1 47  ? -0.949  -1.441  -9.521  1.00 10.62 ? 70  MET A SD  1 
ATOM   394  C CE  . MET A 1 47  ? 0.066   -0.818  -8.195  1.00 11.83 ? 70  MET A CE  1 
ATOM   395  N N   . LYS A 1 48  ? -0.103  -4.357  -13.404 1.00 8.12  ? 71  LYS A N   1 
ATOM   396  C CA  . LYS A 1 48  ? -0.979  -4.368  -14.591 1.00 7.91  ? 71  LYS A CA  1 
ATOM   397  C C   . LYS A 1 48  ? -2.080  -5.445  -14.504 1.00 7.59  ? 71  LYS A C   1 
ATOM   398  O O   . LYS A 1 48  ? -3.219  -5.219  -14.935 1.00 9.53  ? 71  LYS A O   1 
ATOM   399  C CB  . LYS A 1 48  ? -0.126  -4.546  -15.866 1.00 8.00  ? 71  LYS A CB  1 
ATOM   400  C CG  . LYS A 1 48  ? 0.561   -3.241  -16.282 1.00 8.07  ? 71  LYS A CG  1 
ATOM   401  C CD  . LYS A 1 48  ? 1.566   -3.439  -17.406 1.00 13.01 ? 71  LYS A CD  1 
ATOM   402  C CE  . LYS A 1 48  ? 2.118   -2.073  -17.860 1.00 15.70 ? 71  LYS A CE  1 
ATOM   403  N NZ  . LYS A 1 48  ? 3.193   -2.247  -18.872 1.00 17.97 ? 71  LYS A NZ  1 
ATOM   404  N N   . LEU A 1 49  ? -1.740  -6.615  -13.943 1.00 7.78  ? 72  LEU A N   1 
ATOM   405  C CA  . LEU A 1 49  ? -2.749  -7.649  -13.728 1.00 8.04  ? 72  LEU A CA  1 
ATOM   406  C C   . LEU A 1 49  ? -3.781  -7.167  -12.705 1.00 7.56  ? 72  LEU A C   1 
ATOM   407  O O   . LEU A 1 49  ? -4.995  -7.308  -12.906 1.00 7.78  ? 72  LEU A O   1 
ATOM   408  C CB  . LEU A 1 49  ? -2.109  -8.986  -13.311 1.00 9.17  ? 72  LEU A CB  1 
ATOM   409  C CG  . LEU A 1 49  ? -3.142  -10.132 -13.366 1.00 11.50 ? 72  LEU A CG  1 
ATOM   410  C CD1 . LEU A 1 49  ? -3.700  -10.385 -14.812 1.00 13.56 ? 72  LEU A CD1 1 
ATOM   411  C CD2 . LEU A 1 49  ? -2.546  -11.424 -12.790 1.00 11.20 ? 72  LEU A CD2 1 
ATOM   412  N N   . ALA A 1 50  ? -3.312  -6.539  -11.630 1.00 6.57  ? 73  ALA A N   1 
ATOM   413  C CA  . ALA A 1 50  ? -4.260  -5.994  -10.626 1.00 6.97  ? 73  ALA A CA  1 
ATOM   414  C C   . ALA A 1 50  ? -5.232  -4.965  -11.243 1.00 7.36  ? 73  ALA A C   1 
ATOM   415  O O   . ALA A 1 50  ? -6.469  -5.027  -11.022 1.00 6.88  ? 73  ALA A O   1 
ATOM   416  C CB  . ALA A 1 50  ? -3.506  -5.375  -9.444  1.00 6.50  ? 73  ALA A CB  1 
ATOM   417  N N   . LEU A 1 51  ? -4.683  -4.051  -12.047 1.00 7.74  ? 74  LEU A N   1 
ATOM   418  C CA  . LEU A 1 51  ? -5.497  -3.104  -12.818 1.00 9.11  ? 74  LEU A CA  1 
ATOM   419  C C   . LEU A 1 51  ? -6.568  -3.823  -13.660 1.00 9.44  ? 74  LEU A C   1 
ATOM   420  O O   . LEU A 1 51  ? -7.739  -3.429  -13.674 1.00 9.70  ? 74  LEU A O   1 
ATOM   421  C CB  . LEU A 1 51  ? -4.558  -2.281  -13.708 1.00 9.43  ? 74  LEU A CB  1 
ATOM   422  C CG  . LEU A 1 51  ? -5.297  -1.376  -14.706 1.00 12.15 ? 74  LEU A CG  1 
ATOM   423  C CD1 . LEU A 1 51  ? -5.818  -0.180  -13.962 1.00 15.58 ? 74  LEU A CD1 1 
ATOM   424  C CD2 . LEU A 1 51  ? -4.305  -0.987  -15.818 1.00 15.59 ? 74  LEU A CD2 1 
ATOM   425  N N   . SER A 1 52  ? -6.177  -4.911  -14.332 1.00 9.53  ? 75  SER A N   1 
ATOM   426  C CA  . SER A 1 52  ? -7.126  -5.626  -15.203 1.00 9.86  ? 75  SER A CA  1 
ATOM   427  C C   . SER A 1 52  ? -8.272  -6.285  -14.444 1.00 9.74  ? 75  SER A C   1 
ATOM   428  O O   . SER A 1 52  ? -9.314  -6.606  -15.051 1.00 11.19 ? 75  SER A O   1 
ATOM   429  C CB  . SER A 1 52  ? -6.385  -6.650  -16.062 1.00 9.62  ? 75  SER A CB  1 
ATOM   430  O OG  . SER A 1 52  ? -6.013  -7.790  -15.298 1.00 12.83 ? 75  SER A OG  1 
ATOM   431  N N   . LYS A 1 53  ? -8.054  -6.499  -13.144 1.00 9.98  ? 76  LYS A N   1 
ATOM   432  C CA  . LYS A 1 53  ? -9.014  -7.110  -12.228 1.00 10.13 ? 76  LYS A CA  1 
ATOM   433  C C   . LYS A 1 53  ? -9.880  -6.069  -11.518 1.00 9.85  ? 76  LYS A C   1 
ATOM   434  O O   . LYS A 1 53  ? -10.796 -6.454  -10.779 1.00 11.78 ? 76  LYS A O   1 
ATOM   435  C CB  . LYS A 1 53  ? -8.286  -7.972  -11.157 1.00 10.67 ? 76  LYS A CB  1 
ATOM   436  C CG  . LYS A 1 53  ? -7.378  -9.076  -11.695 1.00 13.85 ? 76  LYS A CG  1 
ATOM   437  C CD  . LYS A 1 53  ? -8.119  -10.070 -12.552 1.00 16.16 ? 76  LYS A CD  1 
ATOM   438  C CE  . LYS A 1 53  ? -7.212  -11.263 -12.808 1.00 17.33 ? 76  LYS A CE  1 
ATOM   439  N NZ  . LYS A 1 53  ? -7.845  -12.258 -13.757 1.00 19.64 ? 76  LYS A NZ  1 
ATOM   440  N N   . GLY A 1 54  ? -9.621  -4.775  -11.734 1.00 9.30  ? 77  GLY A N   1 
ATOM   441  C CA  . GLY A 1 54  ? -10.523 -3.732  -11.217 1.00 9.57  ? 77  GLY A CA  1 
ATOM   442  C C   . GLY A 1 54  ? -9.870  -2.743  -10.260 1.00 10.03 ? 77  GLY A C   1 
ATOM   443  O O   . GLY A 1 54  ? -10.578 -1.905  -9.655  1.00 10.52 ? 77  GLY A O   1 
ATOM   444  N N   . PHE A 1 55  ? -8.536  -2.804  -10.143 1.00 9.27  ? 78  PHE A N   1 
ATOM   445  C CA  . PHE A 1 55  ? -7.839  -1.948  -9.197  1.00 8.88  ? 78  PHE A CA  1 
ATOM   446  C C   . PHE A 1 55  ? -7.615  -0.553  -9.774  1.00 8.52  ? 78  PHE A C   1 
ATOM   447  O O   . PHE A 1 55  ? -6.967  -0.388  -10.814 1.00 8.33  ? 78  PHE A O   1 
ATOM   448  C CB  . PHE A 1 55  ? -6.495  -2.583  -8.828  1.00 8.15  ? 78  PHE A CB  1 
ATOM   449  C CG  . PHE A 1 55  ? -5.760  -1.907  -7.687  1.00 6.21  ? 78  PHE A CG  1 
ATOM   450  C CD1 . PHE A 1 55  ? -6.433  -1.429  -6.542  1.00 6.35  ? 78  PHE A CD1 1 
ATOM   451  C CD2 . PHE A 1 55  ? -4.373  -1.811  -7.730  1.00 5.85  ? 78  PHE A CD2 1 
ATOM   452  C CE1 . PHE A 1 55  ? -5.709  -0.854  -5.457  1.00 6.70  ? 78  PHE A CE1 1 
ATOM   453  C CE2 . PHE A 1 55  ? -3.626  -1.234  -6.638  1.00 8.33  ? 78  PHE A CE2 1 
ATOM   454  C CZ  . PHE A 1 55  ? -4.303  -0.762  -5.505  1.00 7.36  ? 78  PHE A CZ  1 
ATOM   455  N N   . GLU A 1 56  ? -8.105  0.463   -9.054  1.00 9.21  ? 79  GLU A N   1 
ATOM   456  C CA  . GLU A 1 56  ? -7.703  1.827   -9.299  1.00 8.45  ? 79  GLU A CA  1 
ATOM   457  C C   . GLU A 1 56  ? -7.685  2.613   -7.985  1.00 8.28  ? 79  GLU A C   1 
ATOM   458  O O   . GLU A 1 56  ? -8.392  2.264   -7.039  1.00 8.08  ? 79  GLU A O   1 
ATOM   459  C CB  . GLU A 1 56  ? -8.558  2.507   -10.372 1.00 10.19 ? 79  GLU A CB  1 
ATOM   460  C CG  . GLU A 1 56  ? -9.978  2.801   -9.944  1.00 9.26  ? 79  GLU A CG  1 
ATOM   461  C CD  . GLU A 1 56  ? -10.758 3.619   -10.994 1.00 11.38 ? 79  GLU A CD  1 
ATOM   462  O OE1 . GLU A 1 56  ? -10.171 4.179   -11.957 1.00 12.08 ? 79  GLU A OE1 1 
ATOM   463  O OE2 . GLU A 1 56  ? -11.996 3.669   -10.845 1.00 11.53 ? 79  GLU A OE2 1 
ATOM   464  N N   . THR A 1 57  ? -6.803  3.605   -7.929  1.00 7.65  ? 80  THR A N   1 
ATOM   465  C CA  . THR A 1 57  ? -6.774  4.568   -6.795  1.00 7.61  ? 80  THR A CA  1 
ATOM   466  C C   . THR A 1 57  ? -6.593  5.945   -7.403  1.00 7.94  ? 80  THR A C   1 
ATOM   467  O O   . THR A 1 57  ? -6.416  6.105   -8.635  1.00 7.41  ? 80  THR A O   1 
ATOM   468  C CB  . THR A 1 57  ? -5.586  4.346   -5.834  1.00 7.53  ? 80  THR A CB  1 
ATOM   469  O OG1 . THR A 1 57  ? -4.382  4.802   -6.458  1.00 7.31  ? 80  THR A OG1 1 
ATOM   470  C CG2 . THR A 1 57  ? -5.439  2.866   -5.397  1.00 6.62  ? 80  THR A CG2 1 
ATOM   471  N N   . CYS A 1 58  ? -6.620  6.952   -6.525  1.00 8.47  ? 81  CYS A N   1 
ATOM   472  C CA  . CYS A 1 58  ? -6.282  8.307   -6.914  1.00 8.92  ? 81  CYS A CA  1 
ATOM   473  C C   . CYS A 1 58  ? -5.075  8.782   -6.122  1.00 9.53  ? 81  CYS A C   1 
ATOM   474  O O   . CYS A 1 58  ? -4.981  9.974   -5.765  1.00 9.65  ? 81  CYS A O   1 
ATOM   475  C CB  . CYS A 1 58  ? -7.476  9.222   -6.677  1.00 9.48  ? 81  CYS A CB  1 
ATOM   476  S SG  . CYS A 1 58  ? -7.274  10.864  -7.467  1.00 13.58 ? 81  CYS A SG  1 
ATOM   477  N N   . ARG A 1 59  ? -4.156  7.853   -5.841  1.00 8.28  ? 82  ARG A N   1 
ATOM   478  C CA  . ARG A 1 59  ? -2.978  8.145   -4.993  1.00 8.83  ? 82  ARG A CA  1 
ATOM   479  C C   . ARG A 1 59  ? -1.671  7.622   -5.593  1.00 7.99  ? 82  ARG A C   1 
ATOM   480  O O   . ARG A 1 59  ? -1.606  6.457   -6.031  1.00 9.54  ? 82  ARG A O   1 
ATOM   481  C CB  . ARG A 1 59  ? -3.155  7.504   -3.593  1.00 9.04  ? 82  ARG A CB  1 
ATOM   482  C CG  . ARG A 1 59  ? -4.417  7.992   -2.841  1.00 10.00 ? 82  ARG A CG  1 
ATOM   483  C CD  . ARG A 1 59  ? -4.271  9.427   -2.284  1.00 10.93 ? 82  ARG A CD  1 
ATOM   484  N NE  . ARG A 1 59  ? -3.279  9.448   -1.200  1.00 11.77 ? 82  ARG A NE  1 
ATOM   485  C CZ  . ARG A 1 59  ? -2.880  10.534  -0.545  1.00 13.70 ? 82  ARG A CZ  1 
ATOM   486  N NH1 . ARG A 1 59  ? -3.393  11.701  -0.856  1.00 16.53 ? 82  ARG A NH1 1 
ATOM   487  N NH2 . ARG A 1 59  ? -1.991  10.420  0.443   1.00 17.79 ? 82  ARG A NH2 1 
ATOM   488  N N   . TYR A 1 60  ? -0.636  8.444   -5.583  1.00 8.26  ? 83  TYR A N   1 
ATOM   489  C CA  . TYR A 1 60  ? 0.723   8.023   -5.938  1.00 8.40  ? 83  TYR A CA  1 
ATOM   490  C C   . TYR A 1 60  ? 1.228   7.027   -4.893  1.00 8.44  ? 83  TYR A C   1 
ATOM   491  O O   . TYR A 1 60  ? 1.124   7.253   -3.667  1.00 8.84  ? 83  TYR A O   1 
ATOM   492  C CB  . TYR A 1 60  ? 1.660   9.235   -5.911  1.00 8.04  ? 83  TYR A CB  1 
ATOM   493  C CG  . TYR A 1 60  ? 1.434   10.212  -7.021  1.00 10.54 ? 83  TYR A CG  1 
ATOM   494  C CD1 . TYR A 1 60  ? 1.617   9.833   -8.348  1.00 11.51 ? 83  TYR A CD1 1 
ATOM   495  C CD2 . TYR A 1 60  ? 1.078   11.537  -6.727  1.00 12.62 ? 83  TYR A CD2 1 
ATOM   496  C CE1 . TYR A 1 60  ? 1.393   10.777  -9.411  1.00 15.43 ? 83  TYR A CE1 1 
ATOM   497  C CE2 . TYR A 1 60  ? 0.871   12.478  -7.753  1.00 16.76 ? 83  TYR A CE2 1 
ATOM   498  C CZ  . TYR A 1 60  ? 1.034   12.090  -9.073  1.00 18.29 ? 83  TYR A CZ  1 
ATOM   499  O OH  . TYR A 1 60  ? 0.816   13.048  -10.043 1.00 22.04 ? 83  TYR A OH  1 
ATOM   500  N N   . GLY A 1 61  ? 1.773   5.917   -5.359  1.00 6.89  ? 84  GLY A N   1 
ATOM   501  C CA  . GLY A 1 61  ? 2.378   4.953   -4.460  1.00 6.95  ? 84  GLY A CA  1 
ATOM   502  C C   . GLY A 1 61  ? 3.553   4.230   -5.098  1.00 8.01  ? 84  GLY A C   1 
ATOM   503  O O   . GLY A 1 61  ? 3.561   4.005   -6.293  1.00 7.99  ? 84  GLY A O   1 
ATOM   504  N N   . PHE A 1 62  ? 4.518   3.838   -4.276  1.00 6.44  ? 85  PHE A N   1 
ATOM   505  C CA  . PHE A 1 62  ? 5.638   3.040   -4.762  1.00 7.25  ? 85  PHE A CA  1 
ATOM   506  C C   . PHE A 1 62  ? 5.202   1.663   -5.261  1.00 6.98  ? 85  PHE A C   1 
ATOM   507  O O   . PHE A 1 62  ? 4.377   0.967   -4.653  1.00 7.68  ? 85  PHE A O   1 
ATOM   508  C CB  . PHE A 1 62  ? 6.667   2.783   -3.643  1.00 7.65  ? 85  PHE A CB  1 
ATOM   509  C CG  . PHE A 1 62  ? 7.314   4.032   -3.139  1.00 8.05  ? 85  PHE A CG  1 
ATOM   510  C CD1 . PHE A 1 62  ? 8.249   4.695   -3.921  1.00 9.90  ? 85  PHE A CD1 1 
ATOM   511  C CD2 . PHE A 1 62  ? 6.941   4.567   -1.923  1.00 11.44 ? 85  PHE A CD2 1 
ATOM   512  C CE1 . PHE A 1 62  ? 8.865   5.858   -3.435  1.00 12.91 ? 85  PHE A CE1 1 
ATOM   513  C CE2 . PHE A 1 62  ? 7.547   5.735   -1.465  1.00 10.67 ? 85  PHE A CE2 1 
ATOM   514  C CZ  . PHE A 1 62  ? 8.485   6.357   -2.216  1.00 10.41 ? 85  PHE A CZ  1 
ATOM   515  N N   . ILE A 1 63  ? 5.863   1.258   -6.328  1.00 8.25  ? 86  ILE A N   1 
ATOM   516  C CA  . ILE A 1 63  ? 5.969   -0.153  -6.689  1.00 8.51  ? 86  ILE A CA  1 
ATOM   517  C C   . ILE A 1 63  ? 7.483   -0.397  -6.794  1.00 9.07  ? 86  ILE A C   1 
ATOM   518  O O   . ILE A 1 63  ? 8.263   0.479   -6.444  1.00 9.77  ? 86  ILE A O   1 
ATOM   519  C CB  . ILE A 1 63  ? 5.212   -0.507  -7.998  1.00 8.37  ? 86  ILE A CB  1 
ATOM   520  C CG1 . ILE A 1 63  ? 5.810   0.185   -9.239  1.00 9.14  ? 86  ILE A CG1 1 
ATOM   521  C CG2 . ILE A 1 63  ? 3.681   -0.213  -7.865  1.00 8.33  ? 86  ILE A CG2 1 
ATOM   522  C CD1 . ILE A 1 63  ? 5.269   -0.391  -10.581 1.00 10.31 ? 86  ILE A CD1 1 
ATOM   523  N N   . GLU A 1 64  ? 7.901   -1.563  -7.285  1.00 10.11 ? 87  GLU A N   1 
ATOM   524  C CA  . GLU A 1 64  ? 9.340   -1.817  -7.457  1.00 12.21 ? 87  GLU A CA  1 
ATOM   525  C C   . GLU A 1 64  ? 9.744   -0.986  -8.674  1.00 13.15 ? 87  GLU A C   1 
ATOM   526  O O   . GLU A 1 64  ? 9.268   -1.234  -9.810  1.00 16.83 ? 87  GLU A O   1 
ATOM   527  C CB  . GLU A 1 64  ? 9.620   -3.297  -7.746  1.00 11.19 ? 87  GLU A CB  1 
ATOM   528  C CG  . GLU A 1 64  ? 11.124  -3.618  -7.801  1.00 16.83 ? 87  GLU A CG  1 
ATOM   529  C CD  . GLU A 1 64  ? 11.825  -3.515  -6.432  1.00 20.71 ? 87  GLU A CD  1 
ATOM   530  O OE1 . GLU A 1 64  ? 11.298  -4.001  -5.395  1.00 21.10 ? 87  GLU A OE1 1 
ATOM   531  O OE2 . GLU A 1 64  ? 12.944  -2.963  -6.385  1.00 25.44 ? 87  GLU A OE2 1 
ATOM   532  N N   . GLY A 1 65  ? 10.563  0.021   -8.428  1.00 12.39 ? 88  GLY A N   1 
ATOM   533  C CA  . GLY A 1 65  ? 11.136  0.774   -9.510  1.00 11.08 ? 88  GLY A CA  1 
ATOM   534  C C   . GLY A 1 65  ? 10.497  2.100   -9.858  1.00 9.20  ? 88  GLY A C   1 
ATOM   535  O O   . GLY A 1 65  ? 11.181  2.979   -10.379 1.00 11.05 ? 88  GLY A O   1 
ATOM   536  N N   . ASN A 1 66  ? 9.206   2.292   -9.536  1.00 8.94  ? 89  ASN A N   1 
ATOM   537  C CA  . ASN A 1 66  ? 8.531   3.520   -9.947  1.00 7.83  ? 89  ASN A CA  1 
ATOM   538  C C   . ASN A 1 66  ? 7.488   3.972   -8.925  1.00 8.11  ? 89  ASN A C   1 
ATOM   539  O O   . ASN A 1 66  ? 7.216   3.251   -7.981  1.00 9.18  ? 89  ASN A O   1 
ATOM   540  C CB  . ASN A 1 66  ? 7.845   3.328   -11.324 1.00 7.98  ? 89  ASN A CB  1 
ATOM   541  C CG  . ASN A 1 66  ? 8.842   3.364   -12.498 1.00 9.81  ? 89  ASN A CG  1 
ATOM   542  O OD1 . ASN A 1 66  ? 9.261   2.312   -12.992 1.00 12.14 ? 89  ASN A OD1 1 
ATOM   543  N ND2 . ASN A 1 66  ? 9.239   4.554   -12.918 1.00 11.83 ? 89  ASN A ND2 1 
ATOM   544  N N   . VAL A 1 67  ? 6.954   5.181   -9.113  1.00 7.22  ? 90  VAL A N   1 
ATOM   545  C CA  . VAL A 1 67  ? 5.799   5.648   -8.333  1.00 7.22  ? 90  VAL A CA  1 
ATOM   546  C C   . VAL A 1 67  ? 4.634   5.737   -9.328  1.00 7.21  ? 90  VAL A C   1 
ATOM   547  O O   . VAL A 1 67  ? 4.769   6.376   -10.391 1.00 8.57  ? 90  VAL A O   1 
ATOM   548  C CB  . VAL A 1 67  ? 6.109   7.024   -7.723  1.00 6.11  ? 90  VAL A CB  1 
ATOM   549  C CG1 . VAL A 1 67  ? 4.856   7.613   -7.024  1.00 8.09  ? 90  VAL A CG1 1 
ATOM   550  C CG2 . VAL A 1 67  ? 7.290   6.906   -6.722  1.00 8.77  ? 90  VAL A CG2 1 
ATOM   551  N N   . VAL A 1 68  ? 3.478   5.142   -8.997  1.00 7.58  ? 91  VAL A N   1 
ATOM   552  C CA  . VAL A 1 68  ? 2.421   5.018   -10.009 1.00 7.57  ? 91  VAL A CA  1 
ATOM   553  C C   . VAL A 1 68  ? 1.058   5.288   -9.433  1.00 7.70  ? 91  VAL A C   1 
ATOM   554  O O   . VAL A 1 68  ? 0.895   5.315   -8.222  1.00 7.96  ? 91  VAL A O   1 
ATOM   555  C CB  . VAL A 1 68  ? 2.421   3.574   -10.622 1.00 7.78  ? 91  VAL A CB  1 
ATOM   556  C CG1 . VAL A 1 68  ? 3.793   3.259   -11.254 1.00 7.98  ? 91  VAL A CG1 1 
ATOM   557  C CG2 . VAL A 1 68  ? 2.084   2.531   -9.567  1.00 7.23  ? 91  VAL A CG2 1 
ATOM   558  N N   . ILE A 1 69  ? 0.071   5.469   -10.323 1.00 6.87  ? 92  ILE A N   1 
ATOM   559  C CA  . ILE A 1 69  ? -1.338  5.423   -9.933  1.00 7.42  ? 92  ILE A CA  1 
ATOM   560  C C   . ILE A 1 69  ? -2.063  4.506   -10.939 1.00 7.07  ? 92  ILE A C   1 
ATOM   561  O O   . ILE A 1 69  ? -2.101  4.825   -12.129 1.00 7.73  ? 92  ILE A O   1 
ATOM   562  C CB  . ILE A 1 69  ? -2.028  6.816   -10.041 1.00 7.03  ? 92  ILE A CB  1 
ATOM   563  C CG1 . ILE A 1 69  ? -1.265  7.838   -9.193  1.00 8.99  ? 92  ILE A CG1 1 
ATOM   564  C CG2 . ILE A 1 69  ? -3.482  6.715   -9.566  1.00 8.19  ? 92  ILE A CG2 1 
ATOM   565  C CD1 . ILE A 1 69  ? -1.883  9.237   -9.076  1.00 9.78  ? 92  ILE A CD1 1 
ATOM   566  N N   . PRO A 1 70  ? -2.664  3.390   -10.462 1.00 7.57  ? 93  PRO A N   1 
ATOM   567  C CA  . PRO A 1 70  ? -3.462  2.580   -11.407 1.00 6.96  ? 93  PRO A CA  1 
ATOM   568  C C   . PRO A 1 70  ? -4.813  3.264   -11.653 1.00 6.74  ? 93  PRO A C   1 
ATOM   569  O O   . PRO A 1 70  ? -5.503  3.636   -10.687 1.00 6.69  ? 93  PRO A O   1 
ATOM   570  C CB  . PRO A 1 70  ? -3.636  1.233   -10.665 1.00 7.15  ? 93  PRO A CB  1 
ATOM   571  C CG  . PRO A 1 70  ? -3.585  1.627   -9.184  1.00 6.91  ? 93  PRO A CG  1 
ATOM   572  C CD  . PRO A 1 70  ? -2.703  2.842   -9.084  1.00 7.88  ? 93  PRO A CD  1 
ATOM   573  N N   . ARG A 1 71  ? -5.164  3.473   -12.920 1.00 8.20  ? 94  ARG A N   1 
ATOM   574  C CA  . ARG A 1 71  ? -6.430  4.165   -13.280 1.00 8.49  ? 94  ARG A CA  1 
ATOM   575  C C   . ARG A 1 71  ? -7.250  3.349   -14.282 1.00 9.03  ? 94  ARG A C   1 
ATOM   576  O O   . ARG A 1 71  ? -6.735  2.907   -15.297 1.00 8.58  ? 94  ARG A O   1 
ATOM   577  C CB  . ARG A 1 71  ? -6.146  5.550   -13.894 1.00 9.19  ? 94  ARG A CB  1 
ATOM   578  C CG  . ARG A 1 71  ? -5.498  6.572   -12.963 1.00 9.24  ? 94  ARG A CG  1 
ATOM   579  C CD  . ARG A 1 71  ? -6.396  6.844   -11.754 1.00 7.00  ? 94  ARG A CD  1 
ATOM   580  N NE  . ARG A 1 71  ? -7.727  7.281   -12.190 1.00 10.68 ? 94  ARG A NE  1 
ATOM   581  C CZ  . ARG A 1 71  ? -8.776  7.350   -11.368 1.00 11.38 ? 94  ARG A CZ  1 
ATOM   582  N NH1 . ARG A 1 71  ? -8.634  7.025   -10.095 1.00 10.65 ? 94  ARG A NH1 1 
ATOM   583  N NH2 . ARG A 1 71  ? -9.964  7.763   -11.818 1.00 15.29 ? 94  ARG A NH2 1 
ATOM   584  N N   . ILE A 1 72  ? -8.524  3.140   -13.969 1.00 8.66  ? 95  ILE A N   1 
ATOM   585  C CA  . ILE A 1 72  ? -9.416  2.506   -14.919 1.00 10.41 ? 95  ILE A CA  1 
ATOM   586  C C   . ILE A 1 72  ? -10.247 3.582   -15.610 1.00 11.52 ? 95  ILE A C   1 
ATOM   587  O O   . ILE A 1 72  ? -10.310 3.605   -16.820 1.00 11.42 ? 95  ILE A O   1 
ATOM   588  C CB  . ILE A 1 72  ? -10.327 1.500   -14.228 1.00 10.80 ? 95  ILE A CB  1 
ATOM   589  C CG1 . ILE A 1 72  ? -9.440  0.366   -13.663 1.00 10.99 ? 95  ILE A CG1 1 
ATOM   590  C CG2 . ILE A 1 72  ? -11.419 1.035   -15.214 1.00 11.31 ? 95  ILE A CG2 1 
ATOM   591  C CD1 . ILE A 1 72  ? -10.181 -0.695  -12.841 1.00 11.77 ? 95  ILE A CD1 1 
ATOM   592  N N   . HIS A 1 73  ? -10.876 4.453   -14.811 1.00 12.39 ? 96  HIS A N   1 
ATOM   593  C CA  . HIS A 1 73  ? -11.758 5.509   -15.329 1.00 13.87 ? 96  HIS A CA  1 
ATOM   594  C C   . HIS A 1 73  ? -11.027 6.836   -15.433 1.00 15.18 ? 96  HIS A C   1 
ATOM   595  O O   . HIS A 1 73  ? -10.355 7.253   -14.481 1.00 15.97 ? 96  HIS A O   1 
ATOM   596  C CB  . HIS A 1 73  ? -13.006 5.643   -14.433 1.00 13.47 ? 96  HIS A CB  1 
ATOM   597  C CG  . HIS A 1 73  ? -13.750 4.360   -14.275 1.00 15.78 ? 96  HIS A CG  1 
ATOM   598  N ND1 . HIS A 1 73  ? -13.580 3.527   -13.187 1.00 16.37 ? 96  HIS A ND1 1 
ATOM   599  C CD2 . HIS A 1 73  ? -14.635 3.739   -15.088 1.00 16.01 ? 96  HIS A CD2 1 
ATOM   600  C CE1 . HIS A 1 73  ? -14.316 2.440   -13.345 1.00 19.01 ? 96  HIS A CE1 1 
ATOM   601  N NE2 . HIS A 1 73  ? -14.972 2.549   -14.485 1.00 16.49 ? 96  HIS A NE2 1 
ATOM   602  N N   . PRO A 1 74  ? -11.130 7.513   -16.591 1.00 15.42 ? 97  PRO A N   1 
ATOM   603  C CA  . PRO A 1 74  ? -10.470 8.826   -16.698 1.00 16.05 ? 97  PRO A CA  1 
ATOM   604  C C   . PRO A 1 74  ? -11.096 9.838   -15.735 1.00 16.80 ? 97  PRO A C   1 
ATOM   605  O O   . PRO A 1 74  ? -12.329 9.984   -15.669 1.00 18.05 ? 97  PRO A O   1 
ATOM   606  C CB  . PRO A 1 74  ? -10.713 9.255   -18.162 1.00 16.29 ? 97  PRO A CB  1 
ATOM   607  C CG  . PRO A 1 74  ? -11.466 8.186   -18.804 1.00 15.93 ? 97  PRO A CG  1 
ATOM   608  C CD  . PRO A 1 74  ? -11.780 7.087   -17.845 1.00 16.27 ? 97  PRO A CD  1 
ATOM   609  N N   . ASN A 1 75  ? -10.264 10.505  -14.955 1.00 16.71 ? 98  ASN A N   1 
ATOM   610  C CA  . ASN A 1 75  ? -10.735 11.516  -14.014 1.00 17.51 ? 98  ASN A CA  1 
ATOM   611  C C   . ASN A 1 75  ? -9.671  12.584  -14.069 1.00 17.45 ? 98  ASN A C   1 
ATOM   612  O O   . ASN A 1 75  ? -8.466  12.290  -13.892 1.00 15.92 ? 98  ASN A O   1 
ATOM   613  C CB  . ASN A 1 75  ? -10.888 10.908  -12.601 1.00 18.13 ? 98  ASN A CB  1 
ATOM   614  C CG  . ASN A 1 75  ? -11.366 11.910  -11.541 1.00 20.48 ? 98  ASN A CG  1 
ATOM   615  O OD1 . ASN A 1 75  ? -11.112 13.104  -11.616 1.00 24.70 ? 98  ASN A OD1 1 
ATOM   616  N ND2 . ASN A 1 75  ? -12.021 11.393  -10.516 1.00 23.44 ? 98  ASN A ND2 1 
ATOM   617  N N   . ALA A 1 76  ? -10.111 13.821  -14.317 1.00 18.10 ? 99  ALA A N   1 
ATOM   618  C CA  . ALA A 1 76  ? -9.189  14.939  -14.534 1.00 18.92 ? 99  ALA A CA  1 
ATOM   619  C C   . ALA A 1 76  ? -8.307  15.247  -13.320 1.00 19.35 ? 99  ALA A C   1 
ATOM   620  O O   . ALA A 1 76  ? -7.192  15.723  -13.491 1.00 19.89 ? 99  ALA A O   1 
ATOM   621  C CB  . ALA A 1 76  ? -9.933  16.193  -14.975 1.00 20.12 ? 99  ALA A CB  1 
ATOM   622  N N   . ILE A 1 77  ? -8.797  14.957  -12.120 1.00 19.74 ? 100 ILE A N   1 
ATOM   623  C CA  . ILE A 1 77  ? -7.997  15.187  -10.890 1.00 20.28 ? 100 ILE A CA  1 
ATOM   624  C C   . ILE A 1 77  ? -7.237  13.939  -10.377 1.00 18.94 ? 100 ILE A C   1 
ATOM   625  O O   . ILE A 1 77  ? -6.689  13.959  -9.273  1.00 19.17 ? 100 ILE A O   1 
ATOM   626  C CB  . ILE A 1 77  ? -8.817  15.877  -9.722  1.00 21.19 ? 100 ILE A CB  1 
ATOM   627  C CG1 . ILE A 1 77  ? -9.970  15.002  -9.225  1.00 24.14 ? 100 ILE A CG1 1 
ATOM   628  C CG2 . ILE A 1 77  ? -9.314  17.261  -10.142 1.00 24.12 ? 100 ILE A CG2 1 
ATOM   629  C CD1 . ILE A 1 77  ? -10.489 15.395  -7.830  1.00 28.06 ? 100 ILE A CD1 1 
ATOM   630  N N   . CYS A 1 78  ? -7.203  12.864  -11.174 1.00 16.53 ? 101 CYS A N   1 
ATOM   631  C CA  . CYS A 1 78  ? -6.418  11.663  -10.817 1.00 15.34 ? 101 CYS A CA  1 
ATOM   632  C C   . CYS A 1 78  ? -5.552  11.276  -11.991 1.00 15.11 ? 101 CYS A C   1 
ATOM   633  O O   . CYS A 1 78  ? -6.068  10.825  -13.028 1.00 14.51 ? 101 CYS A O   1 
ATOM   634  C CB  . CYS A 1 78  ? -7.329  10.474  -10.475 1.00 14.04 ? 101 CYS A CB  1 
ATOM   635  S SG  . CYS A 1 78  ? -8.495  10.783  -9.163  1.00 14.45 ? 101 CYS A SG  1 
ATOM   636  N N   . ALA A 1 79  ? -4.241  11.478  -11.839 1.00 14.85 ? 102 ALA A N   1 
ATOM   637  C CA  . ALA A 1 79  ? -3.277  11.113  -12.870 1.00 15.03 ? 102 ALA A CA  1 
ATOM   638  C C   . ALA A 1 79  ? -3.574  11.826  -14.191 1.00 15.76 ? 102 ALA A C   1 
ATOM   639  O O   . ALA A 1 79  ? -3.369  11.268  -15.269 1.00 15.72 ? 102 ALA A O   1 
ATOM   640  C CB  . ALA A 1 79  ? -3.235  9.596   -13.047 1.00 13.91 ? 102 ALA A CB  1 
ATOM   641  N N   . ALA A 1 80  ? -4.098  13.051  -14.076 1.00 17.25 ? 103 ALA A N   1 
ATOM   642  C CA  . ALA A 1 80  ? -4.275  13.967  -15.217 1.00 18.02 ? 103 ALA A CA  1 
ATOM   643  C C   . ALA A 1 80  ? -5.095  13.292  -16.336 1.00 17.78 ? 103 ALA A C   1 
ATOM   644  O O   . ALA A 1 80  ? -4.702  13.317  -17.510 1.00 18.34 ? 103 ALA A O   1 
ATOM   645  C CB  . ALA A 1 80  ? -2.896  14.429  -15.729 1.00 18.55 ? 103 ALA A CB  1 
ATOM   646  N N   . ASN A 1 81  ? -6.188  12.624  -15.941 1.00 17.64 ? 104 ASN A N   1 
ATOM   647  C CA  . ASN A 1 81  ? -7.147  11.987  -16.853 1.00 17.22 ? 104 ASN A CA  1 
ATOM   648  C C   . ASN A 1 81  ? -6.636  10.737  -17.614 1.00 16.74 ? 104 ASN A C   1 
ATOM   649  O O   . ASN A 1 81  ? -7.325  10.202  -18.502 1.00 16.98 ? 104 ASN A O   1 
ATOM   650  C CB  . ASN A 1 81  ? -7.722  13.019  -17.856 1.00 17.98 ? 104 ASN A CB  1 
ATOM   651  C CG  . ASN A 1 81  ? -9.169  12.797  -18.144 1.00 17.64 ? 104 ASN A CG  1 
ATOM   652  O OD1 . ASN A 1 81  ? -9.967  12.602  -17.239 1.00 17.02 ? 104 ASN A OD1 1 
ATOM   653  N ND2 . ASN A 1 81  ? -9.538  12.842  -19.435 1.00 23.24 ? 104 ASN A ND2 1 
ATOM   654  N N   . HIS A 1 82  ? -5.459  10.242  -17.246 1.00 16.32 ? 105 HIS A N   1 
ATOM   655  C CA  . HIS A 1 82  ? -4.955  9.008   -17.878 1.00 15.42 ? 105 HIS A CA  1 
ATOM   656  C C   . HIS A 1 82  ? -5.654  7.749   -17.369 1.00 14.68 ? 105 HIS A C   1 
ATOM   657  O O   . HIS A 1 82  ? -6.253  7.727   -16.293 1.00 14.02 ? 105 HIS A O   1 
ATOM   658  C CB  . HIS A 1 82  ? -3.456  8.862   -17.650 1.00 16.58 ? 105 HIS A CB  1 
ATOM   659  C CG  . HIS A 1 82  ? -2.628  9.817   -18.452 1.00 18.76 ? 105 HIS A CG  1 
ATOM   660  N ND1 . HIS A 1 82  ? -2.170  11.010  -17.940 1.00 22.04 ? 105 HIS A ND1 1 
ATOM   661  C CD2 . HIS A 1 82  ? -2.188  9.762   -19.731 1.00 22.56 ? 105 HIS A CD2 1 
ATOM   662  C CE1 . HIS A 1 82  ? -1.467  11.643  -18.862 1.00 19.48 ? 105 HIS A CE1 1 
ATOM   663  N NE2 . HIS A 1 82  ? -1.464  10.909  -19.959 1.00 23.28 ? 105 HIS A NE2 1 
ATOM   664  N N   . THR A 1 83  ? -5.563  6.696   -18.174 1.00 13.42 ? 106 THR A N   1 
ATOM   665  C CA  . THR A 1 83  ? -5.986  5.363   -17.776 1.00 12.75 ? 106 THR A CA  1 
ATOM   666  C C   . THR A 1 83  ? -4.755  4.468   -17.886 1.00 11.98 ? 106 THR A C   1 
ATOM   667  O O   . THR A 1 83  ? -3.766  4.812   -18.557 1.00 11.11 ? 106 THR A O   1 
ATOM   668  C CB  . THR A 1 83  ? -7.144  4.814   -18.665 1.00 12.86 ? 106 THR A CB  1 
ATOM   669  O OG1 . THR A 1 83  ? -6.665  4.589   -19.998 1.00 13.58 ? 106 THR A OG1 1 
ATOM   670  C CG2 . THR A 1 83  ? -8.350  5.782   -18.692 1.00 12.74 ? 106 THR A CG2 1 
ATOM   671  N N   . GLY A 1 84  ? -4.816  3.306   -17.236 1.00 11.14 ? 107 GLY A N   1 
ATOM   672  C CA  . GLY A 1 84  ? -3.714  2.349   -17.213 1.00 10.52 ? 107 GLY A CA  1 
ATOM   673  C C   . GLY A 1 84  ? -2.872  2.594   -15.981 1.00 10.01 ? 107 GLY A C   1 
ATOM   674  O O   . GLY A 1 84  ? -3.261  3.392   -15.111 1.00 10.15 ? 107 GLY A O   1 
ATOM   675  N N   . VAL A 1 85  ? -1.726  1.930   -15.900 1.00 9.55  ? 108 VAL A N   1 
ATOM   676  C CA  . VAL A 1 85  ? -0.796  2.225   -14.827 1.00 9.21  ? 108 VAL A CA  1 
ATOM   677  C C   . VAL A 1 85  ? -0.042  3.515   -15.158 1.00 9.41  ? 108 VAL A C   1 
ATOM   678  O O   . VAL A 1 85  ? 0.894   3.506   -15.975 1.00 11.83 ? 108 VAL A O   1 
ATOM   679  C CB  . VAL A 1 85  ? 0.177   1.071   -14.538 1.00 8.49  ? 108 VAL A CB  1 
ATOM   680  C CG1 . VAL A 1 85  ? 1.008   1.460   -13.323 1.00 9.40  ? 108 VAL A CG1 1 
ATOM   681  C CG2 . VAL A 1 85  ? -0.593  -0.200  -14.243 1.00 8.98  ? 108 VAL A CG2 1 
ATOM   682  N N   . TYR A 1 86  ? -0.454  4.620   -14.538 1.00 8.95  ? 109 TYR A N   1 
ATOM   683  C CA  . TYR A 1 86  ? 0.151   5.900   -14.819 1.00 9.01  ? 109 TYR A CA  1 
ATOM   684  C C   . TYR A 1 86  ? 1.431   6.001   -14.001 1.00 9.04  ? 109 TYR A C   1 
ATOM   685  O O   . TYR A 1 86  ? 1.426   5.780   -12.792 1.00 8.81  ? 109 TYR A O   1 
ATOM   686  C CB  . TYR A 1 86  ? -0.782  7.034   -14.435 1.00 9.56  ? 109 TYR A CB  1 
ATOM   687  C CG  . TYR A 1 86  ? -0.147  8.389   -14.609 1.00 13.14 ? 109 TYR A CG  1 
ATOM   688  C CD1 . TYR A 1 86  ? 0.002   8.954   -15.883 1.00 17.03 ? 109 TYR A CD1 1 
ATOM   689  C CD2 . TYR A 1 86  ? 0.312   9.092   -13.503 1.00 17.38 ? 109 TYR A CD2 1 
ATOM   690  C CE1 . TYR A 1 86  ? 0.625   10.213  -16.035 1.00 22.22 ? 109 TYR A CE1 1 
ATOM   691  C CE2 . TYR A 1 86  ? 0.922   10.349  -13.638 1.00 21.90 ? 109 TYR A CE2 1 
ATOM   692  C CZ  . TYR A 1 86  ? 1.063   10.898  -14.897 1.00 24.20 ? 109 TYR A CZ  1 
ATOM   693  O OH  . TYR A 1 86  ? 1.650   12.139  -14.992 1.00 29.18 ? 109 TYR A OH  1 
ATOM   694  N N   . ILE A 1 87  ? 2.519   6.321   -14.685 1.00 8.31  ? 110 ILE A N   1 
ATOM   695  C CA  . ILE A 1 87  ? 3.843   6.421   -14.071 1.00 7.97  ? 110 ILE A CA  1 
ATOM   696  C C   . ILE A 1 87  ? 4.161   7.893   -13.814 1.00 8.65  ? 110 ILE A C   1 
ATOM   697  O O   . ILE A 1 87  ? 4.171   8.726   -14.745 1.00 8.61  ? 110 ILE A O   1 
ATOM   698  C CB  . ILE A 1 87  ? 4.938   5.805   -14.981 1.00 8.19  ? 110 ILE A CB  1 
ATOM   699  C CG1 . ILE A 1 87  ? 4.569   4.348   -15.254 1.00 8.01  ? 110 ILE A CG1 1 
ATOM   700  C CG2 . ILE A 1 87  ? 6.301   5.870   -14.288 1.00 9.34  ? 110 ILE A CG2 1 
ATOM   701  C CD1 . ILE A 1 87  ? 5.461   3.693   -16.226 1.00 10.87 ? 110 ILE A CD1 1 
ATOM   702  N N   . LEU A 1 88  ? 4.453   8.211   -12.552 1.00 9.12  ? 111 LEU A N   1 
ATOM   703  C CA  . LEU A 1 88  ? 4.861   9.571   -12.180 1.00 9.29  ? 111 LEU A CA  1 
ATOM   704  C C   . LEU A 1 88  ? 6.264   9.804   -12.766 1.00 8.95  ? 111 LEU A C   1 
ATOM   705  O O   . LEU A 1 88  ? 7.163   8.979   -12.569 1.00 10.25 ? 111 LEU A O   1 
ATOM   706  C CB  . LEU A 1 88  ? 4.893   9.755   -10.646 1.00 9.58  ? 111 LEU A CB  1 
ATOM   707  C CG  . LEU A 1 88  ? 5.545   11.053  -10.155 1.00 10.93 ? 111 LEU A CG  1 
ATOM   708  C CD1 . LEU A 1 88  ? 4.674   12.220  -10.580 1.00 11.47 ? 111 LEU A CD1 1 
ATOM   709  C CD2 . LEU A 1 88  ? 5.661   10.979  -8.629  1.00 11.04 ? 111 LEU A CD2 1 
ATOM   710  N N   . VAL A 1 89  ? 6.399   10.896  -13.527 1.00 8.90  ? 112 VAL A N   1 
ATOM   711  C CA  . VAL A 1 89  ? 7.668   11.202  -14.202 1.00 8.88  ? 112 VAL A CA  1 
ATOM   712  C C   . VAL A 1 89  ? 8.450   12.248  -13.420 1.00 8.88  ? 112 VAL A C   1 
ATOM   713  O O   . VAL A 1 89  ? 9.599   12.004  -13.050 1.00 10.27 ? 112 VAL A O   1 
ATOM   714  C CB  . VAL A 1 89  ? 7.419   11.655  -15.664 1.00 8.89  ? 112 VAL A CB  1 
ATOM   715  C CG1 . VAL A 1 89  ? 8.730   12.024  -16.333 1.00 9.59  ? 112 VAL A CG1 1 
ATOM   716  C CG2 . VAL A 1 89  ? 6.785   10.487  -16.468 1.00 9.87  ? 112 VAL A CG2 1 
ATOM   717  N N   . THR A 1 90  ? 7.815   13.383  -13.124 1.00 9.99  ? 113 THR A N   1 
ATOM   718  C CA  . THR A 1 90  ? 8.573   14.528  -12.573 1.00 9.77  ? 113 THR A CA  1 
ATOM   719  C C   . THR A 1 90  ? 7.987   14.957  -11.243 1.00 9.46  ? 113 THR A C   1 
ATOM   720  O O   . THR A 1 90  ? 6.837   15.391  -11.164 1.00 10.18 ? 113 THR A O   1 
ATOM   721  C CB  . THR A 1 90  ? 8.554   15.748  -13.542 1.00 10.90 ? 113 THR A CB  1 
ATOM   722  O OG1 . THR A 1 90  ? 9.029   15.355  -14.837 1.00 12.50 ? 113 THR A OG1 1 
ATOM   723  C CG2 . THR A 1 90  ? 9.437   16.900  -12.992 1.00 10.32 ? 113 THR A CG2 1 
ATOM   724  N N   . SER A 1 91  ? 8.765   14.794  -10.187 1.00 8.48  ? 114 SER A N   1 
ATOM   725  C CA  . SER A 1 91  ? 8.371   15.309  -8.874  1.00 9.56  ? 114 SER A CA  1 
ATOM   726  C C   . SER A 1 91  ? 9.604   15.762  -8.121  1.00 9.48  ? 114 SER A C   1 
ATOM   727  O O   . SER A 1 91  ? 10.687  15.174  -8.284  1.00 10.10 ? 114 SER A O   1 
ATOM   728  C CB  . SER A 1 91  ? 7.717   14.190  -8.083  1.00 10.15 ? 114 SER A CB  1 
ATOM   729  O OG  . SER A 1 91  ? 7.364   14.664  -6.795  1.00 9.05  ? 114 SER A OG  1 
ATOM   730  N N   . ASN A 1 92  ? 9.449   16.783  -7.270  1.00 7.90  ? 115 ASN A N   1 
ATOM   731  C CA  . ASN A 1 92  ? 10.541  17.199  -6.386  1.00 8.18  ? 115 ASN A CA  1 
ATOM   732  C C   . ASN A 1 92  ? 10.747  16.277  -5.204  1.00 8.40  ? 115 ASN A C   1 
ATOM   733  O O   . ASN A 1 92  ? 11.823  16.246  -4.598  1.00 8.73  ? 115 ASN A O   1 
ATOM   734  C CB  . ASN A 1 92  ? 10.260  18.565  -5.755  1.00 8.02  ? 115 ASN A CB  1 
ATOM   735  C CG  . ASN A 1 92  ? 10.492  19.738  -6.693  1.00 6.57  ? 115 ASN A CG  1 
ATOM   736  O OD1 . ASN A 1 92  ? 11.149  19.624  -7.766  1.00 7.66  ? 115 ASN A OD1 1 
ATOM   737  N ND2 . ASN A 1 92  ? 9.988   20.920  -6.273  1.00 7.49  ? 115 ASN A ND2 1 
ATOM   738  N N   . THR A 1 93  ? 9.660   15.612  -4.818  1.00 8.54  ? 116 THR A N   1 
ATOM   739  C CA  . THR A 1 93  ? 9.535   15.073  -3.467  1.00 8.70  ? 116 THR A CA  1 
ATOM   740  C C   . THR A 1 93  ? 9.582   13.542  -3.417  1.00 8.23  ? 116 THR A C   1 
ATOM   741  O O   . THR A 1 93  ? 9.427   12.853  -4.433  1.00 8.75  ? 116 THR A O   1 
ATOM   742  C CB  . THR A 1 93  ? 8.245   15.578  -2.817  1.00 8.84  ? 116 THR A CB  1 
ATOM   743  O OG1 . THR A 1 93  ? 7.152   15.200  -3.632  1.00 8.09  ? 116 THR A OG1 1 
ATOM   744  C CG2 . THR A 1 93  ? 8.267   17.115  -2.682  1.00 9.21  ? 116 THR A CG2 1 
ATOM   745  N N   . SER A 1 94  ? 9.811   13.024  -2.204  1.00 8.88  ? 117 SER A N   1 
ATOM   746  C CA  . SER A 1 94  ? 10.266  11.627  -2.015  1.00 8.54  ? 117 SER A CA  1 
ATOM   747  C C   . SER A 1 94  ? 9.305   10.746  -1.239  1.00 9.32  ? 117 SER A C   1 
ATOM   748  O O   . SER A 1 94  ? 9.546   9.542   -1.111  1.00 9.87  ? 117 SER A O   1 
ATOM   749  C CB  . SER A 1 94  ? 11.610  11.643  -1.261  1.00 9.01  ? 117 SER A CB  1 
ATOM   750  O OG  . SER A 1 94  ? 11.423  12.214  0.033   1.00 11.56 ? 117 SER A OG  1 
ATOM   751  N N   . HIS A 1 95  ? 8.212   11.324  -0.749  1.00 7.98  ? 118 HIS A N   1 
ATOM   752  C CA  . HIS A 1 95  ? 7.303   10.591  0.163   1.00 7.18  ? 118 HIS A CA  1 
ATOM   753  C C   . HIS A 1 95  ? 5.923   10.412  -0.428  1.00 7.45  ? 118 HIS A C   1 
ATOM   754  O O   . HIS A 1 95  ? 5.242   11.382  -0.751  1.00 7.72  ? 118 HIS A O   1 
ATOM   755  C CB  . HIS A 1 95  ? 7.219   11.296  1.524   1.00 7.84  ? 118 HIS A CB  1 
ATOM   756  C CG  . HIS A 1 95  ? 8.388   10.982  2.407   1.00 8.43  ? 118 HIS A CG  1 
ATOM   757  N ND1 . HIS A 1 95  ? 9.708   11.086  1.989   1.00 11.04 ? 118 HIS A ND1 1 
ATOM   758  C CD2 . HIS A 1 95  ? 8.437   10.550  3.684   1.00 13.31 ? 118 HIS A CD2 1 
ATOM   759  C CE1 . HIS A 1 95  ? 10.504  10.712  2.973   1.00 10.97 ? 118 HIS A CE1 1 
ATOM   760  N NE2 . HIS A 1 95  ? 9.761   10.417  4.020   1.00 12.45 ? 118 HIS A NE2 1 
ATOM   761  N N   . TYR A 1 96  ? 5.507   9.155   -0.563  1.00 7.10  ? 119 TYR A N   1 
ATOM   762  C CA  . TYR A 1 96  ? 4.202   8.903   -1.189  1.00 7.39  ? 119 TYR A CA  1 
ATOM   763  C C   . TYR A 1 96  ? 3.443   7.902   -0.330  1.00 7.71  ? 119 TYR A C   1 
ATOM   764  O O   . TYR A 1 96  ? 3.711   7.751   0.869   1.00 7.93  ? 119 TYR A O   1 
ATOM   765  C CB  . TYR A 1 96  ? 4.395   8.377   -2.637  1.00 7.20  ? 119 TYR A CB  1 
ATOM   766  C CG  . TYR A 1 96  ? 5.171   9.354   -3.519  1.00 7.33  ? 119 TYR A CG  1 
ATOM   767  C CD1 . TYR A 1 96  ? 4.524   10.432  -4.129  1.00 8.70  ? 119 TYR A CD1 1 
ATOM   768  C CD2 . TYR A 1 96  ? 6.557   9.213   -3.722  1.00 7.86  ? 119 TYR A CD2 1 
ATOM   769  C CE1 . TYR A 1 96  ? 5.198   11.315  -4.923  1.00 7.49  ? 119 TYR A CE1 1 
ATOM   770  C CE2 . TYR A 1 96  ? 7.282   10.129  -4.515  1.00 7.05  ? 119 TYR A CE2 1 
ATOM   771  C CZ  . TYR A 1 96  ? 6.592   11.180  -5.111  1.00 7.28  ? 119 TYR A CZ  1 
ATOM   772  O OH  . TYR A 1 96  ? 7.264   12.076  -5.929  1.00 9.21  ? 119 TYR A OH  1 
ATOM   773  N N   . ASP A 1 97  ? 2.497   7.210   -0.943  1.00 7.66  ? 120 ASP A N   1 
ATOM   774  C CA  . ASP A 1 97  ? 1.940   6.005   -0.333  1.00 6.71  ? 120 ASP A CA  1 
ATOM   775  C C   . ASP A 1 97  ? 2.737   4.810   -0.865  1.00 7.30  ? 120 ASP A C   1 
ATOM   776  O O   . ASP A 1 97  ? 3.777   4.994   -1.538  1.00 7.15  ? 120 ASP A O   1 
ATOM   777  C CB  . ASP A 1 97  ? 0.449   5.842   -0.696  1.00 6.46  ? 120 ASP A CB  1 
ATOM   778  C CG  . ASP A 1 97  ? -0.406  7.033   -0.234  1.00 7.22  ? 120 ASP A CG  1 
ATOM   779  O OD1 . ASP A 1 97  ? 0.005   7.789   0.700   1.00 8.42  ? 120 ASP A OD1 1 
ATOM   780  O OD2 . ASP A 1 97  ? -1.504  7.198   -0.817  1.00 8.87  ? 120 ASP A OD2 1 
ATOM   781  N N   . THR A 1 98  ? 2.283   3.598   -0.550  1.00 7.67  ? 121 THR A N   1 
ATOM   782  C CA  . THR A 1 98  ? 2.862   2.413   -1.195  1.00 6.93  ? 121 THR A CA  1 
ATOM   783  C C   . THR A 1 98  ? 1.821   1.431   -1.669  1.00 7.88  ? 121 THR A C   1 
ATOM   784  O O   . THR A 1 98  ? 0.697   1.380   -1.164  1.00 7.41  ? 121 THR A O   1 
ATOM   785  C CB  . THR A 1 98  ? 3.931   1.702   -0.298  1.00 8.23  ? 121 THR A CB  1 
ATOM   786  O OG1 . THR A 1 98  ? 4.728   0.816   -1.119  1.00 7.87  ? 121 THR A OG1 1 
ATOM   787  C CG2 . THR A 1 98  ? 3.259   0.947   0.838   1.00 7.33  ? 121 THR A CG2 1 
ATOM   788  N N   . TYR A 1 99  ? 2.195   0.671   -2.691  1.00 6.86  ? 122 TYR A N   1 
ATOM   789  C CA  . TYR A 1 99  ? 1.465   -0.543  -3.040  1.00 7.14  ? 122 TYR A CA  1 
ATOM   790  C C   . TYR A 1 99  ? 2.266   -1.704  -2.511  1.00 7.12  ? 122 TYR A C   1 
ATOM   791  O O   . TYR A 1 99  ? 3.487   -1.608  -2.361  1.00 8.83  ? 122 TYR A O   1 
ATOM   792  C CB  . TYR A 1 99  ? 1.274   -0.647  -4.567  1.00 6.28  ? 122 TYR A CB  1 
ATOM   793  C CG  . TYR A 1 99  ? 0.502   0.526   -5.075  1.00 5.29  ? 122 TYR A CG  1 
ATOM   794  C CD1 . TYR A 1 99  ? -0.913  0.533   -4.976  1.00 7.07  ? 122 TYR A CD1 1 
ATOM   795  C CD2 . TYR A 1 99  ? 1.144   1.659   -5.599  1.00 5.98  ? 122 TYR A CD2 1 
ATOM   796  C CE1 . TYR A 1 99  ? -1.682  1.625   -5.403  1.00 7.57  ? 122 TYR A CE1 1 
ATOM   797  C CE2 . TYR A 1 99  ? 0.385   2.776   -6.039  1.00 6.88  ? 122 TYR A CE2 1 
ATOM   798  C CZ  . TYR A 1 99  ? -1.037  2.744   -5.915  1.00 6.52  ? 122 TYR A CZ  1 
ATOM   799  O OH  . TYR A 1 99  ? -1.796  3.824   -6.268  1.00 8.30  ? 122 TYR A OH  1 
ATOM   800  N N   . CYS A 1 100 ? 1.548   -2.774  -2.184  1.00 7.47  ? 123 CYS A N   1 
ATOM   801  C CA  . CYS A 1 100 ? 2.129   -4.022  -1.702  1.00 7.37  ? 123 CYS A CA  1 
ATOM   802  C C   . CYS A 1 100 ? 1.482   -5.175  -2.453  1.00 7.64  ? 123 CYS A C   1 
ATOM   803  O O   . CYS A 1 100 ? 0.363   -5.054  -2.942  1.00 7.94  ? 123 CYS A O   1 
ATOM   804  C CB  . CYS A 1 100 ? 1.904   -4.203  -0.196  1.00 7.50  ? 123 CYS A CB  1 
ATOM   805  S SG  . CYS A 1 100 ? 2.747   -2.950  0.840   1.00 10.58 ? 123 CYS A SG  1 
ATOM   806  N N   . PHE A 1 101 ? 2.216   -6.272  -2.563  1.00 7.48  ? 124 PHE A N   1 
ATOM   807  C CA  . PHE A 1 101 ? 1.744   -7.464  -3.257  1.00 7.34  ? 124 PHE A CA  1 
ATOM   808  C C   . PHE A 1 101 ? 1.893   -8.676  -2.329  1.00 7.57  ? 124 PHE A C   1 
ATOM   809  O O   . PHE A 1 101 ? 3.002   -9.020  -1.910  1.00 7.35  ? 124 PHE A O   1 
ATOM   810  C CB  . PHE A 1 101 ? 2.550   -7.722  -4.527  1.00 7.04  ? 124 PHE A CB  1 
ATOM   811  C CG  . PHE A 1 101 ? 2.325   -9.072  -5.076  1.00 6.91  ? 124 PHE A CG  1 
ATOM   812  C CD1 . PHE A 1 101 ? 1.049   -9.441  -5.547  1.00 7.72  ? 124 PHE A CD1 1 
ATOM   813  C CD2 . PHE A 1 101 ? 3.355   -9.996  -5.102  1.00 6.70  ? 124 PHE A CD2 1 
ATOM   814  C CE1 . PHE A 1 101 ? 0.822   -10.717 -6.033  1.00 7.86  ? 124 PHE A CE1 1 
ATOM   815  C CE2 . PHE A 1 101 ? 3.137   -11.278 -5.601  1.00 9.18  ? 124 PHE A CE2 1 
ATOM   816  C CZ  . PHE A 1 101 ? 1.858   -11.640 -6.066  1.00 7.84  ? 124 PHE A CZ  1 
ATOM   817  N N   A ASN A 1 102 ? 0.752   -9.299  -2.034  0.50 8.53  ? 125 ASN A N   1 
ATOM   818  N N   B ASN A 1 102 ? 0.759   -9.285  -1.983  0.50 8.74  ? 125 ASN A N   1 
ATOM   819  C CA  A ASN A 1 102 ? 0.669   -10.513 -1.246  0.50 8.59  ? 125 ASN A CA  1 
ATOM   820  C CA  B ASN A 1 102 ? 0.742   -10.527 -1.227  0.50 9.04  ? 125 ASN A CA  1 
ATOM   821  C C   A ASN A 1 102 ? 0.314   -11.699 -2.154  0.50 8.85  ? 125 ASN A C   1 
ATOM   822  C C   B ASN A 1 102 ? 0.327   -11.698 -2.127  0.50 9.12  ? 125 ASN A C   1 
ATOM   823  O O   A ASN A 1 102 ? -0.833  -11.813 -2.619  0.50 9.14  ? 125 ASN A O   1 
ATOM   824  O O   B ASN A 1 102 ? -0.833  -11.795 -2.566  0.50 9.39  ? 125 ASN A O   1 
ATOM   825  C CB  A ASN A 1 102 ? -0.402  -10.337 -0.172  0.50 8.64  ? 125 ASN A CB  1 
ATOM   826  C CB  B ASN A 1 102 ? -0.168  -10.415 -0.001  0.50 9.35  ? 125 ASN A CB  1 
ATOM   827  C CG  A ASN A 1 102 ? -0.707  -11.624 0.554   0.50 9.31  ? 125 ASN A CG  1 
ATOM   828  C CG  B ASN A 1 102 ? 0.039   -11.562 0.966   0.50 11.30 ? 125 ASN A CG  1 
ATOM   829  O OD1 A ASN A 1 102 ? 0.135   -12.522 0.631   0.50 12.12 ? 125 ASN A OD1 1 
ATOM   830  O OD1 B ASN A 1 102 ? 0.124   -12.718 0.556   0.50 14.16 ? 125 ASN A OD1 1 
ATOM   831  N ND2 A ASN A 1 102 ? -1.904  -11.711 1.118   0.50 9.09  ? 125 ASN A ND2 1 
ATOM   832  N ND2 B ASN A 1 102 ? 0.120   -11.253 2.247   0.50 12.81 ? 125 ASN A ND2 1 
ATOM   833  N N   . ALA A 1 103 ? 1.303   -12.556 -2.411  1.00 8.87  ? 126 ALA A N   1 
ATOM   834  C CA  . ALA A 1 103 ? 1.117   -13.703 -3.294  1.00 10.05 ? 126 ALA A CA  1 
ATOM   835  C C   . ALA A 1 103 ? 0.037   -14.695 -2.823  1.00 10.74 ? 126 ALA A C   1 
ATOM   836  O O   . ALA A 1 103 ? -0.547  -15.420 -3.668  1.00 12.20 ? 126 ALA A O   1 
ATOM   837  C CB  . ALA A 1 103 ? 2.462   -14.423 -3.465  1.00 10.48 ? 126 ALA A CB  1 
ATOM   838  N N   A SER A 1 104 ? -0.260  -14.710 -1.522  0.50 10.95 ? 127 SER A N   1 
ATOM   839  N N   B SER A 1 104 ? -0.259  -14.702 -1.521  0.50 10.99 ? 127 SER A N   1 
ATOM   840  C CA  A SER A 1 104 ? -1.245  -15.671 -0.970  0.50 10.79 ? 127 SER A CA  1 
ATOM   841  C CA  B SER A 1 104 ? -1.233  -15.664 -0.953  0.50 10.95 ? 127 SER A CA  1 
ATOM   842  C C   A SER A 1 104 ? -2.688  -15.200 -1.056  0.50 11.19 ? 127 SER A C   1 
ATOM   843  C C   B SER A 1 104 ? -2.669  -15.146 -0.913  0.50 11.21 ? 127 SER A C   1 
ATOM   844  O O   A SER A 1 104 ? -3.618  -15.965 -0.754  0.50 11.87 ? 127 SER A O   1 
ATOM   845  O O   B SER A 1 104 ? -3.575  -15.829 -0.393  0.50 11.90 ? 127 SER A O   1 
ATOM   846  C CB  A SER A 1 104 ? -0.916  -16.011 0.482   0.50 11.52 ? 127 SER A CB  1 
ATOM   847  C CB  B SER A 1 104 ? -0.803  -16.102 0.448   0.50 11.64 ? 127 SER A CB  1 
ATOM   848  O OG  A SER A 1 104 ? 0.401   -16.507 0.596   0.50 10.43 ? 127 SER A OG  1 
ATOM   849  O OG  B SER A 1 104 ? -0.952  -15.041 1.375   0.50 11.39 ? 127 SER A OG  1 
ATOM   850  N N   . ALA A 1 105 ? -2.883  -13.947 -1.461  1.00 10.97 ? 128 ALA A N   1 
ATOM   851  C CA  . ALA A 1 105 ? -4.227  -13.384 -1.611  1.00 10.51 ? 128 ALA A CA  1 
ATOM   852  C C   . ALA A 1 105 ? -5.021  -14.085 -2.721  1.00 10.14 ? 128 ALA A C   1 
ATOM   853  O O   . ALA A 1 105 ? -4.430  -14.777 -3.575  1.00 10.04 ? 128 ALA A O   1 
ATOM   854  C CB  . ALA A 1 105 ? -4.140  -11.874 -1.880  1.00 10.18 ? 128 ALA A CB  1 
ATOM   855  N N   . PRO A 1 106 ? -6.356  -13.913 -2.742  1.00 10.36 ? 129 PRO A N   1 
ATOM   856  C CA  . PRO A 1 106 ? -7.142  -14.461 -3.877  1.00 10.19 ? 129 PRO A CA  1 
ATOM   857  C C   . PRO A 1 106 ? -6.739  -13.865 -5.230  1.00 9.94  ? 129 PRO A C   1 
ATOM   858  O O   . PRO A 1 106 ? -6.139  -12.788 -5.291  1.00 10.26 ? 129 PRO A O   1 
ATOM   859  C CB  . PRO A 1 106 ? -8.588  -14.065 -3.539  1.00 10.93 ? 129 PRO A CB  1 
ATOM   860  C CG  . PRO A 1 106 ? -8.558  -13.957 -2.028  1.00 11.54 ? 129 PRO A CG  1 
ATOM   861  C CD  . PRO A 1 106 ? -7.247  -13.287 -1.737  1.00 10.16 ? 129 PRO A CD  1 
ATOM   862  N N   . PRO A 1 107 ? -7.039  -14.580 -6.321  1.00 9.28  ? 130 PRO A N   1 
ATOM   863  C CA  . PRO A 1 107 ? -6.534  -14.156 -7.640  1.00 9.13  ? 130 PRO A CA  1 
ATOM   864  C C   . PRO A 1 107 ? -7.192  -12.919 -8.233  1.00 8.62  ? 130 PRO A C   1 
ATOM   865  O O   . PRO A 1 107 ? -6.579  -12.269 -9.091  1.00 8.92  ? 130 PRO A O   1 
ATOM   866  C CB  . PRO A 1 107 ? -6.832  -15.374 -8.552  1.00 9.36  ? 130 PRO A CB  1 
ATOM   867  C CG  . PRO A 1 107 ? -7.968  -16.129 -7.824  1.00 8.15  ? 130 PRO A CG  1 
ATOM   868  C CD  . PRO A 1 107 ? -7.684  -15.908 -6.360  1.00 10.23 ? 130 PRO A CD  1 
ATOM   869  N N   . GLU A 1 108 ? -8.417  -12.598 -7.815  1.00 9.12  ? 131 GLU A N   1 
ATOM   870  C CA  . GLU A 1 108 ? -9.163  -11.515 -8.450  1.00 9.56  ? 131 GLU A CA  1 
ATOM   871  C C   . GLU A 1 108 ? -9.461  -10.441 -7.408  1.00 10.03 ? 131 GLU A C   1 
ATOM   872  O O   . GLU A 1 108 ? -8.555  -10.097 -6.680  1.00 10.63 ? 131 GLU A O   1 
ATOM   873  C CB  . GLU A 1 108 ? -10.368 -12.050 -9.229  1.00 11.11 ? 131 GLU A CB  1 
ATOM   874  C CG  . GLU A 1 108 ? -9.811  -12.974 -10.340 1.00 13.36 ? 131 GLU A CG  1 
ATOM   875  C CD  . GLU A 1 108 ? -10.827 -13.411 -11.349 1.00 20.91 ? 131 GLU A CD  1 
ATOM   876  O OE1 . GLU A 1 108 ? -11.827 -14.016 -10.926 1.00 22.08 ? 131 GLU A OE1 1 
ATOM   877  O OE2 . GLU A 1 108 ? -10.592 -13.184 -12.564 1.00 24.12 ? 131 GLU A OE2 1 
ATOM   878  N N   . GLU A 1 109 ? -10.682 -9.926  -7.311  1.00 10.90 ? 132 GLU A N   1 
ATOM   879  C CA  . GLU A 1 109 ? -10.958 -8.870  -6.337  1.00 11.81 ? 132 GLU A CA  1 
ATOM   880  C C   . GLU A 1 109 ? -11.208 -9.449  -4.937  1.00 11.55 ? 132 GLU A C   1 
ATOM   881  O O   . GLU A 1 109 ? -12.019 -10.368 -4.760  1.00 12.88 ? 132 GLU A O   1 
ATOM   882  C CB  . GLU A 1 109 ? -12.164 -8.043  -6.785  1.00 13.27 ? 132 GLU A CB  1 
ATOM   883  C CG  . GLU A 1 109 ? -12.496 -6.883  -5.835  1.00 15.75 ? 132 GLU A CG  1 
ATOM   884  C CD  . GLU A 1 109 ? -13.772 -6.193  -6.257  1.00 18.57 ? 132 GLU A CD  1 
ATOM   885  O OE1 . GLU A 1 109 ? -14.840 -6.832  -6.238  1.00 23.85 ? 132 GLU A OE1 1 
ATOM   886  O OE2 . GLU A 1 109 ? -13.689 -5.024  -6.644  1.00 21.45 ? 132 GLU A OE2 1 
ATOM   887  N N   . ASP A 1 110 ? -10.492 -8.931  -3.953  1.00 10.00 ? 133 ASP A N   1 
ATOM   888  C CA  . ASP A 1 110 ? -10.733 -9.331  -2.557  1.00 10.22 ? 133 ASP A CA  1 
ATOM   889  C C   . ASP A 1 110 ? -10.973 -8.082  -1.711  1.00 10.55 ? 133 ASP A C   1 
ATOM   890  O O   . ASP A 1 110 ? -10.033 -7.393  -1.327  1.00 9.47  ? 133 ASP A O   1 
ATOM   891  C CB  . ASP A 1 110 ? -9.557  -10.190 -2.000  1.00 9.63  ? 133 ASP A CB  1 
ATOM   892  C CG  . ASP A 1 110 ? -9.738  -10.549 -0.553  1.00 10.29 ? 133 ASP A CG  1 
ATOM   893  O OD1 . ASP A 1 110 ? -10.887 -10.418 -0.028  1.00 10.01 ? 133 ASP A OD1 1 
ATOM   894  O OD2 . ASP A 1 110 ? -8.755  -10.947 0.099   1.00 11.78 ? 133 ASP A OD2 1 
ATOM   895  N N   . CYS A 1 111 ? -12.241 -7.809  -1.410  1.00 11.19 ? 134 CYS A N   1 
ATOM   896  C CA  . CYS A 1 111 ? -12.579 -6.617  -0.616  1.00 12.23 ? 134 CYS A CA  1 
ATOM   897  C C   . CYS A 1 111 ? -12.984 -6.980  0.808   1.00 12.95 ? 134 CYS A C   1 
ATOM   898  O O   . CYS A 1 111 ? -13.716 -6.224  1.485   1.00 14.61 ? 134 CYS A O   1 
ATOM   899  C CB  . CYS A 1 111 ? -13.680 -5.787  -1.293  1.00 11.72 ? 134 CYS A CB  1 
ATOM   900  S SG  . CYS A 1 111 ? -13.120 -4.834  -2.702  1.00 14.73 ? 134 CYS A SG  1 
ATOM   901  N N   . THR A 1 112 ? -12.501 -8.109  1.293   1.00 12.72 ? 135 THR A N   1 
ATOM   902  C CA  . THR A 1 112 ? -12.631 -8.405  2.711   1.00 12.93 ? 135 THR A CA  1 
ATOM   903  C C   . THR A 1 112 ? -11.651 -7.546  3.494   1.00 13.01 ? 135 THR A C   1 
ATOM   904  O O   . THR A 1 112 ? -10.679 -7.004  2.925   1.00 13.77 ? 135 THR A O   1 
ATOM   905  C CB  . THR A 1 112 ? -12.374 -9.863  2.999   1.00 12.60 ? 135 THR A CB  1 
ATOM   906  O OG1 . THR A 1 112 ? -11.051 -10.207 2.546   1.00 13.71 ? 135 THR A OG1 1 
ATOM   907  C CG2 . THR A 1 112 ? -13.422 -10.712 2.277   1.00 12.89 ? 135 THR A CG2 1 
ATOM   908  N N   A SER A 1 113 ? -11.891 -7.424  4.793   0.50 13.23 ? 136 SER A N   1 
ATOM   909  N N   B SER A 1 113 ? -11.898 -7.402  4.794   0.50 13.07 ? 136 SER A N   1 
ATOM   910  C CA  A SER A 1 113 ? -11.015 -6.633  5.643   0.50 13.67 ? 136 SER A CA  1 
ATOM   911  C CA  B SER A 1 113 ? -11.050 -6.560  5.645   0.50 13.35 ? 136 SER A CA  1 
ATOM   912  C C   A SER A 1 113 ? -9.667  -7.280  5.872   0.50 14.36 ? 136 SER A C   1 
ATOM   913  C C   B SER A 1 113 ? -9.739  -7.232  6.060   0.50 14.20 ? 136 SER A C   1 
ATOM   914  O O   A SER A 1 113 ? -9.524  -8.505  5.834   0.50 14.27 ? 136 SER A O   1 
ATOM   915  O O   B SER A 1 113 ? -9.688  -8.443  6.313   0.50 14.02 ? 136 SER A O   1 
ATOM   916  C CB  A SER A 1 113 ? -11.681 -6.364  6.981   0.50 13.50 ? 136 SER A CB  1 
ATOM   917  C CB  B SER A 1 113 ? -11.825 -6.062  6.873   0.50 13.08 ? 136 SER A CB  1 
ATOM   918  O OG  A SER A 1 113 ? -12.710 -5.429  6.803   0.50 13.20 ? 136 SER A OG  1 
ATOM   919  O OG  B SER A 1 113 ? -12.566 -7.099  7.483   0.50 11.84 ? 136 SER A OG  1 
ATOM   920  N N   . VAL A 1 114 ? -8.680  -6.424  6.105   1.00 14.62 ? 137 VAL A N   1 
ATOM   921  C CA  . VAL A 1 114 ? -7.357  -6.850  6.580   1.00 15.63 ? 137 VAL A CA  1 
ATOM   922  C C   . VAL A 1 114 ? -7.355  -6.742  8.106   1.00 16.82 ? 137 VAL A C   1 
ATOM   923  O O   . VAL A 1 114 ? -7.666  -5.677  8.656   1.00 15.93 ? 137 VAL A O   1 
ATOM   924  C CB  . VAL A 1 114 ? -6.266  -5.942  5.974   1.00 15.61 ? 137 VAL A CB  1 
ATOM   925  C CG1 . VAL A 1 114 ? -4.872  -6.322  6.522   1.00 15.50 ? 137 VAL A CG1 1 
ATOM   926  C CG2 . VAL A 1 114 ? -6.290  -6.019  4.442   1.00 15.29 ? 137 VAL A CG2 1 
ATOM   927  N N   . THR A 1 115 ? -7.013  -7.835  8.800   1.00 18.51 ? 138 THR A N   1 
ATOM   928  C CA  . THR A 1 115 ? -7.104  -7.829  10.273  1.00 21.11 ? 138 THR A CA  1 
ATOM   929  C C   . THR A 1 115 ? -5.834  -8.325  10.977  1.00 21.06 ? 138 THR A C   1 
ATOM   930  O O   . THR A 1 115 ? -5.890  -8.802  12.106  1.00 21.87 ? 138 THR A O   1 
ATOM   931  C CB  . THR A 1 115 ? -8.339  -8.619  10.803  1.00 22.05 ? 138 THR A CB  1 
ATOM   932  O OG1 . THR A 1 115 ? -8.522  -9.796  10.002  1.00 25.96 ? 138 THR A OG1 1 
ATOM   933  C CG2 . THR A 1 115 ? -9.625  -7.722  10.805  1.00 24.41 ? 138 THR A CG2 1 
ATOM   934  N N   . ASP A 1 116 ? -4.707  -8.241  10.291  1.00 20.74 ? 139 ASP A N   1 
ATOM   935  C CA  . ASP A 1 116 ? -3.422  -8.520  10.911  1.00 22.36 ? 139 ASP A CA  1 
ATOM   936  C C   . ASP A 1 116 ? -2.312  -7.885  10.103  1.00 21.46 ? 139 ASP A C   1 
ATOM   937  O O   . ASP A 1 116 ? -2.430  -7.635  8.897   1.00 22.13 ? 139 ASP A O   1 
ATOM   938  C CB  . ASP A 1 116 ? -3.169  -10.031 11.084  1.00 22.96 ? 139 ASP A CB  1 
ATOM   939  C CG  . ASP A 1 116 ? -1.968  -10.350 12.040  1.00 26.23 ? 139 ASP A CG  1 
ATOM   940  O OD1 . ASP A 1 116 ? -1.452  -9.480  12.818  1.00 28.53 ? 139 ASP A OD1 1 
ATOM   941  O OD2 . ASP A 1 116 ? -1.523  -11.507 11.980  1.00 31.88 ? 139 ASP A OD2 1 
ATOM   942  N N   . LEU A 1 117 ? -1.230  -7.604  10.816  1.00 20.60 ? 140 LEU A N   1 
ATOM   943  C CA  . LEU A 1 117 ? 0.016   -7.159  10.262  1.00 18.85 ? 140 LEU A CA  1 
ATOM   944  C C   . LEU A 1 117 ? 0.975   -8.244  10.713  1.00 18.66 ? 140 LEU A C   1 
ATOM   945  O O   . LEU A 1 117 ? 1.650   -8.099  11.744  1.00 17.93 ? 140 LEU A O   1 
ATOM   946  C CB  . LEU A 1 117 ? 0.361   -5.823  10.903  1.00 19.23 ? 140 LEU A CB  1 
ATOM   947  C CG  . LEU A 1 117 ? 1.601   -5.106  10.376  1.00 18.43 ? 140 LEU A CG  1 
ATOM   948  C CD1 . LEU A 1 117 ? 1.369   -4.728  8.940   1.00 17.78 ? 140 LEU A CD1 1 
ATOM   949  C CD2 . LEU A 1 117 ? 1.925   -3.882  11.210  1.00 20.33 ? 140 LEU A CD2 1 
ATOM   950  N N   . PRO A 1 118 ? 1.022   -9.363  9.962   1.00 17.45 ? 141 PRO A N   1 
ATOM   951  C CA  . PRO A 1 118 ? 1.548   -10.618 10.515  1.00 17.26 ? 141 PRO A CA  1 
ATOM   952  C C   . PRO A 1 118 ? 3.055   -10.644 10.770  1.00 16.38 ? 141 PRO A C   1 
ATOM   953  O O   . PRO A 1 118 ? 3.539   -11.488 11.545  1.00 17.24 ? 141 PRO A O   1 
ATOM   954  C CB  . PRO A 1 118 ? 1.184   -11.659 9.441   1.00 17.54 ? 141 PRO A CB  1 
ATOM   955  C CG  . PRO A 1 118 ? 0.989   -10.865 8.174   1.00 17.98 ? 141 PRO A CG  1 
ATOM   956  C CD  . PRO A 1 118 ? 0.481   -9.524  8.591   1.00 17.61 ? 141 PRO A CD  1 
ATOM   957  N N   . ASN A 1 119 ? 3.797   -9.766  10.103  1.00 14.61 ? 142 ASN A N   1 
ATOM   958  C CA  . ASN A 1 119 ? 5.241   -9.798  10.206  1.00 14.60 ? 142 ASN A CA  1 
ATOM   959  C C   . ASN A 1 119 ? 5.835   -8.529  10.807  1.00 14.01 ? 142 ASN A C   1 
ATOM   960  O O   . ASN A 1 119 ? 7.030   -8.259  10.656  1.00 13.75 ? 142 ASN A O   1 
ATOM   961  C CB  . ASN A 1 119 ? 5.836   -10.101 8.842   1.00 15.29 ? 142 ASN A CB  1 
ATOM   962  C CG  . ASN A 1 119 ? 7.233   -10.619 8.922   1.00 18.13 ? 142 ASN A CG  1 
ATOM   963  O OD1 . ASN A 1 119 ? 7.594   -11.381 9.839   1.00 21.40 ? 142 ASN A OD1 1 
ATOM   964  N ND2 . ASN A 1 119 ? 8.040   -10.251 7.939   1.00 21.35 ? 142 ASN A ND2 1 
ATOM   965  N N   . SER A 1 120 ? 5.020   -7.768  11.531  1.00 14.43 ? 143 SER A N   1 
ATOM   966  C CA  . SER A 1 120 ? 5.575   -6.653  12.305  1.00 13.72 ? 143 SER A CA  1 
ATOM   967  C C   . SER A 1 120 ? 6.417   -7.230  13.461  1.00 13.33 ? 143 SER A C   1 
ATOM   968  O O   . SER A 1 120 ? 6.247   -8.398  13.859  1.00 13.37 ? 143 SER A O   1 
ATOM   969  C CB  . SER A 1 120 ? 4.464   -5.752  12.842  1.00 13.93 ? 143 SER A CB  1 
ATOM   970  O OG  . SER A 1 120 ? 3.623   -6.490  13.682  1.00 14.69 ? 143 SER A OG  1 
ATOM   971  N N   . PHE A 1 121 ? 7.341   -6.434  13.981  1.00 12.32 ? 144 PHE A N   1 
ATOM   972  C CA  . PHE A 1 121 ? 8.213   -6.947  15.031  1.00 12.04 ? 144 PHE A CA  1 
ATOM   973  C C   . PHE A 1 121 ? 7.948   -6.211  16.346  1.00 11.86 ? 144 PHE A C   1 
ATOM   974  O O   . PHE A 1 121 ? 7.145   -5.269  16.400  1.00 12.05 ? 144 PHE A O   1 
ATOM   975  C CB  . PHE A 1 121 ? 9.692   -6.962  14.592  1.00 12.76 ? 144 PHE A CB  1 
ATOM   976  C CG  . PHE A 1 121 ? 10.188  -5.674  14.000  1.00 13.00 ? 144 PHE A CG  1 
ATOM   977  C CD1 . PHE A 1 121 ? 10.646  -4.638  14.832  1.00 13.87 ? 144 PHE A CD1 1 
ATOM   978  C CD2 . PHE A 1 121 ? 10.229  -5.499  12.613  1.00 14.89 ? 144 PHE A CD2 1 
ATOM   979  C CE1 . PHE A 1 121 ? 11.134  -3.424  14.285  1.00 14.09 ? 144 PHE A CE1 1 
ATOM   980  C CE2 . PHE A 1 121 ? 10.711  -4.292  12.054  1.00 15.82 ? 144 PHE A CE2 1 
ATOM   981  C CZ  . PHE A 1 121 ? 11.142  -3.246  12.884  1.00 13.36 ? 144 PHE A CZ  1 
ATOM   982  N N   . ASP A 1 122 ? 8.576   -6.659  17.412  1.00 10.91 ? 145 ASP A N   1 
ATOM   983  C CA  . ASP A 1 122 ? 8.405   -6.027  18.732  1.00 10.55 ? 145 ASP A CA  1 
ATOM   984  C C   . ASP A 1 122 ? 8.726   -4.531  18.691  1.00 10.22 ? 145 ASP A C   1 
ATOM   985  O O   . ASP A 1 122 ? 9.732   -4.098  18.103  1.00 10.75 ? 145 ASP A O   1 
ATOM   986  C CB  . ASP A 1 122 ? 9.334   -6.712  19.765  1.00 10.52 ? 145 ASP A CB  1 
ATOM   987  C CG  . ASP A 1 122 ? 9.130   -6.170  21.173  1.00 11.26 ? 145 ASP A CG  1 
ATOM   988  O OD1 . ASP A 1 122 ? 8.160   -6.590  21.849  1.00 12.65 ? 145 ASP A OD1 1 
ATOM   989  O OD2 . ASP A 1 122 ? 9.927   -5.327  21.604  1.00 13.00 ? 145 ASP A OD2 1 
ATOM   990  N N   . GLY A 1 123 ? 7.902   -3.742  19.355  1.00 11.45 ? 146 GLY A N   1 
ATOM   991  C CA  . GLY A 1 123 ? 8.168   -2.319  19.427  1.00 11.94 ? 146 GLY A CA  1 
ATOM   992  C C   . GLY A 1 123 ? 7.114   -1.549  20.157  1.00 12.77 ? 146 GLY A C   1 
ATOM   993  O O   . GLY A 1 123 ? 6.161   -2.131  20.647  1.00 12.17 ? 146 GLY A O   1 
ATOM   994  N N   . PRO A 1 124 ? 7.292   -0.223  20.225  1.00 13.42 ? 147 PRO A N   1 
ATOM   995  C CA  . PRO A 1 124 ? 6.491   0.618   21.118  1.00 14.30 ? 147 PRO A CA  1 
ATOM   996  C C   . PRO A 1 124 ? 5.243   1.251   20.492  1.00 14.50 ? 147 PRO A C   1 
ATOM   997  O O   . PRO A 1 124 ? 4.436   1.846   21.204  1.00 15.10 ? 147 PRO A O   1 
ATOM   998  C CB  . PRO A 1 124 ? 7.471   1.718   21.510  1.00 14.25 ? 147 PRO A CB  1 
ATOM   999  C CG  . PRO A 1 124 ? 8.352   1.881   20.329  1.00 14.02 ? 147 PRO A CG  1 
ATOM   1000 C CD  . PRO A 1 124 ? 8.437   0.507   19.648  1.00 14.14 ? 147 PRO A CD  1 
ATOM   1001 N N   . VAL A 1 125 ? 5.089   1.104   19.184  1.00 13.02 ? 148 VAL A N   1 
ATOM   1002 C CA  . VAL A 1 125 ? 4.056   1.842   18.459  1.00 12.99 ? 148 VAL A CA  1 
ATOM   1003 C C   . VAL A 1 125 ? 2.714   1.140   18.487  1.00 12.38 ? 148 VAL A C   1 
ATOM   1004 O O   . VAL A 1 125 ? 2.619   -0.058  18.220  1.00 12.17 ? 148 VAL A O   1 
ATOM   1005 C CB  . VAL A 1 125 ? 4.478   2.109   16.999  1.00 12.46 ? 148 VAL A CB  1 
ATOM   1006 C CG1 . VAL A 1 125 ? 3.452   2.993   16.258  1.00 12.15 ? 148 VAL A CG1 1 
ATOM   1007 C CG2 . VAL A 1 125 ? 5.893   2.688   16.945  1.00 14.24 ? 148 VAL A CG2 1 
ATOM   1008 N N   . THR A 1 126 ? 1.655   1.897   18.766  1.00 12.80 ? 149 THR A N   1 
ATOM   1009 C CA  . THR A 1 126 ? 0.322   1.383   18.508  1.00 12.67 ? 149 THR A CA  1 
ATOM   1010 C C   . THR A 1 126 ? -0.018  1.516   17.004  1.00 12.02 ? 149 THR A C   1 
ATOM   1011 O O   . THR A 1 126 ? -0.298  2.598   16.518  1.00 12.23 ? 149 THR A O   1 
ATOM   1012 C CB  . THR A 1 126 ? -0.737  2.078   19.373  1.00 13.30 ? 149 THR A CB  1 
ATOM   1013 O OG1 . THR A 1 126 ? -0.463  1.791   20.761  1.00 15.50 ? 149 THR A OG1 1 
ATOM   1014 C CG2 . THR A 1 126 ? -2.136  1.536   19.019  1.00 13.99 ? 149 THR A CG2 1 
ATOM   1015 N N   . ILE A 1 127 ? 0.052   0.398   16.289  1.00 11.06 ? 150 ILE A N   1 
ATOM   1016 C CA  . ILE A 1 127 ? -0.224  0.387   14.850  1.00 11.02 ? 150 ILE A CA  1 
ATOM   1017 C C   . ILE A 1 127 ? -1.660  -0.055  14.608  1.00 10.94 ? 150 ILE A C   1 
ATOM   1018 O O   . ILE A 1 127 ? -2.052  -1.145  15.040  1.00 10.31 ? 150 ILE A O   1 
ATOM   1019 C CB  . ILE A 1 127 ? 0.727   -0.574  14.092  1.00 11.71 ? 150 ILE A CB  1 
ATOM   1020 C CG1 . ILE A 1 127 ? 2.167   -0.181  14.366  1.00 12.94 ? 150 ILE A CG1 1 
ATOM   1021 C CG2 . ILE A 1 127 ? 0.409   -0.565  12.574  1.00 11.10 ? 150 ILE A CG2 1 
ATOM   1022 C CD1 . ILE A 1 127 ? 3.179   -1.330  14.142  1.00 13.22 ? 150 ILE A CD1 1 
ATOM   1023 N N   . THR A 1 128 ? -2.441  0.774   13.897  1.00 10.04 ? 151 THR A N   1 
ATOM   1024 C CA  . THR A 1 128 ? -3.815  0.434   13.602  1.00 11.18 ? 151 THR A CA  1 
ATOM   1025 C C   . THR A 1 128 ? -4.028  0.278   12.094  1.00 10.67 ? 151 THR A C   1 
ATOM   1026 O O   . THR A 1 128 ? -3.799  1.215   11.336  1.00 11.36 ? 151 THR A O   1 
ATOM   1027 C CB  . THR A 1 128 ? -4.785  1.528   14.171  1.00 10.69 ? 151 THR A CB  1 
ATOM   1028 O OG1 . THR A 1 128 ? -4.594  1.635   15.598  1.00 12.91 ? 151 THR A OG1 1 
ATOM   1029 C CG2 . THR A 1 128 ? -6.248  1.183   13.881  1.00 10.94 ? 151 THR A CG2 1 
ATOM   1030 N N   A ILE A 1 129 ? -4.413  -0.928  11.680  0.50 10.83 ? 152 ILE A N   1 
ATOM   1031 N N   B ILE A 1 129 ? -4.414  -0.927  11.677  0.50 10.72 ? 152 ILE A N   1 
ATOM   1032 C CA  A ILE A 1 129 ? -4.893  -1.172  10.324  0.50 10.29 ? 152 ILE A CA  1 
ATOM   1033 C CA  B ILE A 1 129 ? -4.908  -1.155  10.320  0.50 10.08 ? 152 ILE A CA  1 
ATOM   1034 C C   A ILE A 1 129 ? -6.327  -0.667  10.207  0.50 9.78  ? 152 ILE A C   1 
ATOM   1035 C C   B ILE A 1 129 ? -6.330  -0.647  10.221  0.50 9.68  ? 152 ILE A C   1 
ATOM   1036 O O   A ILE A 1 129 ? -7.200  -1.103  10.975  0.50 9.82  ? 152 ILE A O   1 
ATOM   1037 O O   B ILE A 1 129 ? -7.199  -1.064  11.005  0.50 9.73  ? 152 ILE A O   1 
ATOM   1038 C CB  A ILE A 1 129 ? -4.841  -2.674  9.977   0.50 10.18 ? 152 ILE A CB  1 
ATOM   1039 C CB  B ILE A 1 129 ? -4.896  -2.641  9.957   0.50 9.82  ? 152 ILE A CB  1 
ATOM   1040 C CG1 A ILE A 1 129 ? -3.447  -3.241  10.301  0.50 12.17 ? 152 ILE A CG1 1 
ATOM   1041 C CG1 B ILE A 1 129 ? -3.477  -3.183  10.067  0.50 11.53 ? 152 ILE A CG1 1 
ATOM   1042 C CG2 A ILE A 1 129 ? -5.243  -2.903  8.516   0.50 10.38 ? 152 ILE A CG2 1 
ATOM   1043 C CG2 B ILE A 1 129 ? -5.452  -2.861  8.545   0.50 10.05 ? 152 ILE A CG2 1 
ATOM   1044 C CD1 A ILE A 1 129 ? -2.293  -2.389  9.773   0.50 12.93 ? 152 ILE A CD1 1 
ATOM   1045 C CD1 B ILE A 1 129 ? -3.430  -4.638  9.936   0.50 9.84  ? 152 ILE A CD1 1 
ATOM   1046 N N   . VAL A 1 130 ? -6.555  0.277   9.288   1.00 8.98  ? 153 VAL A N   1 
ATOM   1047 C CA  . VAL A 1 130 ? -7.875  0.840   9.064   1.00 8.32  ? 153 VAL A CA  1 
ATOM   1048 C C   . VAL A 1 130 ? -8.395  0.432   7.675   1.00 8.48  ? 153 VAL A C   1 
ATOM   1049 O O   . VAL A 1 130 ? -7.789  0.765   6.646   1.00 7.56  ? 153 VAL A O   1 
ATOM   1050 C CB  . VAL A 1 130 ? -7.871  2.384   9.214   1.00 7.33  ? 153 VAL A CB  1 
ATOM   1051 C CG1 . VAL A 1 130 ? -9.323  2.910   9.148   1.00 8.17  ? 153 VAL A CG1 1 
ATOM   1052 C CG2 . VAL A 1 130 ? -7.210  2.821   10.533  1.00 8.62  ? 153 VAL A CG2 1 
ATOM   1053 N N   . ASN A 1 131 ? -9.514  -0.288  7.646   1.00 7.69  ? 154 ASN A N   1 
ATOM   1054 C CA  . ASN A 1 131 ? -10.113 -0.686  6.371   1.00 8.07  ? 154 ASN A CA  1 
ATOM   1055 C C   . ASN A 1 131 ? -11.080 0.377   5.912   1.00 8.65  ? 154 ASN A C   1 
ATOM   1056 O O   . ASN A 1 131 ? -11.520 1.230   6.718   1.00 8.49  ? 154 ASN A O   1 
ATOM   1057 C CB  . ASN A 1 131 ? -10.820 -2.018  6.567   1.00 9.45  ? 154 ASN A CB  1 
ATOM   1058 C CG  . ASN A 1 131 ? -9.832  -3.149  6.803   1.00 9.31  ? 154 ASN A CG  1 
ATOM   1059 O OD1 . ASN A 1 131 ? -9.259  -3.680  5.852   1.00 7.94  ? 154 ASN A OD1 1 
ATOM   1060 N ND2 . ASN A 1 131 ? -9.621  -3.520  8.058   1.00 8.53  ? 154 ASN A ND2 1 
ATOM   1061 N N   . ARG A 1 132 ? -11.389 0.379   4.624   1.00 7.37  ? 155 ARG A N   1 
ATOM   1062 C CA  . ARG A 1 132 ? -12.261 1.419   4.071   1.00 8.48  ? 155 ARG A CA  1 
ATOM   1063 C C   . ARG A 1 132 ? -13.677 1.377   4.672   1.00 8.23  ? 155 ARG A C   1 
ATOM   1064 O O   . ARG A 1 132 ? -14.323 2.421   4.813   1.00 8.83  ? 155 ARG A O   1 
ATOM   1065 C CB  . ARG A 1 132 ? -12.258 1.370   2.517   1.00 8.89  ? 155 ARG A CB  1 
ATOM   1066 C CG  . ARG A 1 132 ? -13.074 2.465   1.839   1.00 8.29  ? 155 ARG A CG  1 
ATOM   1067 C CD  . ARG A 1 132 ? -12.567 3.887   2.077   1.00 11.41 ? 155 ARG A CD  1 
ATOM   1068 N NE  . ARG A 1 132 ? -12.973 4.405   3.390   1.00 8.78  ? 155 ARG A NE  1 
ATOM   1069 C CZ  . ARG A 1 132 ? -12.870 5.685   3.738   1.00 10.74 ? 155 ARG A CZ  1 
ATOM   1070 N NH1 . ARG A 1 132 ? -13.223 6.089   4.951   1.00 9.80  ? 155 ARG A NH1 1 
ATOM   1071 N NH2 . ARG A 1 132 ? -12.425 6.573   2.853   1.00 10.63 ? 155 ARG A NH2 1 
ATOM   1072 N N   . ASP A 1 133 ? -14.138 0.194   5.087   1.00 7.50  ? 156 ASP A N   1 
ATOM   1073 C CA  . ASP A 1 133 ? -15.441 0.114   5.767   1.00 7.98  ? 156 ASP A CA  1 
ATOM   1074 C C   . ASP A 1 133 ? -15.383 0.463   7.255   1.00 8.46  ? 156 ASP A C   1 
ATOM   1075 O O   . ASP A 1 133 ? -16.399 0.325   7.985   1.00 8.60  ? 156 ASP A O   1 
ATOM   1076 C CB  . ASP A 1 133 ? -16.057 -1.282  5.587   1.00 7.99  ? 156 ASP A CB  1 
ATOM   1077 C CG  . ASP A 1 133 ? -15.306 -2.370  6.344   1.00 8.88  ? 156 ASP A CG  1 
ATOM   1078 O OD1 . ASP A 1 133 ? -14.354 -2.069  7.051   1.00 10.69 ? 156 ASP A OD1 1 
ATOM   1079 O OD2 . ASP A 1 133 ? -15.715 -3.563  6.200   1.00 10.01 ? 156 ASP A OD2 1 
ATOM   1080 N N   . GLY A 1 134 ? -14.207 0.892   7.703   1.00 8.19  ? 157 GLY A N   1 
ATOM   1081 C CA  . GLY A 1 134 ? -14.024 1.394   9.069   1.00 8.23  ? 157 GLY A CA  1 
ATOM   1082 C C   . GLY A 1 134 ? -13.559 0.334   10.062  1.00 8.14  ? 157 GLY A C   1 
ATOM   1083 O O   . GLY A 1 134 ? -13.181 0.671   11.191  1.00 8.49  ? 157 GLY A O   1 
ATOM   1084 N N   A THR A 1 135 ? -13.561 -0.939  9.648   0.50 8.08  ? 158 THR A N   1 
ATOM   1085 N N   B THR A 1 135 ? -13.572 -0.935  9.681   0.50 8.37  ? 158 THR A N   1 
ATOM   1086 C CA  A THR A 1 135 ? -13.068 -2.029  10.512  0.50 8.82  ? 158 THR A CA  1 
ATOM   1087 C CA  B THR A 1 135 ? -13.138 -1.948  10.639  0.50 9.12  ? 158 THR A CA  1 
ATOM   1088 C C   A THR A 1 135 ? -11.623 -1.754  10.922  0.50 8.67  ? 158 THR A C   1 
ATOM   1089 C C   B THR A 1 135 ? -11.657 -1.781  10.934  0.50 8.91  ? 158 THR A C   1 
ATOM   1090 O O   A THR A 1 135 ? -10.803 -1.405  10.072  0.50 8.57  ? 158 THR A O   1 
ATOM   1091 O O   B THR A 1 135 ? -10.856 -1.552  10.028  0.50 8.72  ? 158 THR A O   1 
ATOM   1092 C CB  A THR A 1 135 ? -13.153 -3.415  9.802   0.50 8.04  ? 158 THR A CB  1 
ATOM   1093 C CB  B THR A 1 135 ? -13.421 -3.343  10.127  0.50 9.17  ? 158 THR A CB  1 
ATOM   1094 O OG1 A THR A 1 135 ? -14.487 -3.630  9.290   0.50 9.03  ? 158 THR A OG1 1 
ATOM   1095 O OG1 B THR A 1 135 ? -12.797 -3.506  8.859   0.50 9.18  ? 158 THR A OG1 1 
ATOM   1096 C CG2 A THR A 1 135 ? -12.771 -4.563  10.786  0.50 9.17  ? 158 THR A CG2 1 
ATOM   1097 C CG2 B THR A 1 135 ? -14.916 -3.537  9.952   0.50 9.68  ? 158 THR A CG2 1 
ATOM   1098 N N   . ARG A 1 136 ? -11.307 -1.903  12.209  1.00 8.52  ? 159 ARG A N   1 
ATOM   1099 C CA  . ARG A 1 136 ? -9.949  -1.669  12.685  1.00 9.79  ? 159 ARG A CA  1 
ATOM   1100 C C   . ARG A 1 136 ? -9.366  -2.852  13.397  1.00 11.46 ? 159 ARG A C   1 
ATOM   1101 O O   . ARG A 1 136 ? -10.078 -3.591  14.083  1.00 12.60 ? 159 ARG A O   1 
ATOM   1102 C CB  . ARG A 1 136 ? -9.881  -0.470  13.637  1.00 10.18 ? 159 ARG A CB  1 
ATOM   1103 C CG  . ARG A 1 136 ? -10.058 0.836   12.887  1.00 11.66 ? 159 ARG A CG  1 
ATOM   1104 C CD  . ARG A 1 136 ? -9.989  2.075   13.847  1.00 11.97 ? 159 ARG A CD  1 
ATOM   1105 N NE  . ARG A 1 136 ? -10.256 3.259   13.058  1.00 12.23 ? 159 ARG A NE  1 
ATOM   1106 C CZ  . ARG A 1 136 ? -9.496  4.327   12.961  1.00 16.24 ? 159 ARG A CZ  1 
ATOM   1107 N NH1 . ARG A 1 136 ? -8.333  4.440   13.655  1.00 19.08 ? 159 ARG A NH1 1 
ATOM   1108 N NH2 . ARG A 1 136 ? -9.946  5.315   12.160  1.00 18.41 ? 159 ARG A NH2 1 
ATOM   1109 N N   . TYR A 1 137 ? -8.050  -2.990  13.231  1.00 11.73 ? 160 TYR A N   1 
ATOM   1110 C CA  . TYR A 1 137 ? -7.252  -3.959  13.969  1.00 14.09 ? 160 TYR A CA  1 
ATOM   1111 C C   . TYR A 1 137 ? -6.001  -3.243  14.473  1.00 14.02 ? 160 TYR A C   1 
ATOM   1112 O O   . TYR A 1 137 ? -5.257  -2.641  13.686  1.00 15.07 ? 160 TYR A O   1 
ATOM   1113 C CB  . TYR A 1 137 ? -6.883  -5.157  13.084  1.00 13.77 ? 160 TYR A CB  1 
ATOM   1114 C CG  . TYR A 1 137 ? -5.799  -6.006  13.681  1.00 19.20 ? 160 TYR A CG  1 
ATOM   1115 C CD1 . TYR A 1 137 ? -6.111  -6.992  14.624  1.00 23.56 ? 160 TYR A CD1 1 
ATOM   1116 C CD2 . TYR A 1 137 ? -4.446  -5.790  13.358  1.00 21.21 ? 160 TYR A CD2 1 
ATOM   1117 C CE1 . TYR A 1 137 ? -5.107  -7.774  15.213  1.00 23.16 ? 160 TYR A CE1 1 
ATOM   1118 C CE2 . TYR A 1 137 ? -3.431  -6.556  13.950  1.00 23.06 ? 160 TYR A CE2 1 
ATOM   1119 C CZ  . TYR A 1 137 ? -3.770  -7.551  14.872  1.00 23.66 ? 160 TYR A CZ  1 
ATOM   1120 O OH  . TYR A 1 137 ? -2.782  -8.319  15.466  1.00 26.46 ? 160 TYR A OH  1 
ATOM   1121 N N   . SER A 1 138 ? -5.746  -3.331  15.777  1.00 14.24 ? 161 SER A N   1 
ATOM   1122 C CA  . SER A 1 138 ? -4.585  -2.686  16.343  1.00 14.11 ? 161 SER A CA  1 
ATOM   1123 C C   . SER A 1 138 ? -3.610  -3.683  17.008  1.00 14.66 ? 161 SER A C   1 
ATOM   1124 O O   . SER A 1 138 ? -4.016  -4.744  17.502  1.00 15.21 ? 161 SER A O   1 
ATOM   1125 C CB  . SER A 1 138 ? -5.024  -1.656  17.377  1.00 14.52 ? 161 SER A CB  1 
ATOM   1126 O OG  . SER A 1 138 ? -5.590  -0.511  16.755  1.00 19.63 ? 161 SER A OG  1 
ATOM   1127 N N   . LYS A 1 139 ? -2.333  -3.319  16.992  1.00 14.26 ? 162 LYS A N   1 
ATOM   1128 C CA  . LYS A 1 139 ? -1.303  -4.066  17.710  1.00 14.94 ? 162 LYS A CA  1 
ATOM   1129 C C   . LYS A 1 139 ? -0.151  -3.142  18.078  1.00 15.31 ? 162 LYS A C   1 
ATOM   1130 O O   . LYS A 1 139 ? 0.063   -2.085  17.443  1.00 16.26 ? 162 LYS A O   1 
ATOM   1131 C CB  . LYS A 1 139 ? -0.823  -5.287  16.910  1.00 14.78 ? 162 LYS A CB  1 
ATOM   1132 C CG  . LYS A 1 139 ? 0.041   -4.968  15.677  1.00 15.75 ? 162 LYS A CG  1 
ATOM   1133 C CD  . LYS A 1 139 ? 0.310   -6.227  14.830  1.00 18.44 ? 162 LYS A CD  1 
ATOM   1134 C CE  . LYS A 1 139 ? 1.147   -7.321  15.504  1.00 18.69 ? 162 LYS A CE  1 
ATOM   1135 N NZ  . LYS A 1 139 ? 1.423   -8.464  14.547  1.00 20.41 ? 162 LYS A NZ  1 
ATOM   1136 N N   . LYS A 1 140 ? 0.544   -3.496  19.148  1.00 14.45 ? 163 LYS A N   1 
ATOM   1137 C CA  . LYS A 1 140 ? 1.761   -2.802  19.547  1.00 13.51 ? 163 LYS A CA  1 
ATOM   1138 C C   . LYS A 1 140 ? 2.932   -3.434  18.830  1.00 12.32 ? 163 LYS A C   1 
ATOM   1139 O O   . LYS A 1 140 ? 3.102   -4.659  18.856  1.00 12.68 ? 163 LYS A O   1 
ATOM   1140 C CB  . LYS A 1 140 ? 1.982   -2.911  21.067  1.00 14.53 ? 163 LYS A CB  1 
ATOM   1141 C CG  . LYS A 1 140 ? 2.985   -1.945  21.613  1.00 17.67 ? 163 LYS A CG  1 
ATOM   1142 C CD  . LYS A 1 140 ? 3.293   -2.191  23.103  1.00 19.74 ? 163 LYS A CD  1 
ATOM   1143 C CE  . LYS A 1 140 ? 3.975   -3.571  23.340  1.00 21.63 ? 163 LYS A CE  1 
ATOM   1144 N NZ  . LYS A 1 140 ? 5.444   -3.646  22.994  1.00 20.27 ? 163 LYS A NZ  1 
ATOM   1145 N N   . GLY A 1 141 ? 3.733   -2.611  18.166  1.00 11.45 ? 164 GLY A N   1 
ATOM   1146 C CA  . GLY A 1 141 ? 4.905   -3.130  17.502  1.00 11.07 ? 164 GLY A CA  1 
ATOM   1147 C C   . GLY A 1 141 ? 5.686   -2.087  16.736  1.00 11.34 ? 164 GLY A C   1 
ATOM   1148 O O   . GLY A 1 141 ? 5.629   -0.879  17.041  1.00 11.09 ? 164 GLY A O   1 
ATOM   1149 N N   . GLU A 1 142 ? 6.432   -2.563  15.741  1.00 10.96 ? 165 GLU A N   1 
ATOM   1150 C CA  . GLU A 1 142 ? 7.204   -1.692  14.841  1.00 11.08 ? 165 GLU A CA  1 
ATOM   1151 C C   . GLU A 1 142 ? 7.363   -2.407  13.498  1.00 11.08 ? 165 GLU A C   1 
ATOM   1152 O O   . GLU A 1 142 ? 7.264   -3.636  13.435  1.00 10.99 ? 165 GLU A O   1 
ATOM   1153 C CB  . GLU A 1 142 ? 8.559   -1.327  15.475  1.00 11.67 ? 165 GLU A CB  1 
ATOM   1154 C CG  . GLU A 1 142 ? 9.455   -0.385  14.629  1.00 11.47 ? 165 GLU A CG  1 
ATOM   1155 C CD  . GLU A 1 142 ? 8.753   0.932   14.291  1.00 12.40 ? 165 GLU A CD  1 
ATOM   1156 O OE1 . GLU A 1 142 ? 8.820   1.880   15.117  1.00 12.72 ? 165 GLU A OE1 1 
ATOM   1157 O OE2 . GLU A 1 142 ? 8.161   1.022   13.195  1.00 12.88 ? 165 GLU A OE2 1 
ATOM   1158 N N   . TYR A 1 143 ? 7.563   -1.639  12.423  1.00 10.99 ? 166 TYR A N   1 
ATOM   1159 C CA  . TYR A 1 143 ? 7.862   -2.219  11.107  1.00 10.76 ? 166 TYR A CA  1 
ATOM   1160 C C   . TYR A 1 143 ? 9.045   -1.516  10.456  1.00 11.37 ? 166 TYR A C   1 
ATOM   1161 O O   . TYR A 1 143 ? 9.634   -2.051  9.517   1.00 11.22 ? 166 TYR A O   1 
ATOM   1162 C CB  . TYR A 1 143 ? 6.628   -2.193  10.159  1.00 10.58 ? 166 TYR A CB  1 
ATOM   1163 C CG  . TYR A 1 143 ? 6.132   -0.801  9.809   1.00 10.66 ? 166 TYR A CG  1 
ATOM   1164 C CD1 . TYR A 1 143 ? 6.601   -0.109  8.676   1.00 11.64 ? 166 TYR A CD1 1 
ATOM   1165 C CD2 . TYR A 1 143 ? 5.186   -0.171  10.617  1.00 9.83  ? 166 TYR A CD2 1 
ATOM   1166 C CE1 . TYR A 1 143 ? 6.134   1.179   8.375   1.00 9.36  ? 166 TYR A CE1 1 
ATOM   1167 C CE2 . TYR A 1 143 ? 4.739   1.120   10.327  1.00 13.72 ? 166 TYR A CE2 1 
ATOM   1168 C CZ  . TYR A 1 143 ? 5.212   1.778   9.223   1.00 11.35 ? 166 TYR A CZ  1 
ATOM   1169 O OH  . TYR A 1 143 ? 4.745   3.055   8.988   1.00 14.66 ? 166 TYR A OH  1 
ATOM   1170 N N   . ARG A 1 144 ? 9.397   -0.328  10.952  1.00 12.02 ? 167 ARG A N   1 
ATOM   1171 C CA  . ARG A 1 144 ? 10.463  0.491   10.331  1.00 13.35 ? 167 ARG A CA  1 
ATOM   1172 C C   . ARG A 1 144 ? 11.822  0.031   10.811  1.00 14.41 ? 167 ARG A C   1 
ATOM   1173 O O   . ARG A 1 144 ? 12.103  0.048   12.033  1.00 15.45 ? 167 ARG A O   1 
ATOM   1174 C CB  . ARG A 1 144 ? 10.237  1.988   10.640  1.00 12.68 ? 167 ARG A CB  1 
ATOM   1175 C CG  . ARG A 1 144 ? 8.921   2.505   10.106  1.00 11.78 ? 167 ARG A CG  1 
ATOM   1176 C CD  . ARG A 1 144 ? 8.465   3.807   10.723  1.00 14.50 ? 167 ARG A CD  1 
ATOM   1177 N NE  . ARG A 1 144 ? 8.247   3.653   12.165  1.00 13.33 ? 167 ARG A NE  1 
ATOM   1178 C CZ  . ARG A 1 144 ? 7.940   4.646   12.994  1.00 16.95 ? 167 ARG A CZ  1 
ATOM   1179 N NH1 . ARG A 1 144 ? 7.758   5.879   12.521  1.00 15.55 ? 167 ARG A NH1 1 
ATOM   1180 N NH2 . ARG A 1 144 ? 7.783   4.407   14.291  1.00 17.14 ? 167 ARG A NH2 1 
ATOM   1181 N N   . THR A 1 145 ? 12.659  -0.396  9.863   1.00 14.80 ? 168 THR A N   1 
ATOM   1182 C CA  . THR A 1 145 ? 13.987  -0.908  10.207  1.00 15.98 ? 168 THR A CA  1 
ATOM   1183 C C   . THR A 1 145 ? 15.055  0.166   10.031  1.00 17.25 ? 168 THR A C   1 
ATOM   1184 O O   . THR A 1 145 ? 16.188  -0.009  10.487  1.00 18.07 ? 168 THR A O   1 
ATOM   1185 C CB  . THR A 1 145 ? 14.382  -2.183  9.404   1.00 15.44 ? 168 THR A CB  1 
ATOM   1186 O OG1 . THR A 1 145 ? 14.690  -1.837  8.043   1.00 15.64 ? 168 THR A OG1 1 
ATOM   1187 C CG2 . THR A 1 145 ? 13.269  -3.246  9.448   1.00 16.31 ? 168 THR A CG2 1 
ATOM   1188 N N   . HIS A 1 146 ? 14.694  1.277   9.392   1.00 17.85 ? 169 HIS A N   1 
ATOM   1189 C CA  . HIS A 1 146 ? 15.636  2.386   9.127   1.00 19.17 ? 169 HIS A CA  1 
ATOM   1190 C C   . HIS A 1 146 ? 15.391  3.561   10.070  1.00 20.13 ? 169 HIS A C   1 
ATOM   1191 O O   . HIS A 1 146 ? 14.299  4.139   10.100  1.00 19.66 ? 169 HIS A O   1 
ATOM   1192 C CB  . HIS A 1 146 ? 15.512  2.827   7.666   1.00 18.81 ? 169 HIS A CB  1 
ATOM   1193 C CG  . HIS A 1 146 ? 15.862  1.752   6.687   1.00 19.90 ? 169 HIS A CG  1 
ATOM   1194 N ND1 . HIS A 1 146 ? 17.145  1.572   6.218   1.00 23.43 ? 169 HIS A ND1 1 
ATOM   1195 C CD2 . HIS A 1 146 ? 15.106  0.793   6.097   1.00 20.42 ? 169 HIS A CD2 1 
ATOM   1196 C CE1 . HIS A 1 146 ? 17.164  0.551   5.377   1.00 23.91 ? 169 HIS A CE1 1 
ATOM   1197 N NE2 . HIS A 1 146 ? 15.941  0.060   5.287   1.00 22.15 ? 169 HIS A NE2 1 
ATOM   1198 N N   . GLN A 1 147 ? 16.396  3.916   10.876  1.00 21.69 ? 170 GLN A N   1 
ATOM   1199 C CA  . GLN A 1 147 ? 16.205  5.006   11.849  1.00 22.91 ? 170 GLN A CA  1 
ATOM   1200 C C   . GLN A 1 147 ? 15.721  6.318   11.213  1.00 23.69 ? 170 GLN A C   1 
ATOM   1201 O O   . GLN A 1 147 ? 14.922  7.045   11.818  1.00 23.77 ? 170 GLN A O   1 
ATOM   1202 C CB  . GLN A 1 147 ? 17.472  5.229   12.694  1.00 24.51 ? 170 GLN A CB  1 
ATOM   1203 C CG  . GLN A 1 147 ? 17.256  6.131   13.913  1.00 25.69 ? 170 GLN A CG  1 
ATOM   1204 C CD  . GLN A 1 147 ? 16.202  5.592   14.888  1.00 29.66 ? 170 GLN A CD  1 
ATOM   1205 O OE1 . GLN A 1 147 ? 16.171  4.397   15.206  1.00 30.63 ? 170 GLN A OE1 1 
ATOM   1206 N NE2 . GLN A 1 147 ? 15.329  6.483   15.364  1.00 29.77 ? 170 GLN A NE2 1 
ATOM   1207 N N   . GLU A 1 148 ? 16.190  6.613   9.997   1.00 24.14 ? 171 GLU A N   1 
ATOM   1208 C CA  . GLU A 1 148 ? 15.786  7.840   9.285   1.00 24.85 ? 171 GLU A CA  1 
ATOM   1209 C C   . GLU A 1 148 ? 14.270  7.909   9.084   1.00 23.67 ? 171 GLU A C   1 
ATOM   1210 O O   . GLU A 1 148 ? 13.699  8.995   9.000   1.00 24.09 ? 171 GLU A O   1 
ATOM   1211 C CB  . GLU A 1 148 ? 16.503  7.978   7.940   1.00 25.71 ? 171 GLU A CB  1 
ATOM   1212 C CG  . GLU A 1 148 ? 17.933  7.437   7.952   1.00 30.02 ? 171 GLU A CG  1 
ATOM   1213 C CD  . GLU A 1 148 ? 17.969  5.924   7.753   1.00 33.35 ? 171 GLU A CD  1 
ATOM   1214 O OE1 . GLU A 1 148 ? 18.497  5.212   8.631   1.00 35.37 ? 171 GLU A OE1 1 
ATOM   1215 O OE2 . GLU A 1 148 ? 17.457  5.454   6.710   1.00 37.18 ? 171 GLU A OE2 1 
ATOM   1216 N N   . ASP A 1 149 ? 13.619  6.754   9.044   1.00 22.26 ? 172 ASP A N   1 
ATOM   1217 C CA  . ASP A 1 149 ? 12.167  6.717   8.859   1.00 20.81 ? 172 ASP A CA  1 
ATOM   1218 C C   . ASP A 1 149 ? 11.338  6.911   10.133  1.00 21.28 ? 172 ASP A C   1 
ATOM   1219 O O   . ASP A 1 149 ? 10.111  7.093   10.051  1.00 22.53 ? 172 ASP A O   1 
ATOM   1220 C CB  . ASP A 1 149 ? 11.750  5.420   8.150   1.00 19.22 ? 172 ASP A CB  1 
ATOM   1221 C CG  . ASP A 1 149 ? 12.291  5.328   6.744   1.00 17.44 ? 172 ASP A CG  1 
ATOM   1222 O OD1 . ASP A 1 149 ? 12.354  6.377   6.064   1.00 16.29 ? 172 ASP A OD1 1 
ATOM   1223 O OD2 . ASP A 1 149 ? 12.610  4.204   6.293   1.00 13.71 ? 172 ASP A OD2 1 
ATOM   1224 N N   A ILE A 1 150 ? 11.990  6.886   11.293  0.50 21.24 ? 173 ILE A N   1 
ATOM   1225 N N   B ILE A 1 150 ? 12.007  6.864   11.286  0.50 21.35 ? 173 ILE A N   1 
ATOM   1226 C CA  A ILE A 1 150 ? 11.286  7.001   12.575  0.50 21.04 ? 173 ILE A CA  1 
ATOM   1227 C CA  B ILE A 1 150 ? 11.348  6.952   12.595  0.50 21.27 ? 173 ILE A CA  1 
ATOM   1228 C C   A ILE A 1 150 ? 11.299  8.417   13.167  0.50 21.24 ? 173 ILE A C   1 
ATOM   1229 C C   B ILE A 1 150 ? 11.498  8.326   13.257  0.50 21.56 ? 173 ILE A C   1 
ATOM   1230 O O   A ILE A 1 150 ? 10.263  9.087   13.241  0.50 20.89 ? 173 ILE A O   1 
ATOM   1231 O O   B ILE A 1 150 ? 12.477  9.042   13.025  0.50 21.37 ? 173 ILE A O   1 
ATOM   1232 C CB  A ILE A 1 150 ? 11.850  6.005   13.593  0.50 21.19 ? 173 ILE A CB  1 
ATOM   1233 C CB  B ILE A 1 150 ? 11.886  5.877   13.553  0.50 21.34 ? 173 ILE A CB  1 
ATOM   1234 C CG1 A ILE A 1 150 ? 11.665  4.579   13.072  0.50 20.30 ? 173 ILE A CG1 1 
ATOM   1235 C CG1 B ILE A 1 150 ? 11.879  4.512   12.869  0.50 20.57 ? 173 ILE A CG1 1 
ATOM   1236 C CG2 A ILE A 1 150 ? 11.189  6.209   14.954  0.50 21.33 ? 173 ILE A CG2 1 
ATOM   1237 C CG2 B ILE A 1 150 ? 11.083  5.866   14.855  0.50 21.76 ? 173 ILE A CG2 1 
ATOM   1238 C CD1 A ILE A 1 150 ? 12.323  3.524   13.909  0.50 19.26 ? 173 ILE A CD1 1 
ATOM   1239 C CD1 B ILE A 1 150 ? 12.295  3.382   13.764  0.50 19.34 ? 173 ILE A CD1 1 
HETATM 1240 C CAH . 2L2 B 2 .   ? -8.975  7.748   2.387   1.00 10.97 ? 201 2L2 A CAH 1 
HETATM 1241 C CAG . 2L2 B 2 .   ? -8.962  7.222   3.837   1.00 11.56 ? 201 2L2 A CAG 1 
HETATM 1242 C CAO . 2L2 B 2 .   ? -8.987  5.801   3.871   1.00 11.91 ? 201 2L2 A CAO 1 
HETATM 1243 C CAE . 2L2 B 2 .   ? -9.353  5.175   5.086   1.00 12.58 ? 201 2L2 A CAE 1 
HETATM 1244 C CAC . 2L2 B 2 .   ? -9.416  3.777   5.201   1.00 12.63 ? 201 2L2 A CAC 1 
HETATM 1245 C CAD . 2L2 B 2 .   ? -9.084  2.976   4.084   1.00 9.99  ? 201 2L2 A CAD 1 
HETATM 1246 C CAM . 2L2 B 2 .   ? -8.713  3.590   2.879   1.00 10.03 ? 201 2L2 A CAM 1 
HETATM 1247 N NAB . 2L2 B 2 .   ? -8.409  2.811   1.788   1.00 10.18 ? 201 2L2 A NAB 1 
HETATM 1248 C CAQ . 2L2 B 2 .   ? -8.653  5.001   2.737   1.00 11.47 ? 201 2L2 A CAQ 1 
HETATM 1249 C CAJ . 2L2 B 2 .   ? -8.264  5.603   1.471   1.00 10.97 ? 201 2L2 A CAJ 1 
HETATM 1250 N NAR . 2L2 B 2 .   ? -7.929  7.048   1.601   1.00 11.96 ? 201 2L2 A NAR 1 
HETATM 1251 C CAI . 2L2 B 2 .   ? -7.680  7.673   0.269   1.00 11.93 ? 201 2L2 A CAI 1 
HETATM 1252 C CAP . 2L2 B 2 .   ? -7.189  9.100   0.450   1.00 12.24 ? 201 2L2 A CAP 1 
HETATM 1253 N NAL . 2L2 B 2 .   ? -5.988  9.391   0.925   1.00 12.15 ? 201 2L2 A NAL 1 
HETATM 1254 C CAF . 2L2 B 2 .   ? -5.914  10.734  0.983   1.00 13.24 ? 201 2L2 A CAF 1 
HETATM 1255 N NAK . 2L2 B 2 .   ? -7.064  11.257  0.542   1.00 13.31 ? 201 2L2 A NAK 1 
HETATM 1256 C CAN . 2L2 B 2 .   ? -7.859  10.235  0.204   1.00 13.20 ? 201 2L2 A CAN 1 
HETATM 1257 C CAA . 2L2 B 2 .   ? -9.299  10.373  -0.332  1.00 13.15 ? 201 2L2 A CAA 1 
HETATM 1258 S S   . DMS C 3 .   ? -12.415 -3.449  3.494   1.00 17.44 ? 202 DMS A S   1 
HETATM 1259 O O   . DMS C 3 .   ? -13.153 -1.911  3.636   1.00 12.78 ? 202 DMS A O   1 
HETATM 1260 C C1  . DMS C 3 .   ? -13.693 -4.626  4.003   1.00 13.05 ? 202 DMS A C1  1 
HETATM 1261 C C2  . DMS C 3 .   ? -12.321 -3.577  1.685   1.00 13.62 ? 202 DMS A C2  1 
HETATM 1262 O O1  . MES D 4 .   ? -15.896 11.815  1.301   1.00 31.50 ? 203 MES A O1  1 
HETATM 1263 C C2  . MES D 4 .   ? -15.398 11.038  2.378   1.00 30.04 ? 203 MES A C2  1 
HETATM 1264 C C3  . MES D 4 .   ? -15.185 9.612   1.887   1.00 29.83 ? 203 MES A C3  1 
HETATM 1265 N N4  . MES D 4 .   ? -14.331 9.666   0.691   1.00 31.30 ? 203 MES A N4  1 
HETATM 1266 C C5  . MES D 4 .   ? -14.260 10.821  -0.233  1.00 32.57 ? 203 MES A C5  1 
HETATM 1267 C C6  . MES D 4 .   ? -14.829 12.111  0.386   1.00 31.22 ? 203 MES A C6  1 
HETATM 1268 C C7  . MES D 4 .   ? -13.587 8.437   0.410   1.00 31.45 ? 203 MES A C7  1 
HETATM 1269 C C8  . MES D 4 .   ? -12.393 8.637   -0.528  1.00 31.34 ? 203 MES A C8  1 
HETATM 1270 S S   . MES D 4 .   ? -11.713 7.130   -0.914  1.00 32.20 ? 203 MES A S   1 
HETATM 1271 O O1S . MES D 4 .   ? -10.502 7.287   -1.765  1.00 31.69 ? 203 MES A O1S 1 
HETATM 1272 O O2S . MES D 4 .   ? -11.297 6.474   0.335   1.00 28.82 ? 203 MES A O2S 1 
HETATM 1273 O O3S . MES D 4 .   ? -12.710 6.294   -1.636  1.00 33.27 ? 203 MES A O3S 1 
HETATM 1274 S S   . SO4 E 5 .   ? -8.264  14.714  1.022   1.00 48.94 ? 204 SO4 A S   1 
HETATM 1275 O O1  . SO4 E 5 .   ? -9.038  13.844  1.904   1.00 49.29 ? 204 SO4 A O1  1 
HETATM 1276 O O2  . SO4 E 5 .   ? -7.757  13.936  -0.113  1.00 47.68 ? 204 SO4 A O2  1 
HETATM 1277 O O3  . SO4 E 5 .   ? -9.182  15.761  0.569   1.00 48.42 ? 204 SO4 A O3  1 
HETATM 1278 O O4  . SO4 E 5 .   ? -7.113  15.288  1.718   1.00 47.97 ? 204 SO4 A O4  1 
HETATM 1279 S S   . SO4 F 5 .   ? -2.879  -8.624  2.769   1.00 50.76 ? 205 SO4 A S   1 
HETATM 1280 O O1  . SO4 F 5 .   ? -3.687  -9.451  3.679   1.00 52.17 ? 205 SO4 A O1  1 
HETATM 1281 O O2  . SO4 F 5 .   ? -3.185  -9.021  1.394   1.00 50.90 ? 205 SO4 A O2  1 
HETATM 1282 O O3  . SO4 F 5 .   ? -3.201  -7.217  2.990   1.00 52.63 ? 205 SO4 A O3  1 
HETATM 1283 O O4  . SO4 F 5 .   ? -1.452  -8.823  3.047   1.00 50.06 ? 205 SO4 A O4  1 
HETATM 1284 S S   . SO4 G 5 .   ? 4.173   13.881  -14.400 1.00 51.74 ? 206 SO4 A S   1 
HETATM 1285 O O1  . SO4 G 5 .   ? 3.318   14.311  -13.279 1.00 50.95 ? 206 SO4 A O1  1 
HETATM 1286 O O2  . SO4 G 5 .   ? 4.201   12.414  -14.468 1.00 51.06 ? 206 SO4 A O2  1 
HETATM 1287 O O3  . SO4 G 5 .   ? 3.647   14.438  -15.650 1.00 51.52 ? 206 SO4 A O3  1 
HETATM 1288 O O4  . SO4 G 5 .   ? 5.535   14.375  -14.238 1.00 49.58 ? 206 SO4 A O4  1 
HETATM 1289 O O   . HOH H 6 .   ? 6.744   -9.623  -12.524 1.00 9.99  ? 301 HOH A O   1 
HETATM 1290 O O   . HOH H 6 .   ? 1.134   7.632   3.149   1.00 7.14  ? 302 HOH A O   1 
HETATM 1291 O O   . HOH H 6 .   ? -6.529  -10.300 -4.354  1.00 7.66  ? 303 HOH A O   1 
HETATM 1292 O O   . HOH H 6 .   ? -12.349 3.914   7.311   1.00 9.91  ? 304 HOH A O   1 
HETATM 1293 O O   . HOH H 6 .   ? -5.502  3.276   1.381   1.00 8.02  ? 305 HOH A O   1 
HETATM 1294 O O   . HOH H 6 .   ? -13.487 -0.382  -0.796  1.00 11.85 ? 306 HOH A O   1 
HETATM 1295 O O   . HOH H 6 .   ? -6.483  8.410   7.992   1.00 12.36 ? 307 HOH A O   1 
HETATM 1296 O O   . HOH H 6 .   ? 11.027  9.866   -13.908 1.00 11.97 ? 308 HOH A O   1 
HETATM 1297 O O   . HOH H 6 .   ? -10.189 2.446   -0.439  1.00 13.24 ? 309 HOH A O   1 
HETATM 1298 O O   . HOH H 6 .   ? 4.489   -6.386  16.293  1.00 11.45 ? 310 HOH A O   1 
HETATM 1299 O O   . HOH H 6 .   ? 10.150  2.736   -6.334  1.00 13.51 ? 311 HOH A O   1 
HETATM 1300 O O   . HOH H 6 .   ? 10.573  5.047   -7.696  1.00 9.11  ? 312 HOH A O   1 
HETATM 1301 O O   . HOH H 6 .   ? -10.780 -0.238  -0.954  1.00 12.48 ? 313 HOH A O   1 
HETATM 1302 O O   . HOH H 6 .   ? 9.386   7.758   -14.348 1.00 11.73 ? 314 HOH A O   1 
HETATM 1303 O O   . HOH H 6 .   ? 2.356   6.560   -17.654 1.00 14.10 ? 315 HOH A O   1 
HETATM 1304 O O   . HOH H 6 .   ? 6.691   -8.152  -5.989  1.00 12.94 ? 316 HOH A O   1 
HETATM 1305 O O   . HOH H 6 .   ? 6.268   13.555  -1.781  1.00 11.90 ? 317 HOH A O   1 
HETATM 1306 O O   . HOH H 6 .   ? 12.200  1.866   7.762   1.00 12.04 ? 318 HOH A O   1 
HETATM 1307 O O   . HOH H 6 .   ? 9.074   -4.582  8.444   1.00 12.88 ? 319 HOH A O   1 
HETATM 1308 O O   . HOH H 6 .   ? -7.355  6.640   -3.757  1.00 11.04 ? 320 HOH A O   1 
HETATM 1309 O O   . HOH H 6 .   ? -10.485 -14.039 -6.376  1.00 13.58 ? 321 HOH A O   1 
HETATM 1310 O O   . HOH H 6 .   ? -7.711  9.206   -14.469 1.00 12.14 ? 322 HOH A O   1 
HETATM 1311 O O   . HOH H 6 .   ? 8.187   6.866   -11.236 1.00 10.05 ? 323 HOH A O   1 
HETATM 1312 O O   . HOH H 6 .   ? 2.090   10.311  8.504   1.00 14.77 ? 324 HOH A O   1 
HETATM 1313 O O   . HOH H 6 .   ? 6.435   17.185  -6.817  1.00 11.99 ? 325 HOH A O   1 
HETATM 1314 O O   . HOH H 6 .   ? -4.992  9.042   10.240  1.00 13.81 ? 326 HOH A O   1 
HETATM 1315 O O   . HOH H 6 .   ? -7.045  10.655  3.997   1.00 13.33 ? 327 HOH A O   1 
HETATM 1316 O O   . HOH H 6 .   ? -7.830  6.296   8.973   1.00 15.68 ? 328 HOH A O   1 
HETATM 1317 O O   . HOH H 6 .   ? 9.767   -5.484  -1.710  1.00 14.45 ? 329 HOH A O   1 
HETATM 1318 O O   . HOH H 6 .   ? -1.419  13.717  1.262   1.00 16.66 ? 330 HOH A O   1 
HETATM 1319 O O   . HOH H 6 .   ? -12.579 3.117   12.114  1.00 17.11 ? 331 HOH A O   1 
HETATM 1320 O O   . HOH H 6 .   ? 7.261   -6.155  -14.620 1.00 12.24 ? 332 HOH A O   1 
HETATM 1321 O O   . HOH H 6 .   ? 9.377   2.215   -15.873 1.00 15.81 ? 333 HOH A O   1 
HETATM 1322 O O   . HOH H 6 .   ? 8.806   7.059   -16.962 1.00 13.03 ? 334 HOH A O   1 
HETATM 1323 O O   . HOH H 6 .   ? -6.775  4.692   -1.833  1.00 12.33 ? 335 HOH A O   1 
HETATM 1324 O O   . HOH H 6 .   ? -3.524  -4.265  -17.472 1.00 14.64 ? 336 HOH A O   1 
HETATM 1325 O O   . HOH H 6 .   ? -10.476 -0.371  -7.280  1.00 13.00 ? 337 HOH A O   1 
HETATM 1326 O O   . HOH H 6 .   ? -2.382  13.089  -5.150  1.00 18.27 ? 338 HOH A O   1 
HETATM 1327 O O   . HOH H 6 .   ? -9.223  -2.678  -16.031 1.00 14.82 ? 339 HOH A O   1 
HETATM 1328 O O   . HOH H 6 .   ? 5.873   -7.892  21.055  1.00 13.93 ? 340 HOH A O   1 
HETATM 1329 O O   . HOH H 6 .   ? -10.047 -1.715  3.219   1.00 12.22 ? 341 HOH A O   1 
HETATM 1330 O O   . HOH H 6 .   ? -10.221 -0.732  -3.623  1.00 15.78 ? 342 HOH A O   1 
HETATM 1331 O O   . HOH H 6 .   ? 3.395   -6.346  -17.880 1.00 24.14 ? 343 HOH A O   1 
HETATM 1332 O O   . HOH H 6 .   ? 4.101   8.631   -17.494 1.00 14.92 ? 344 HOH A O   1 
HETATM 1333 O O   . HOH H 6 .   ? -8.534  1.070   -4.558  1.00 15.03 ? 345 HOH A O   1 
HETATM 1334 O O   . HOH H 6 .   ? -4.204  7.448   -20.901 1.00 21.03 ? 346 HOH A O   1 
HETATM 1335 O O   . HOH H 6 .   ? 11.847  7.984   -1.340  1.00 18.08 ? 347 HOH A O   1 
HETATM 1336 O O   . HOH H 6 .   ? 9.416   -5.608  0.966   1.00 18.09 ? 348 HOH A O   1 
HETATM 1337 O O   . HOH H 6 .   ? -6.237  -10.538 0.490   1.00 14.87 ? 349 HOH A O   1 
HETATM 1338 O O   . HOH H 6 .   ? 4.312   -10.889 -12.464 1.00 16.19 ? 350 HOH A O   1 
HETATM 1339 O O   . HOH H 6 .   ? 6.286   -11.683 -3.709  1.00 21.85 ? 351 HOH A O   1 
HETATM 1340 O O   . HOH H 6 .   ? 3.324   4.392   -19.231 1.00 25.90 ? 352 HOH A O   1 
HETATM 1341 O O   . HOH H 6 .   ? 5.359   -5.142  20.366  1.00 15.42 ? 353 HOH A O   1 
HETATM 1342 O O   . HOH H 6 .   ? -14.376 -9.546  -1.945  1.00 15.57 ? 354 HOH A O   1 
HETATM 1343 O O   . HOH H 6 .   ? -1.014  0.119   -17.946 1.00 16.90 ? 355 HOH A O   1 
HETATM 1344 O O   . HOH H 6 .   ? 6.354   7.527   -18.329 1.00 16.71 ? 356 HOH A O   1 
HETATM 1345 O O   . HOH H 6 .   ? 13.650  8.490   0.450   1.00 22.07 ? 357 HOH A O   1 
HETATM 1346 O O   . HOH H 6 .   ? 13.478  12.847  1.564   1.00 18.73 ? 358 HOH A O   1 
HETATM 1347 O O   . HOH H 6 .   ? 4.035   -9.802  14.675  1.00 17.88 ? 359 HOH A O   1 
HETATM 1348 O O   . HOH H 6 .   ? 10.165  2.206   17.349  1.00 22.82 ? 360 HOH A O   1 
HETATM 1349 O O   . HOH H 6 .   ? 8.639   -4.143  -12.615 1.00 21.67 ? 361 HOH A O   1 
HETATM 1350 O O   . HOH H 6 .   ? 8.188   -0.133  -12.601 1.00 16.52 ? 362 HOH A O   1 
HETATM 1351 O O   . HOH H 6 .   ? -3.301  12.790  -9.229  1.00 20.10 ? 363 HOH A O   1 
HETATM 1352 O O   . HOH H 6 .   ? 2.083   8.582   13.286  1.00 16.16 ? 364 HOH A O   1 
HETATM 1353 O O   . HOH H 6 .   ? 10.521  9.037   -18.275 1.00 20.78 ? 365 HOH A O   1 
HETATM 1354 O O   . HOH H 6 .   ? -8.885  3.371   -2.680  1.00 16.12 ? 366 HOH A O   1 
HETATM 1355 O O   . HOH H 6 .   ? 9.656   -6.151  -5.486  1.00 18.13 ? 367 HOH A O   1 
HETATM 1356 O O   . HOH H 6 .   ? 4.547   -12.705 -10.620 1.00 22.80 ? 368 HOH A O   1 
HETATM 1357 O O   . HOH H 6 .   ? 8.697   4.417   -17.462 1.00 17.00 ? 369 HOH A O   1 
HETATM 1358 O O   . HOH H 6 .   ? 6.763   -6.108  23.835  1.00 21.69 ? 370 HOH A O   1 
HETATM 1359 O O   . HOH H 6 .   ? 1.880   2.512   21.989  1.00 23.28 ? 371 HOH A O   1 
HETATM 1360 O O   . HOH H 6 .   ? -9.193  -13.267 1.665   1.00 20.32 ? 372 HOH A O   1 
HETATM 1361 O O   . HOH H 6 .   ? -9.794  -5.809  15.512  1.00 20.57 ? 373 HOH A O   1 
HETATM 1362 O O   . HOH H 6 .   ? -4.166  11.686  11.422  1.00 25.26 ? 374 HOH A O   1 
HETATM 1363 O O   . HOH H 6 .   ? 13.507  -0.435  14.261  1.00 22.91 ? 375 HOH A O   1 
HETATM 1364 O O   . HOH H 6 .   ? -6.014  -14.097 -12.539 1.00 19.16 ? 376 HOH A O   1 
HETATM 1365 O O   . HOH H 6 .   ? -11.769 -9.030  -10.723 1.00 22.88 ? 377 HOH A O   1 
HETATM 1366 O O   . HOH H 6 .   ? 2.398   2.171   -17.736 1.00 20.13 ? 378 HOH A O   1 
HETATM 1367 O O   . HOH H 6 .   ? -4.040  13.788  2.751   1.00 20.08 ? 379 HOH A O   1 
HETATM 1368 O O   . HOH H 6 .   ? 7.112   15.219  -16.648 1.00 24.00 ? 380 HOH A O   1 
HETATM 1369 O O   . HOH H 6 .   ? -6.028  -13.750 -15.672 1.00 24.58 ? 381 HOH A O   1 
HETATM 1370 O O   . HOH H 6 .   ? -9.891  5.346   -4.395  1.00 26.38 ? 382 HOH A O   1 
HETATM 1371 O O   . HOH H 6 .   ? -7.745  5.164   -22.370 1.00 22.18 ? 383 HOH A O   1 
HETATM 1372 O O   . HOH H 6 .   ? -9.636  -4.209  3.062   1.00 26.90 ? 384 HOH A O   1 
HETATM 1373 O O   . HOH H 6 .   ? -12.058 2.052   -6.856  1.00 35.59 ? 385 HOH A O   1 
HETATM 1374 O O   . HOH H 6 .   ? 13.997  5.977   1.469   1.00 24.16 ? 386 HOH A O   1 
HETATM 1375 O O   . HOH H 6 .   ? -13.922 2.111   -2.040  1.00 24.42 ? 387 HOH A O   1 
HETATM 1376 O O   . HOH H 6 .   ? -0.113  7.092   -18.872 1.00 21.29 ? 388 HOH A O   1 
HETATM 1377 O O   . HOH H 6 .   ? -8.084  9.061   -3.019  1.00 25.51 ? 389 HOH A O   1 
HETATM 1378 O O   . HOH H 6 .   ? -2.013  -2.333  -18.676 1.00 19.27 ? 390 HOH A O   1 
HETATM 1379 O O   . HOH H 6 .   ? -14.565 4.739   -0.858  1.00 24.74 ? 391 HOH A O   1 
HETATM 1380 O O   . HOH H 6 .   ? 13.894  -1.152  3.529   1.00 25.42 ? 392 HOH A O   1 
HETATM 1381 O O   . HOH H 6 .   ? -6.107  -3.768  -18.292 1.00 25.79 ? 393 HOH A O   1 
HETATM 1382 O O   . HOH H 6 .   ? -12.185 -5.589  -14.197 1.00 29.85 ? 394 HOH A O   1 
HETATM 1383 O O   . HOH H 6 .   ? -16.848 0.978   -15.387 1.00 26.41 ? 395 HOH A O   1 
HETATM 1384 O O   . HOH H 6 .   ? 3.546   -12.757 -0.187  1.00 26.15 ? 396 HOH A O   1 
HETATM 1385 O O   . HOH H 6 .   ? 11.750  -3.799  -2.663  1.00 24.63 ? 397 HOH A O   1 
HETATM 1386 O O   . HOH H 6 .   ? -4.023  14.907  -11.745 1.00 26.68 ? 398 HOH A O   1 
HETATM 1387 O O   . HOH H 6 .   ? -13.113 -1.373  -10.014 1.00 21.30 ? 399 HOH A O   1 
HETATM 1388 O O   . HOH H 6 .   ? -11.435 -10.241 6.930   1.00 24.08 ? 400 HOH A O   1 
HETATM 1389 O O   . HOH H 6 .   ? -5.238  -12.656 2.171   1.00 25.58 ? 401 HOH A O   1 
HETATM 1390 O O   . HOH H 6 .   ? -6.158  -15.913 -0.119  1.00 22.87 ? 402 HOH A O   1 
HETATM 1391 O O   . HOH H 6 .   ? -8.779  -10.514 4.529   1.00 21.21 ? 403 HOH A O   1 
HETATM 1392 O O   . HOH H 6 .   ? -10.504 6.507   -7.979  1.00 30.64 ? 404 HOH A O   1 
HETATM 1393 O O   . HOH H 6 .   ? 4.012   -11.520 -2.192  1.00 23.44 ? 405 HOH A O   1 
HETATM 1394 O O   . HOH H 6 .   ? -2.975  -13.740 2.650   1.00 30.78 ? 406 HOH A O   1 
HETATM 1395 O O   . HOH H 6 .   ? 6.475   12.685  5.452   1.00 22.84 ? 407 HOH A O   1 
HETATM 1396 O O   . HOH H 6 .   ? -6.414  16.312  -16.299 1.00 32.70 ? 408 HOH A O   1 
HETATM 1397 O O   . HOH H 6 .   ? -6.550  11.568  -3.611  1.00 24.25 ? 409 HOH A O   1 
HETATM 1398 O O   . HOH H 6 .   ? -3.268  12.537  9.017   1.00 21.72 ? 410 HOH A O   1 
HETATM 1399 O O   . HOH H 6 .   ? -1.021  4.875   -18.527 1.00 28.03 ? 411 HOH A O   1 
HETATM 1400 O O   . HOH H 6 .   ? -7.973  3.466   16.408  1.00 28.58 ? 412 HOH A O   1 
HETATM 1401 O O   . HOH H 6 .   ? -0.356  -5.586  20.806  1.00 27.72 ? 413 HOH A O   1 
HETATM 1402 O O   . HOH H 6 .   ? -2.723  -9.019  6.729   1.00 26.58 ? 414 HOH A O   1 
HETATM 1403 O O   . HOH H 6 .   ? -7.299  -10.026 -16.260 1.00 28.11 ? 415 HOH A O   1 
HETATM 1404 O O   . HOH H 6 .   ? 9.445   -8.142  1.584   1.00 29.85 ? 416 HOH A O   1 
# 
